data_3B0F
# 
_entry.id   3B0F 
# 
_audit_conform.dict_name       mmcif_pdbx.dic 
_audit_conform.dict_version    5.388 
_audit_conform.dict_location   http://mmcif.pdb.org/dictionaries/ascii/mmcif_pdbx.dic 
# 
loop_
_database_2.database_id 
_database_2.database_code 
_database_2.pdbx_database_accession 
_database_2.pdbx_DOI 
PDB   3B0F         pdb_00003b0f 10.2210/pdb3b0f/pdb 
RCSB  RCSB029921   ?            ?                   
WWPDB D_1000029921 ?            ?                   
# 
loop_
_pdbx_audit_revision_history.ordinal 
_pdbx_audit_revision_history.data_content_type 
_pdbx_audit_revision_history.major_revision 
_pdbx_audit_revision_history.minor_revision 
_pdbx_audit_revision_history.revision_date 
1 'Structure model' 1 0 2011-06-29 
2 'Structure model' 1 1 2011-07-13 
3 'Structure model' 1 2 2017-10-11 
4 'Structure model' 1 3 2019-11-13 
5 'Structure model' 1 4 2024-03-13 
# 
_pdbx_audit_revision_details.ordinal             1 
_pdbx_audit_revision_details.revision_ordinal    1 
_pdbx_audit_revision_details.data_content_type   'Structure model' 
_pdbx_audit_revision_details.provider            repository 
_pdbx_audit_revision_details.type                'Initial release' 
_pdbx_audit_revision_details.description         ? 
_pdbx_audit_revision_details.details             ? 
# 
loop_
_pdbx_audit_revision_group.ordinal 
_pdbx_audit_revision_group.revision_ordinal 
_pdbx_audit_revision_group.data_content_type 
_pdbx_audit_revision_group.group 
1 2 'Structure model' 'Version format compliance' 
2 3 'Structure model' 'Refinement description'    
3 4 'Structure model' 'Data collection'           
4 4 'Structure model' 'Database references'       
5 5 'Structure model' 'Data collection'           
6 5 'Structure model' 'Database references'       
7 5 'Structure model' 'Derived calculations'      
# 
loop_
_pdbx_audit_revision_category.ordinal 
_pdbx_audit_revision_category.revision_ordinal 
_pdbx_audit_revision_category.data_content_type 
_pdbx_audit_revision_category.category 
1 3 'Structure model' software           
2 4 'Structure model' citation           
3 4 'Structure model' citation_author    
4 4 'Structure model' reflns             
5 4 'Structure model' struct_ref_seq_dif 
6 5 'Structure model' chem_comp_atom     
7 5 'Structure model' chem_comp_bond     
8 5 'Structure model' database_2         
9 5 'Structure model' struct_site        
# 
loop_
_pdbx_audit_revision_item.ordinal 
_pdbx_audit_revision_item.revision_ordinal 
_pdbx_audit_revision_item.data_content_type 
_pdbx_audit_revision_item.item 
1  4 'Structure model' '_citation.country'                   
2  4 'Structure model' '_citation.journal_abbrev'            
3  4 'Structure model' '_citation.journal_id_ASTM'           
4  4 'Structure model' '_citation.journal_id_CSD'            
5  4 'Structure model' '_citation.journal_id_ISSN'           
6  4 'Structure model' '_citation.journal_volume'            
7  4 'Structure model' '_citation.page_first'                
8  4 'Structure model' '_citation.page_last'                 
9  4 'Structure model' '_citation.pdbx_database_id_DOI'      
10 4 'Structure model' '_citation.pdbx_database_id_PubMed'   
11 4 'Structure model' '_citation.title'                     
12 4 'Structure model' '_citation.year'                      
13 4 'Structure model' '_citation_author.name'               
14 4 'Structure model' '_reflns.pdbx_Rmerge_I_obs'           
15 4 'Structure model' '_struct_ref_seq_dif.details'         
16 5 'Structure model' '_database_2.pdbx_DOI'                
17 5 'Structure model' '_database_2.pdbx_database_accession' 
18 5 'Structure model' '_struct_site.pdbx_auth_asym_id'      
19 5 'Structure model' '_struct_site.pdbx_auth_comp_id'      
20 5 'Structure model' '_struct_site.pdbx_auth_seq_id'       
# 
_pdbx_database_status.status_code                     REL 
_pdbx_database_status.entry_id                        3B0F 
_pdbx_database_status.recvd_initial_deposition_date   2011-06-09 
_pdbx_database_status.deposit_site                    PDBJ 
_pdbx_database_status.process_site                    PDBJ 
_pdbx_database_status.status_code_sf                  REL 
_pdbx_database_status.status_code_mr                  ? 
_pdbx_database_status.SG_entry                        ? 
_pdbx_database_status.status_code_cs                  ? 
_pdbx_database_status.pdb_format_compatible           Y 
_pdbx_database_status.methods_development_category    ? 
_pdbx_database_status.status_code_nmr_data            ? 
# 
_pdbx_database_related.db_name        PDB 
_pdbx_database_related.db_id          2RRU 
_pdbx_database_related.details        . 
_pdbx_database_related.content_type   unspecified 
# 
loop_
_audit_author.name 
_audit_author.pdbx_ordinal 
_audit_author.identifier_ORCID 
'Isogai, S.'    1  ? 
'Morimoto, D.'  2  ? 
'Arita, K.'     3  ? 
'Unzai, S.'     4  ? 
'Tenno, T.'     5  ? 
'Hasegawa, J.'  6  ? 
'Sou, Y.'       7  ? 
'Komatsu, M.'   8  ? 
'Tanaka, K.'    9  ? 
'Shirakawa, M.' 10 ? 
'Tochio, H.'    11 ? 
# 
_citation.id                        primary 
_citation.title                     
'Crystal structure of the ubiquitin-associated (UBA) domain of p62 and its interaction with ubiquitin.' 
_citation.journal_abbrev            J.Biol.Chem. 
_citation.journal_volume            286 
_citation.page_first                31864 
_citation.page_last                 31874 
_citation.year                      2011 
_citation.journal_id_ASTM           JBCHA3 
_citation.country                   US 
_citation.journal_id_ISSN           1083-351X 
_citation.journal_id_CSD            0071 
_citation.book_publisher            ? 
_citation.pdbx_database_id_PubMed   21715324 
_citation.pdbx_database_id_DOI      10.1074/jbc.M111.259630 
# 
loop_
_citation_author.citation_id 
_citation_author.name 
_citation_author.ordinal 
_citation_author.identifier_ORCID 
primary 'Isogai, S.'    1  ? 
primary 'Morimoto, D.'  2  ? 
primary 'Arita, K.'     3  ? 
primary 'Unzai, S.'     4  ? 
primary 'Tenno, T.'     5  ? 
primary 'Hasegawa, J.'  6  ? 
primary 'Sou, Y.S.'     7  ? 
primary 'Komatsu, M.'   8  ? 
primary 'Tanaka, K.'    9  ? 
primary 'Shirakawa, M.' 10 ? 
primary 'Tochio, H.'    11 ? 
# 
loop_
_entity.id 
_entity.type 
_entity.src_method 
_entity.pdbx_description 
_entity.formula_weight 
_entity.pdbx_number_of_molecules 
_entity.pdbx_ec 
_entity.pdbx_mutation 
_entity.pdbx_fragment 
_entity.details 
1 polymer     man Sequestosome-1 5817.500 2  ? ? 'UBA domain (UNP RESIDUES 391-438)' ? 
2 non-polymer syn 'SULFATE ION'  96.063   1  ? ? ?                                   ? 
3 water       nat water          18.015   77 ? ? ?                                   ? 
# 
_entity_name_com.entity_id   1 
_entity_name_com.name        'STONE14, Ubiquitin-binding protein p62' 
# 
_entity_poly.entity_id                      1 
_entity_poly.type                           'polypeptide(L)' 
_entity_poly.nstd_linkage                   no 
_entity_poly.nstd_monomer                   no 
_entity_poly.pdbx_seq_one_letter_code       GPLGSEADPRLIESLSQMLSMGFSDEGGWLTRLLQTKNYDIGAALDTIQYSKH 
_entity_poly.pdbx_seq_one_letter_code_can   GPLGSEADPRLIESLSQMLSMGFSDEGGWLTRLLQTKNYDIGAALDTIQYSKH 
_entity_poly.pdbx_strand_id                 A,B 
_entity_poly.pdbx_target_identifier         ? 
# 
loop_
_pdbx_entity_nonpoly.entity_id 
_pdbx_entity_nonpoly.name 
_pdbx_entity_nonpoly.comp_id 
2 'SULFATE ION' SO4 
3 water         HOH 
# 
loop_
_entity_poly_seq.entity_id 
_entity_poly_seq.num 
_entity_poly_seq.mon_id 
_entity_poly_seq.hetero 
1 1  GLY n 
1 2  PRO n 
1 3  LEU n 
1 4  GLY n 
1 5  SER n 
1 6  GLU n 
1 7  ALA n 
1 8  ASP n 
1 9  PRO n 
1 10 ARG n 
1 11 LEU n 
1 12 ILE n 
1 13 GLU n 
1 14 SER n 
1 15 LEU n 
1 16 SER n 
1 17 GLN n 
1 18 MET n 
1 19 LEU n 
1 20 SER n 
1 21 MET n 
1 22 GLY n 
1 23 PHE n 
1 24 SER n 
1 25 ASP n 
1 26 GLU n 
1 27 GLY n 
1 28 GLY n 
1 29 TRP n 
1 30 LEU n 
1 31 THR n 
1 32 ARG n 
1 33 LEU n 
1 34 LEU n 
1 35 GLN n 
1 36 THR n 
1 37 LYS n 
1 38 ASN n 
1 39 TYR n 
1 40 ASP n 
1 41 ILE n 
1 42 GLY n 
1 43 ALA n 
1 44 ALA n 
1 45 LEU n 
1 46 ASP n 
1 47 THR n 
1 48 ILE n 
1 49 GLN n 
1 50 TYR n 
1 51 SER n 
1 52 LYS n 
1 53 HIS n 
# 
_entity_src_gen.entity_id                          1 
_entity_src_gen.pdbx_src_id                        1 
_entity_src_gen.pdbx_alt_source_flag               sample 
_entity_src_gen.pdbx_seq_type                      ? 
_entity_src_gen.pdbx_beg_seq_num                   ? 
_entity_src_gen.pdbx_end_seq_num                   ? 
_entity_src_gen.gene_src_common_name               mouse 
_entity_src_gen.gene_src_genus                     ? 
_entity_src_gen.pdbx_gene_src_gene                 'Sqstm1, A170, STAP' 
_entity_src_gen.gene_src_species                   ? 
_entity_src_gen.gene_src_strain                    ? 
_entity_src_gen.gene_src_tissue                    ? 
_entity_src_gen.gene_src_tissue_fraction           ? 
_entity_src_gen.gene_src_details                   ? 
_entity_src_gen.pdbx_gene_src_fragment             ? 
_entity_src_gen.pdbx_gene_src_scientific_name      'Mus musculus' 
_entity_src_gen.pdbx_gene_src_ncbi_taxonomy_id     10090 
_entity_src_gen.pdbx_gene_src_variant              ? 
_entity_src_gen.pdbx_gene_src_cell_line            ? 
_entity_src_gen.pdbx_gene_src_atcc                 ? 
_entity_src_gen.pdbx_gene_src_organ                ? 
_entity_src_gen.pdbx_gene_src_organelle            ? 
_entity_src_gen.pdbx_gene_src_cell                 ? 
_entity_src_gen.pdbx_gene_src_cellular_location    ? 
_entity_src_gen.host_org_common_name               ? 
_entity_src_gen.pdbx_host_org_scientific_name      'Escherichia coli' 
_entity_src_gen.pdbx_host_org_ncbi_taxonomy_id     562 
_entity_src_gen.host_org_genus                     ? 
_entity_src_gen.pdbx_host_org_gene                 ? 
_entity_src_gen.pdbx_host_org_organ                ? 
_entity_src_gen.host_org_species                   ? 
_entity_src_gen.pdbx_host_org_tissue               ? 
_entity_src_gen.pdbx_host_org_tissue_fraction      ? 
_entity_src_gen.pdbx_host_org_strain               'BL21(DE3)' 
_entity_src_gen.pdbx_host_org_variant              ? 
_entity_src_gen.pdbx_host_org_cell_line            ? 
_entity_src_gen.pdbx_host_org_atcc                 ? 
_entity_src_gen.pdbx_host_org_culture_collection   ? 
_entity_src_gen.pdbx_host_org_cell                 ? 
_entity_src_gen.pdbx_host_org_organelle            ? 
_entity_src_gen.pdbx_host_org_cellular_location    ? 
_entity_src_gen.pdbx_host_org_vector_type          plasmid 
_entity_src_gen.pdbx_host_org_vector               ? 
_entity_src_gen.host_org_details                   ? 
_entity_src_gen.expression_system_id               ? 
_entity_src_gen.plasmid_name                       pGEX-6P1 
_entity_src_gen.plasmid_details                    ? 
_entity_src_gen.pdbx_description                   ? 
# 
loop_
_chem_comp.id 
_chem_comp.type 
_chem_comp.mon_nstd_flag 
_chem_comp.name 
_chem_comp.pdbx_synonyms 
_chem_comp.formula 
_chem_comp.formula_weight 
ALA 'L-peptide linking' y ALANINE         ? 'C3 H7 N O2'     89.093  
ARG 'L-peptide linking' y ARGININE        ? 'C6 H15 N4 O2 1' 175.209 
ASN 'L-peptide linking' y ASPARAGINE      ? 'C4 H8 N2 O3'    132.118 
ASP 'L-peptide linking' y 'ASPARTIC ACID' ? 'C4 H7 N O4'     133.103 
GLN 'L-peptide linking' y GLUTAMINE       ? 'C5 H10 N2 O3'   146.144 
GLU 'L-peptide linking' y 'GLUTAMIC ACID' ? 'C5 H9 N O4'     147.129 
GLY 'peptide linking'   y GLYCINE         ? 'C2 H5 N O2'     75.067  
HIS 'L-peptide linking' y HISTIDINE       ? 'C6 H10 N3 O2 1' 156.162 
HOH non-polymer         . WATER           ? 'H2 O'           18.015  
ILE 'L-peptide linking' y ISOLEUCINE      ? 'C6 H13 N O2'    131.173 
LEU 'L-peptide linking' y LEUCINE         ? 'C6 H13 N O2'    131.173 
LYS 'L-peptide linking' y LYSINE          ? 'C6 H15 N2 O2 1' 147.195 
MET 'L-peptide linking' y METHIONINE      ? 'C5 H11 N O2 S'  149.211 
PHE 'L-peptide linking' y PHENYLALANINE   ? 'C9 H11 N O2'    165.189 
PRO 'L-peptide linking' y PROLINE         ? 'C5 H9 N O2'     115.130 
SER 'L-peptide linking' y SERINE          ? 'C3 H7 N O3'     105.093 
SO4 non-polymer         . 'SULFATE ION'   ? 'O4 S -2'        96.063  
THR 'L-peptide linking' y THREONINE       ? 'C4 H9 N O3'     119.119 
TRP 'L-peptide linking' y TRYPTOPHAN      ? 'C11 H12 N2 O2'  204.225 
TYR 'L-peptide linking' y TYROSINE        ? 'C9 H11 N O3'    181.189 
# 
loop_
_pdbx_poly_seq_scheme.asym_id 
_pdbx_poly_seq_scheme.entity_id 
_pdbx_poly_seq_scheme.seq_id 
_pdbx_poly_seq_scheme.mon_id 
_pdbx_poly_seq_scheme.ndb_seq_num 
_pdbx_poly_seq_scheme.pdb_seq_num 
_pdbx_poly_seq_scheme.auth_seq_num 
_pdbx_poly_seq_scheme.pdb_mon_id 
_pdbx_poly_seq_scheme.auth_mon_id 
_pdbx_poly_seq_scheme.pdb_strand_id 
_pdbx_poly_seq_scheme.pdb_ins_code 
_pdbx_poly_seq_scheme.hetero 
A 1 1  GLY 1  1  ?  ?   ?   A . n 
A 1 2  PRO 2  2  ?  ?   ?   A . n 
A 1 3  LEU 3  3  ?  ?   ?   A . n 
A 1 4  GLY 4  4  ?  ?   ?   A . n 
A 1 5  SER 5  5  ?  ?   ?   A . n 
A 1 6  GLU 6  6  ?  ?   ?   A . n 
A 1 7  ALA 7  7  ?  ?   ?   A . n 
A 1 8  ASP 8  8  8  ASP ASP A . n 
A 1 9  PRO 9  9  9  PRO PRO A . n 
A 1 10 ARG 10 10 10 ARG ARG A . n 
A 1 11 LEU 11 11 11 LEU LEU A . n 
A 1 12 ILE 12 12 12 ILE ILE A . n 
A 1 13 GLU 13 13 13 GLU GLU A . n 
A 1 14 SER 14 14 14 SER SER A . n 
A 1 15 LEU 15 15 15 LEU LEU A . n 
A 1 16 SER 16 16 16 SER SER A . n 
A 1 17 GLN 17 17 17 GLN GLN A . n 
A 1 18 MET 18 18 18 MET MET A . n 
A 1 19 LEU 19 19 19 LEU LEU A . n 
A 1 20 SER 20 20 20 SER SER A . n 
A 1 21 MET 21 21 21 MET MET A . n 
A 1 22 GLY 22 22 22 GLY GLY A . n 
A 1 23 PHE 23 23 23 PHE PHE A . n 
A 1 24 SER 24 24 24 SER SER A . n 
A 1 25 ASP 25 25 25 ASP ASP A . n 
A 1 26 GLU 26 26 26 GLU GLU A . n 
A 1 27 GLY 27 27 27 GLY GLY A . n 
A 1 28 GLY 28 28 28 GLY GLY A . n 
A 1 29 TRP 29 29 29 TRP TRP A . n 
A 1 30 LEU 30 30 30 LEU LEU A . n 
A 1 31 THR 31 31 31 THR THR A . n 
A 1 32 ARG 32 32 32 ARG ARG A . n 
A 1 33 LEU 33 33 33 LEU LEU A . n 
A 1 34 LEU 34 34 34 LEU LEU A . n 
A 1 35 GLN 35 35 35 GLN GLN A . n 
A 1 36 THR 36 36 36 THR THR A . n 
A 1 37 LYS 37 37 37 LYS LYS A . n 
A 1 38 ASN 38 38 38 ASN ASN A . n 
A 1 39 TYR 39 39 39 TYR TYR A . n 
A 1 40 ASP 40 40 40 ASP ASP A . n 
A 1 41 ILE 41 41 41 ILE ILE A . n 
A 1 42 GLY 42 42 42 GLY GLY A . n 
A 1 43 ALA 43 43 43 ALA ALA A . n 
A 1 44 ALA 44 44 44 ALA ALA A . n 
A 1 45 LEU 45 45 45 LEU LEU A . n 
A 1 46 ASP 46 46 46 ASP ASP A . n 
A 1 47 THR 47 47 47 THR THR A . n 
A 1 48 ILE 48 48 48 ILE ILE A . n 
A 1 49 GLN 49 49 49 GLN GLN A . n 
A 1 50 TYR 50 50 50 TYR TYR A . n 
A 1 51 SER 51 51 ?  ?   ?   A . n 
A 1 52 LYS 52 52 ?  ?   ?   A . n 
A 1 53 HIS 53 53 ?  ?   ?   A . n 
B 1 1  GLY 1  1  ?  ?   ?   B . n 
B 1 2  PRO 2  2  ?  ?   ?   B . n 
B 1 3  LEU 3  3  ?  ?   ?   B . n 
B 1 4  GLY 4  4  ?  ?   ?   B . n 
B 1 5  SER 5  5  ?  ?   ?   B . n 
B 1 6  GLU 6  6  ?  ?   ?   B . n 
B 1 7  ALA 7  7  ?  ?   ?   B . n 
B 1 8  ASP 8  8  8  ASP ASP B . n 
B 1 9  PRO 9  9  9  PRO PRO B . n 
B 1 10 ARG 10 10 10 ARG ARG B . n 
B 1 11 LEU 11 11 11 LEU LEU B . n 
B 1 12 ILE 12 12 12 ILE ILE B . n 
B 1 13 GLU 13 13 13 GLU GLU B . n 
B 1 14 SER 14 14 14 SER SER B . n 
B 1 15 LEU 15 15 15 LEU LEU B . n 
B 1 16 SER 16 16 16 SER SER B . n 
B 1 17 GLN 17 17 17 GLN GLN B . n 
B 1 18 MET 18 18 18 MET MET B . n 
B 1 19 LEU 19 19 19 LEU LEU B . n 
B 1 20 SER 20 20 20 SER SER B . n 
B 1 21 MET 21 21 21 MET MET B . n 
B 1 22 GLY 22 22 22 GLY GLY B . n 
B 1 23 PHE 23 23 23 PHE PHE B . n 
B 1 24 SER 24 24 24 SER SER B . n 
B 1 25 ASP 25 25 25 ASP ASP B . n 
B 1 26 GLU 26 26 26 GLU GLU B . n 
B 1 27 GLY 27 27 27 GLY GLY B . n 
B 1 28 GLY 28 28 28 GLY GLY B . n 
B 1 29 TRP 29 29 29 TRP TRP B . n 
B 1 30 LEU 30 30 30 LEU LEU B . n 
B 1 31 THR 31 31 31 THR THR B . n 
B 1 32 ARG 32 32 32 ARG ARG B . n 
B 1 33 LEU 33 33 33 LEU LEU B . n 
B 1 34 LEU 34 34 34 LEU LEU B . n 
B 1 35 GLN 35 35 35 GLN GLN B . n 
B 1 36 THR 36 36 36 THR THR B . n 
B 1 37 LYS 37 37 37 LYS LYS B . n 
B 1 38 ASN 38 38 38 ASN ASN B . n 
B 1 39 TYR 39 39 39 TYR TYR B . n 
B 1 40 ASP 40 40 40 ASP ASP B . n 
B 1 41 ILE 41 41 41 ILE ILE B . n 
B 1 42 GLY 42 42 42 GLY GLY B . n 
B 1 43 ALA 43 43 43 ALA ALA B . n 
B 1 44 ALA 44 44 44 ALA ALA B . n 
B 1 45 LEU 45 45 45 LEU LEU B . n 
B 1 46 ASP 46 46 46 ASP ASP B . n 
B 1 47 THR 47 47 47 THR THR B . n 
B 1 48 ILE 48 48 48 ILE ILE B . n 
B 1 49 GLN 49 49 49 GLN GLN B . n 
B 1 50 TYR 50 50 50 TYR TYR B . n 
B 1 51 SER 51 51 ?  ?   ?   B . n 
B 1 52 LYS 52 52 ?  ?   ?   B . n 
B 1 53 HIS 53 53 ?  ?   ?   B . n 
# 
loop_
_pdbx_nonpoly_scheme.asym_id 
_pdbx_nonpoly_scheme.entity_id 
_pdbx_nonpoly_scheme.mon_id 
_pdbx_nonpoly_scheme.ndb_seq_num 
_pdbx_nonpoly_scheme.pdb_seq_num 
_pdbx_nonpoly_scheme.auth_seq_num 
_pdbx_nonpoly_scheme.pdb_mon_id 
_pdbx_nonpoly_scheme.auth_mon_id 
_pdbx_nonpoly_scheme.pdb_strand_id 
_pdbx_nonpoly_scheme.pdb_ins_code 
C 2 SO4 1  54 1  SO4 SO4 A . 
D 3 HOH 1  55 1  HOH HOH A . 
D 3 HOH 2  56 56 HOH HOH A . 
D 3 HOH 3  57 5  HOH HOH A . 
D 3 HOH 4  58 58 HOH HOH A . 
D 3 HOH 5  59 59 HOH HOH A . 
D 3 HOH 6  60 60 HOH HOH A . 
D 3 HOH 7  61 61 HOH HOH A . 
D 3 HOH 8  62 9  HOH HOH A . 
D 3 HOH 9  63 11 HOH HOH A . 
D 3 HOH 10 64 64 HOH HOH A . 
D 3 HOH 11 65 65 HOH HOH A . 
D 3 HOH 12 66 12 HOH HOH A . 
D 3 HOH 13 67 13 HOH HOH A . 
D 3 HOH 14 68 15 HOH HOH A . 
D 3 HOH 15 69 69 HOH HOH A . 
D 3 HOH 16 70 70 HOH HOH A . 
D 3 HOH 17 71 71 HOH HOH A . 
D 3 HOH 18 72 72 HOH HOH A . 
D 3 HOH 19 73 16 HOH HOH A . 
D 3 HOH 20 74 18 HOH HOH A . 
D 3 HOH 21 75 19 HOH HOH A . 
D 3 HOH 22 76 20 HOH HOH A . 
D 3 HOH 23 77 77 HOH HOH A . 
D 3 HOH 24 78 22 HOH HOH A . 
D 3 HOH 25 79 23 HOH HOH A . 
D 3 HOH 26 80 24 HOH HOH A . 
D 3 HOH 27 81 30 HOH HOH A . 
D 3 HOH 28 82 34 HOH HOH A . 
D 3 HOH 29 83 37 HOH HOH A . 
D 3 HOH 30 84 42 HOH HOH A . 
D 3 HOH 31 85 43 HOH HOH A . 
D 3 HOH 32 86 48 HOH HOH A . 
D 3 HOH 33 87 49 HOH HOH A . 
D 3 HOH 34 88 50 HOH HOH A . 
D 3 HOH 35 89 53 HOH HOH A . 
E 3 HOH 1  54 54 HOH HOH B . 
E 3 HOH 2  55 55 HOH HOH B . 
E 3 HOH 3  56 2  HOH HOH B . 
E 3 HOH 4  57 57 HOH HOH B . 
E 3 HOH 5  58 3  HOH HOH B . 
E 3 HOH 6  59 4  HOH HOH B . 
E 3 HOH 7  60 6  HOH HOH B . 
E 3 HOH 8  61 7  HOH HOH B . 
E 3 HOH 9  62 62 HOH HOH B . 
E 3 HOH 10 63 63 HOH HOH B . 
E 3 HOH 11 64 8  HOH HOH B . 
E 3 HOH 12 65 10 HOH HOH B . 
E 3 HOH 13 66 66 HOH HOH B . 
E 3 HOH 14 67 67 HOH HOH B . 
E 3 HOH 15 68 68 HOH HOH B . 
E 3 HOH 16 69 14 HOH HOH B . 
E 3 HOH 17 70 17 HOH HOH B . 
E 3 HOH 18 71 21 HOH HOH B . 
E 3 HOH 19 72 25 HOH HOH B . 
E 3 HOH 20 73 73 HOH HOH B . 
E 3 HOH 21 74 74 HOH HOH B . 
E 3 HOH 22 75 75 HOH HOH B . 
E 3 HOH 23 76 76 HOH HOH B . 
E 3 HOH 24 77 26 HOH HOH B . 
E 3 HOH 25 78 27 HOH HOH B . 
E 3 HOH 26 79 28 HOH HOH B . 
E 3 HOH 27 80 29 HOH HOH B . 
E 3 HOH 28 81 31 HOH HOH B . 
E 3 HOH 29 82 32 HOH HOH B . 
E 3 HOH 30 83 33 HOH HOH B . 
E 3 HOH 31 84 35 HOH HOH B . 
E 3 HOH 32 85 36 HOH HOH B . 
E 3 HOH 33 86 38 HOH HOH B . 
E 3 HOH 34 87 39 HOH HOH B . 
E 3 HOH 35 88 40 HOH HOH B . 
E 3 HOH 36 89 41 HOH HOH B . 
E 3 HOH 37 90 44 HOH HOH B . 
E 3 HOH 38 91 45 HOH HOH B . 
E 3 HOH 39 92 46 HOH HOH B . 
E 3 HOH 40 93 47 HOH HOH B . 
E 3 HOH 41 94 51 HOH HOH B . 
E 3 HOH 42 95 52 HOH HOH B . 
# 
loop_
_software.name 
_software.classification 
_software.version 
_software.citation_id 
_software.pdbx_ordinal 
SERGUI   'data collection' .        ? 1 
SOLVE    phasing           .        ? 2 
REFMAC   refinement        5.5.0072 ? 3 
HKL-2000 'data scaling'    .        ? 4 
# 
_cell.entry_id           3B0F 
_cell.length_a           72.967 
_cell.length_b           72.967 
_cell.length_c           32.560 
_cell.angle_alpha        90.00 
_cell.angle_beta         90.00 
_cell.angle_gamma        90.00 
_cell.Z_PDB              16 
_cell.pdbx_unique_axis   ? 
_cell.length_a_esd       ? 
_cell.length_b_esd       ? 
_cell.length_c_esd       ? 
_cell.angle_alpha_esd    ? 
_cell.angle_beta_esd     ? 
_cell.angle_gamma_esd    ? 
# 
_symmetry.entry_id                         3B0F 
_symmetry.space_group_name_H-M             'P 43 21 2' 
_symmetry.pdbx_full_space_group_name_H-M   ? 
_symmetry.cell_setting                     ? 
_symmetry.Int_Tables_number                96 
_symmetry.space_group_name_Hall            ? 
# 
_exptl.entry_id          3B0F 
_exptl.method            'X-RAY DIFFRACTION' 
_exptl.crystals_number   2 
# 
_exptl_crystal.id                    1 
_exptl_crystal.density_meas          ? 
_exptl_crystal.density_Matthews      1.86 
_exptl_crystal.density_percent_sol   33.96 
_exptl_crystal.description           ? 
_exptl_crystal.F_000                 ? 
_exptl_crystal.preparation           ? 
# 
_exptl_crystal_grow.crystal_id      1 
_exptl_crystal_grow.method          'VAPOR DIFFUSION, HANGING DROP' 
_exptl_crystal_grow.temp            293 
_exptl_crystal_grow.temp_details    ? 
_exptl_crystal_grow.pH              5.0 
_exptl_crystal_grow.pdbx_details    
'100mM Citrate buffer pH5.0, 1.8M Ammonium Sulfate, VAPOR DIFFUSION, HANGING DROP, temperature 293K' 
_exptl_crystal_grow.pdbx_pH_range   ? 
# 
loop_
_diffrn.id 
_diffrn.ambient_temp 
_diffrn.ambient_temp_details 
_diffrn.crystal_id 
1 100 ? 1 
2 100 ? 1 
# 
loop_
_diffrn_detector.diffrn_id 
_diffrn_detector.detector 
_diffrn_detector.type 
_diffrn_detector.pdbx_collection_date 
_diffrn_detector.details 
1 CCD 'ADSC QUANTUM 315' 2008-01-25 ? 
2 CCD 'ADSC QUANTUM 315' 2008-01-25 ? 
# 
loop_
_diffrn_radiation.diffrn_id 
_diffrn_radiation.wavelength_id 
_diffrn_radiation.pdbx_monochromatic_or_laue_m_l 
_diffrn_radiation.monochromator 
_diffrn_radiation.pdbx_diffrn_protocol 
_diffrn_radiation.pdbx_scattering_type 
1 1 M 'Numerical link type Si(111) double crystal monochromator' 'SINGLE WAVELENGTH' x-ray 
2 1 M 'Numerical link type Si(111) double crystal monochromator' MAD                 x-ray 
# 
loop_
_diffrn_radiation_wavelength.id 
_diffrn_radiation_wavelength.wavelength 
_diffrn_radiation_wavelength.wt 
1 1.000   1.0 
2 0.97928 1.0 
3 0.97909 1.0 
4 0.96405 1.0 
5 0.98317 1.0 
# 
loop_
_diffrn_source.diffrn_id 
_diffrn_source.source 
_diffrn_source.type 
_diffrn_source.pdbx_synchrotron_site 
_diffrn_source.pdbx_synchrotron_beamline 
_diffrn_source.pdbx_wavelength 
_diffrn_source.pdbx_wavelength_list 
1 SYNCHROTRON 'PHOTON FACTORY BEAMLINE BL-5A' 'Photon Factory' BL-5A ? 1.000                                
2 SYNCHROTRON 'PHOTON FACTORY BEAMLINE BL-5A' 'Photon Factory' BL-5A ? '0.97928, 0.97909, 0.96405, 0.98317' 
# 
_reflns.entry_id                     3B0F 
_reflns.observed_criterion_sigma_I   0 
_reflns.observed_criterion_sigma_F   0 
_reflns.d_resolution_low             51.57 
_reflns.d_resolution_high            1.4 
_reflns.number_obs                   17371 
_reflns.number_all                   17371 
_reflns.percent_possible_obs         97.0 
_reflns.pdbx_Rmerge_I_obs            0.048 
_reflns.pdbx_Rsym_value              ? 
_reflns.pdbx_netI_over_sigmaI        13.1 
_reflns.B_iso_Wilson_estimate        ? 
_reflns.pdbx_redundancy              13.1 
_reflns.R_free_details               ? 
_reflns.limit_h_max                  ? 
_reflns.limit_h_min                  ? 
_reflns.limit_k_max                  ? 
_reflns.limit_k_min                  ? 
_reflns.limit_l_max                  ? 
_reflns.limit_l_min                  ? 
_reflns.observed_criterion_F_max     ? 
_reflns.observed_criterion_F_min     ? 
_reflns.pdbx_chi_squared             ? 
_reflns.pdbx_scaling_rejects         ? 
_reflns.pdbx_ordinal                 1 
_reflns.pdbx_diffrn_id               1,2 
_reflns.pdbx_CC_half                 ? 
_reflns.pdbx_Rpim_I_all              ? 
_reflns.pdbx_Rrim_I_all              ? 
# 
_reflns_shell.d_res_high                  1.4 
_reflns_shell.d_res_low                   1.45 
_reflns_shell.percent_possible_all        82.5 
_reflns_shell.Rmerge_I_obs                0.356 
_reflns_shell.pdbx_Rsym_value             ? 
_reflns_shell.meanI_over_sigI_obs         ? 
_reflns_shell.pdbx_redundancy             11.0 
_reflns_shell.percent_possible_obs        ? 
_reflns_shell.number_unique_all           ? 
_reflns_shell.number_measured_all         ? 
_reflns_shell.number_measured_obs         ? 
_reflns_shell.number_unique_obs           ? 
_reflns_shell.pdbx_chi_squared            ? 
_reflns_shell.pdbx_rejects                ? 
_reflns_shell.pdbx_netI_over_sigmaI_obs   ? 
_reflns_shell.number_possible             ? 
_reflns_shell.Rmerge_F_all                ? 
_reflns_shell.Rmerge_F_obs                ? 
_reflns_shell.Rmerge_I_all                ? 
_reflns_shell.meanI_over_sigI_all         ? 
_reflns_shell.pdbx_Rrim_I_all             ? 
_reflns_shell.pdbx_Rpim_I_all             ? 
_reflns_shell.pdbx_ordinal                1 
_reflns_shell.pdbx_diffrn_id              1,2 
_reflns_shell.pdbx_CC_half                ? 
# 
_refine.entry_id                                 3B0F 
_refine.ls_number_reflns_obs                     16435 
_refine.ls_number_reflns_all                     17323 
_refine.pdbx_ls_sigma_I                          ? 
_refine.pdbx_ls_sigma_F                          0 
_refine.pdbx_data_cutoff_high_absF               ? 
_refine.pdbx_data_cutoff_low_absF                ? 
_refine.pdbx_data_cutoff_high_rms_absF           ? 
_refine.ls_d_res_low                             50.0 
_refine.ls_d_res_high                            1.40 
_refine.ls_percent_reflns_obs                    96.93 
_refine.ls_R_factor_obs                          0.17167 
_refine.ls_R_factor_all                          0.17167 
_refine.ls_R_factor_R_work                       0.17011 
_refine.ls_R_factor_R_free                       0.20054 
_refine.ls_R_factor_R_free_error                 ? 
_refine.ls_R_factor_R_free_error_details         ? 
_refine.ls_percent_reflns_R_free                 5.1 
_refine.ls_number_reflns_R_free                  888 
_refine.ls_number_parameters                     ? 
_refine.ls_number_restraints                     ? 
_refine.occupancy_min                            ? 
_refine.occupancy_max                            ? 
_refine.correlation_coeff_Fo_to_Fc               0.966 
_refine.correlation_coeff_Fo_to_Fc_free          0.958 
_refine.B_iso_mean                               11.036 
_refine.aniso_B[1][1]                            -0.80 
_refine.aniso_B[2][2]                            -0.80 
_refine.aniso_B[3][3]                            1.59 
_refine.aniso_B[1][2]                            0.00 
_refine.aniso_B[1][3]                            0.00 
_refine.aniso_B[2][3]                            0.00 
_refine.solvent_model_details                    MASK 
_refine.solvent_model_param_ksol                 ? 
_refine.solvent_model_param_bsol                 ? 
_refine.pdbx_solvent_vdw_probe_radii             1.40 
_refine.pdbx_solvent_ion_probe_radii             0.80 
_refine.pdbx_solvent_shrinkage_radii             0.80 
_refine.pdbx_ls_cross_valid_method               THROUGHOUT 
_refine.details                                  'HYDROGENS HAVE BEEN ADDED IN THE RIDING POSITIONS' 
_refine.pdbx_starting_model                      ? 
_refine.pdbx_method_to_determine_struct          MAD 
_refine.pdbx_isotropic_thermal_model             ? 
_refine.pdbx_stereochemistry_target_values       'MAXIMUM LIKELIHOOD' 
_refine.pdbx_stereochem_target_val_spec_case     ? 
_refine.pdbx_R_Free_selection_details            RANDOM 
_refine.pdbx_overall_ESU_R_Free                  0.068 
_refine.overall_SU_ML                            0.041 
_refine.pdbx_overall_phase_error                 ? 
_refine.overall_SU_B                             2.283 
_refine.overall_SU_R_Cruickshank_DPI             ? 
_refine.ls_redundancy_reflns_obs                 ? 
_refine.B_iso_min                                ? 
_refine.B_iso_max                                ? 
_refine.overall_SU_R_free                        ? 
_refine.ls_wR_factor_R_free                      ? 
_refine.ls_wR_factor_R_work                      ? 
_refine.overall_FOM_free_R_set                   ? 
_refine.overall_FOM_work_R_set                   ? 
_refine.pdbx_diffrn_id                           1,2 
_refine.pdbx_refine_id                           'X-RAY DIFFRACTION' 
_refine.pdbx_overall_ESU_R                       ? 
_refine.pdbx_TLS_residual_ADP_flag               ? 
_refine.pdbx_overall_SU_R_free_Cruickshank_DPI   ? 
_refine.pdbx_overall_SU_R_Blow_DPI               ? 
_refine.pdbx_overall_SU_R_free_Blow_DPI          ? 
# 
_refine_hist.pdbx_refine_id                   'X-RAY DIFFRACTION' 
_refine_hist.cycle_id                         LAST 
_refine_hist.pdbx_number_atoms_protein        678 
_refine_hist.pdbx_number_atoms_nucleic_acid   0 
_refine_hist.pdbx_number_atoms_ligand         5 
_refine_hist.number_atoms_solvent             77 
_refine_hist.number_atoms_total               760 
_refine_hist.d_res_high                       1.40 
_refine_hist.d_res_low                        50.0 
# 
loop_
_refine_ls_restr.type 
_refine_ls_restr.dev_ideal 
_refine_ls_restr.dev_ideal_target 
_refine_ls_restr.weight 
_refine_ls_restr.number 
_refine_ls_restr.pdbx_restraint_function 
_refine_ls_restr.pdbx_refine_id 
r_bond_refined_d             0.016  0.021  ? 873  ? 'X-RAY DIFFRACTION' 
r_bond_other_d               ?      ?      ? ?    ? 'X-RAY DIFFRACTION' 
r_angle_refined_deg          1.697  1.978  ? 1207 ? 'X-RAY DIFFRACTION' 
r_angle_other_deg            ?      ?      ? ?    ? 'X-RAY DIFFRACTION' 
r_dihedral_angle_1_deg       4.326  5.000  ? 125  ? 'X-RAY DIFFRACTION' 
r_dihedral_angle_2_deg       36.195 25.111 ? 45   ? 'X-RAY DIFFRACTION' 
r_dihedral_angle_3_deg       14.544 15.000 ? 166  ? 'X-RAY DIFFRACTION' 
r_dihedral_angle_4_deg       13.295 15.000 ? 7    ? 'X-RAY DIFFRACTION' 
r_chiral_restr               0.116  0.200  ? 129  ? 'X-RAY DIFFRACTION' 
r_gen_planes_refined         0.009  0.020  ? 697  ? 'X-RAY DIFFRACTION' 
r_gen_planes_other           ?      ?      ? ?    ? 'X-RAY DIFFRACTION' 
r_nbd_refined                ?      ?      ? ?    ? 'X-RAY DIFFRACTION' 
r_nbd_other                  ?      ?      ? ?    ? 'X-RAY DIFFRACTION' 
r_nbtor_refined              ?      ?      ? ?    ? 'X-RAY DIFFRACTION' 
r_nbtor_other                ?      ?      ? ?    ? 'X-RAY DIFFRACTION' 
r_xyhbond_nbd_refined        ?      ?      ? ?    ? 'X-RAY DIFFRACTION' 
r_xyhbond_nbd_other          ?      ?      ? ?    ? 'X-RAY DIFFRACTION' 
r_metal_ion_refined          ?      ?      ? ?    ? 'X-RAY DIFFRACTION' 
r_metal_ion_other            ?      ?      ? ?    ? 'X-RAY DIFFRACTION' 
r_symmetry_vdw_refined       ?      ?      ? ?    ? 'X-RAY DIFFRACTION' 
r_symmetry_vdw_other         ?      ?      ? ?    ? 'X-RAY DIFFRACTION' 
r_symmetry_hbond_refined     ?      ?      ? ?    ? 'X-RAY DIFFRACTION' 
r_symmetry_hbond_other       ?      ?      ? ?    ? 'X-RAY DIFFRACTION' 
r_symmetry_metal_ion_refined ?      ?      ? ?    ? 'X-RAY DIFFRACTION' 
r_symmetry_metal_ion_other   ?      ?      ? ?    ? 'X-RAY DIFFRACTION' 
r_mcbond_it                  1.418  1.500  ? 529  ? 'X-RAY DIFFRACTION' 
r_mcbond_other               ?      ?      ? ?    ? 'X-RAY DIFFRACTION' 
r_mcangle_it                 2.024  2.000  ? 872  ? 'X-RAY DIFFRACTION' 
r_scbond_it                  3.027  3.000  ? 344  ? 'X-RAY DIFFRACTION' 
r_scangle_it                 4.179  4.500  ? 327  ? 'X-RAY DIFFRACTION' 
r_rigid_bond_restr           1.700  3.000  ? 873  ? 'X-RAY DIFFRACTION' 
r_sphericity_free            6.591  3.000  ? 77   ? 'X-RAY DIFFRACTION' 
r_sphericity_bonded          3.052  3.000  ? 843  ? 'X-RAY DIFFRACTION' 
# 
_refine_ls_shell.pdbx_refine_id                   'X-RAY DIFFRACTION' 
_refine_ls_shell.pdbx_total_number_of_bins_used   20 
_refine_ls_shell.d_res_high                       1.400 
_refine_ls_shell.d_res_low                        1.436 
_refine_ls_shell.number_reflns_R_work             994 
_refine_ls_shell.R_factor_R_work                  0.225 
_refine_ls_shell.percent_reflns_obs               82.28 
_refine_ls_shell.R_factor_R_free                  0.310 
_refine_ls_shell.R_factor_R_free_error            ? 
_refine_ls_shell.percent_reflns_R_free            ? 
_refine_ls_shell.number_reflns_R_free             69 
_refine_ls_shell.number_reflns_all                ? 
_refine_ls_shell.R_factor_all                     ? 
_refine_ls_shell.number_reflns_obs                ? 
_refine_ls_shell.redundancy_reflns_obs            ? 
_refine_ls_shell.R_factor_obs                     ? 
# 
_struct.entry_id                  3B0F 
_struct.title                     'Crystal structure of the UBA domain of p62 and its interaction with ubiquitin' 
_struct.pdbx_model_details        ? 
_struct.pdbx_CASP_flag            ? 
_struct.pdbx_model_type_details   ? 
# 
_struct_keywords.entry_id        3B0F 
_struct_keywords.pdbx_keywords   'PROTEIN BINDING' 
_struct_keywords.text            'Ubiquitin, Autophagy, PROTEIN BINDING' 
# 
loop_
_struct_asym.id 
_struct_asym.pdbx_blank_PDB_chainid_flag 
_struct_asym.pdbx_modified 
_struct_asym.entity_id 
_struct_asym.details 
A N N 1 ? 
B N N 1 ? 
C N N 2 ? 
D N N 3 ? 
E N N 3 ? 
# 
_struct_ref.id                         1 
_struct_ref.db_name                    UNP 
_struct_ref.db_code                    SQSTM_MOUSE 
_struct_ref.pdbx_db_accession          Q64337 
_struct_ref.entity_id                  1 
_struct_ref.pdbx_seq_one_letter_code   EADPRLIESLSQMLSMGFSDEGGWLTRLLQTKNYDIGAALDTIQYSKH 
_struct_ref.pdbx_align_begin           391 
_struct_ref.pdbx_db_isoform            ? 
# 
loop_
_struct_ref_seq.align_id 
_struct_ref_seq.ref_id 
_struct_ref_seq.pdbx_PDB_id_code 
_struct_ref_seq.pdbx_strand_id 
_struct_ref_seq.seq_align_beg 
_struct_ref_seq.pdbx_seq_align_beg_ins_code 
_struct_ref_seq.seq_align_end 
_struct_ref_seq.pdbx_seq_align_end_ins_code 
_struct_ref_seq.pdbx_db_accession 
_struct_ref_seq.db_align_beg 
_struct_ref_seq.pdbx_db_align_beg_ins_code 
_struct_ref_seq.db_align_end 
_struct_ref_seq.pdbx_db_align_end_ins_code 
_struct_ref_seq.pdbx_auth_seq_align_beg 
_struct_ref_seq.pdbx_auth_seq_align_end 
1 1 3B0F A 6 ? 53 ? Q64337 391 ? 438 ? 6 53 
2 1 3B0F B 6 ? 53 ? Q64337 391 ? 438 ? 6 53 
# 
loop_
_struct_ref_seq_dif.align_id 
_struct_ref_seq_dif.pdbx_pdb_id_code 
_struct_ref_seq_dif.mon_id 
_struct_ref_seq_dif.pdbx_pdb_strand_id 
_struct_ref_seq_dif.seq_num 
_struct_ref_seq_dif.pdbx_pdb_ins_code 
_struct_ref_seq_dif.pdbx_seq_db_name 
_struct_ref_seq_dif.pdbx_seq_db_accession_code 
_struct_ref_seq_dif.db_mon_id 
_struct_ref_seq_dif.pdbx_seq_db_seq_num 
_struct_ref_seq_dif.details 
_struct_ref_seq_dif.pdbx_auth_seq_num 
_struct_ref_seq_dif.pdbx_ordinal 
1 3B0F GLY A 1 ? UNP Q64337 ? ? 'expression tag' 1 1  
1 3B0F PRO A 2 ? UNP Q64337 ? ? 'expression tag' 2 2  
1 3B0F LEU A 3 ? UNP Q64337 ? ? 'expression tag' 3 3  
1 3B0F GLY A 4 ? UNP Q64337 ? ? 'expression tag' 4 4  
1 3B0F SER A 5 ? UNP Q64337 ? ? 'expression tag' 5 5  
2 3B0F GLY B 1 ? UNP Q64337 ? ? 'expression tag' 1 6  
2 3B0F PRO B 2 ? UNP Q64337 ? ? 'expression tag' 2 7  
2 3B0F LEU B 3 ? UNP Q64337 ? ? 'expression tag' 3 8  
2 3B0F GLY B 4 ? UNP Q64337 ? ? 'expression tag' 4 9  
2 3B0F SER B 5 ? UNP Q64337 ? ? 'expression tag' 5 10 
# 
_pdbx_struct_assembly.id                   1 
_pdbx_struct_assembly.details              author_and_software_defined_assembly 
_pdbx_struct_assembly.method_details       PISA 
_pdbx_struct_assembly.oligomeric_details   dimeric 
_pdbx_struct_assembly.oligomeric_count     2 
# 
loop_
_pdbx_struct_assembly_prop.biol_id 
_pdbx_struct_assembly_prop.type 
_pdbx_struct_assembly_prop.value 
_pdbx_struct_assembly_prop.details 
1 'ABSA (A^2)' 1350 ? 
1 MORE         -6   ? 
1 'SSA (A^2)'  4670 ? 
# 
_pdbx_struct_assembly_gen.assembly_id       1 
_pdbx_struct_assembly_gen.oper_expression   1 
_pdbx_struct_assembly_gen.asym_id_list      A,B,C,D,E 
# 
_pdbx_struct_oper_list.id                   1 
_pdbx_struct_oper_list.type                 'identity operation' 
_pdbx_struct_oper_list.name                 1_555 
_pdbx_struct_oper_list.symmetry_operation   x,y,z 
_pdbx_struct_oper_list.matrix[1][1]         1.0000000000 
_pdbx_struct_oper_list.matrix[1][2]         0.0000000000 
_pdbx_struct_oper_list.matrix[1][3]         0.0000000000 
_pdbx_struct_oper_list.vector[1]            0.0000000000 
_pdbx_struct_oper_list.matrix[2][1]         0.0000000000 
_pdbx_struct_oper_list.matrix[2][2]         1.0000000000 
_pdbx_struct_oper_list.matrix[2][3]         0.0000000000 
_pdbx_struct_oper_list.vector[2]            0.0000000000 
_pdbx_struct_oper_list.matrix[3][1]         0.0000000000 
_pdbx_struct_oper_list.matrix[3][2]         0.0000000000 
_pdbx_struct_oper_list.matrix[3][3]         1.0000000000 
_pdbx_struct_oper_list.vector[3]            0.0000000000 
# 
loop_
_struct_conf.conf_type_id 
_struct_conf.id 
_struct_conf.pdbx_PDB_helix_id 
_struct_conf.beg_label_comp_id 
_struct_conf.beg_label_asym_id 
_struct_conf.beg_label_seq_id 
_struct_conf.pdbx_beg_PDB_ins_code 
_struct_conf.end_label_comp_id 
_struct_conf.end_label_asym_id 
_struct_conf.end_label_seq_id 
_struct_conf.pdbx_end_PDB_ins_code 
_struct_conf.beg_auth_comp_id 
_struct_conf.beg_auth_asym_id 
_struct_conf.beg_auth_seq_id 
_struct_conf.end_auth_comp_id 
_struct_conf.end_auth_asym_id 
_struct_conf.end_auth_seq_id 
_struct_conf.pdbx_PDB_helix_class 
_struct_conf.details 
_struct_conf.pdbx_PDB_helix_length 
HELX_P HELX_P1 1 ASP A 8  ? MET A 21 ? ASP A 8  MET A 21 1 ? 14 
HELX_P HELX_P2 2 ASP A 25 ? GLY A 27 ? ASP A 25 GLY A 27 5 ? 3  
HELX_P HELX_P3 3 GLY A 28 ? LYS A 37 ? GLY A 28 LYS A 37 1 ? 10 
HELX_P HELX_P4 4 ASP A 40 ? ILE A 48 ? ASP A 40 ILE A 48 1 ? 9  
HELX_P HELX_P5 5 ASP B 8  ? MET B 21 ? ASP B 8  MET B 21 1 ? 14 
HELX_P HELX_P6 6 ASP B 25 ? GLY B 27 ? ASP B 25 GLY B 27 5 ? 3  
HELX_P HELX_P7 7 GLY B 28 ? LYS B 37 ? GLY B 28 LYS B 37 1 ? 10 
HELX_P HELX_P8 8 ASP B 40 ? ILE B 48 ? ASP B 40 ILE B 48 1 ? 9  
# 
_struct_conf_type.id          HELX_P 
_struct_conf_type.criteria    ? 
_struct_conf_type.reference   ? 
# 
_struct_site.id                   AC1 
_struct_site.pdbx_evidence_code   Software 
_struct_site.pdbx_auth_asym_id    A 
_struct_site.pdbx_auth_comp_id    SO4 
_struct_site.pdbx_auth_seq_id     54 
_struct_site.pdbx_auth_ins_code   ? 
_struct_site.pdbx_num_residues    7 
_struct_site.details              'BINDING SITE FOR RESIDUE SO4 A 54' 
# 
loop_
_struct_site_gen.id 
_struct_site_gen.site_id 
_struct_site_gen.pdbx_num_res 
_struct_site_gen.label_comp_id 
_struct_site_gen.label_asym_id 
_struct_site_gen.label_seq_id 
_struct_site_gen.pdbx_auth_ins_code 
_struct_site_gen.auth_comp_id 
_struct_site_gen.auth_asym_id 
_struct_site_gen.auth_seq_id 
_struct_site_gen.label_atom_id 
_struct_site_gen.label_alt_id 
_struct_site_gen.symmetry 
_struct_site_gen.details 
1 AC1 7 ARG A 32 ? ARG A 32 . ? 1_555 ? 
2 AC1 7 ARG A 32 ? ARG A 32 . ? 7_555 ? 
3 AC1 7 THR A 36 ? THR A 36 . ? 7_555 ? 
4 AC1 7 HOH D .  ? HOH A 71 . ? 7_555 ? 
5 AC1 7 HOH D .  ? HOH A 74 . ? 1_555 ? 
6 AC1 7 GLY B 27 ? GLY B 27 . ? 7_555 ? 
7 AC1 7 ARG B 32 ? ARG B 32 . ? 1_555 ? 
# 
_pdbx_validate_torsion.id              1 
_pdbx_validate_torsion.PDB_model_num   1 
_pdbx_validate_torsion.auth_comp_id    ASN 
_pdbx_validate_torsion.auth_asym_id    A 
_pdbx_validate_torsion.auth_seq_id     38 
_pdbx_validate_torsion.PDB_ins_code    ? 
_pdbx_validate_torsion.label_alt_id    B 
_pdbx_validate_torsion.phi             39.91 
_pdbx_validate_torsion.psi             47.06 
# 
loop_
_pdbx_refine_tls.pdbx_refine_id 
_pdbx_refine_tls.id 
_pdbx_refine_tls.details 
_pdbx_refine_tls.method 
_pdbx_refine_tls.origin_x 
_pdbx_refine_tls.origin_y 
_pdbx_refine_tls.origin_z 
_pdbx_refine_tls.T[1][1] 
_pdbx_refine_tls.T[2][2] 
_pdbx_refine_tls.T[3][3] 
_pdbx_refine_tls.T[1][2] 
_pdbx_refine_tls.T[1][3] 
_pdbx_refine_tls.T[2][3] 
_pdbx_refine_tls.L[1][1] 
_pdbx_refine_tls.L[2][2] 
_pdbx_refine_tls.L[3][3] 
_pdbx_refine_tls.L[1][2] 
_pdbx_refine_tls.L[1][3] 
_pdbx_refine_tls.L[2][3] 
_pdbx_refine_tls.S[1][1] 
_pdbx_refine_tls.S[1][2] 
_pdbx_refine_tls.S[1][3] 
_pdbx_refine_tls.S[2][1] 
_pdbx_refine_tls.S[2][2] 
_pdbx_refine_tls.S[2][3] 
_pdbx_refine_tls.S[3][1] 
_pdbx_refine_tls.S[3][2] 
_pdbx_refine_tls.S[3][3] 
'X-RAY DIFFRACTION' 1  ? refined -2.0419 14.5969  7.0465   0.0693 0.0394 0.0761 -0.0132 -0.0110 -0.0013 7.0148 6.4081 2.2916  -2.7538 1.9834  -1.3032 0.0615  -0.0141 0.0985  0.0880  -0.0075 0.2446  -0.1278 -0.0570 -0.0540 
'X-RAY DIFFRACTION' 2  ? refined 6.4425  8.2120   7.9402   0.0655 0.0524 0.0356 -0.0140 -0.0094 0.0007  5.2407 7.5308 2.2244  -0.0049 0.9689  1.4911  0.0191  0.0534  -0.0767 -0.2211 0.0196  -0.0311 0.0614  0.0813  -0.0386 
'X-RAY DIFFRACTION' 3  ? refined 5.9205  5.5238   -0.9096  0.1165 0.0632 0.0938 -0.0071 -0.0069 -0.0283 5.7272 1.7068 9.5527  -2.1196 4.8267  -2.6986 0.1297  0.2390  0.1139  -0.1441 0.0093  -0.1411 0.3181  0.3950  -0.1389 
'X-RAY DIFFRACTION' 4  ? refined -3.8188 5.4254   1.4452   0.0646 0.0488 0.0664 -0.0117 -0.0228 -0.0063 2.9261 1.8364 2.9620  0.5276  -0.8676 0.9815  0.0616  -0.1443 0.0532  -0.0275 -0.0385 -0.0090 0.0947  -0.0099 -0.0231 
'X-RAY DIFFRACTION' 5  ? refined -4.0268 4.9223   9.6349   0.0810 0.0595 0.0213 -0.0299 -0.0122 -0.0138 3.7794 6.4043 5.2588  -2.2575 2.7644  -1.9887 -0.1000 -0.1380 0.1144  0.2440  0.0681  0.0068  0.1072  -0.2629 0.0318  
'X-RAY DIFFRACTION' 6  ? refined 0.8804  -3.9268  7.8905   0.1472 0.0311 0.0536 -0.0076 -0.0594 0.0167  5.2210 7.1352 12.5297 -2.1390 -2.8292 3.3975  0.0146  -0.2686 -0.0928 0.7183  -0.0667 -0.4340 0.4121  0.3328  0.0520  
'X-RAY DIFFRACTION' 7  ? refined -2.2998 -10.3686 -14.1995 0.0470 0.1606 0.0736 -0.0258 0.0281  0.0196  2.0684 5.4899 9.4598  2.3998  -2.6852 0.9042  -0.1986 0.2968  0.1092  -0.3150 0.2269  0.2043  0.1168  -0.5411 -0.0283 
'X-RAY DIFFRACTION' 8  ? refined -2.2200 -11.3300 -4.9049  0.0193 0.0394 0.0734 0.0041  0.0011  -0.0029 3.9212 2.9537 8.4368  -0.2009 2.6724  -1.2078 -0.0218 -0.0550 0.1551  -0.0397 -0.0031 -0.0863 0.1174  0.0028  0.0249  
'X-RAY DIFFRACTION' 9  ? refined -4.5598 -3.9222  -1.1247  0.0594 0.1353 0.0814 0.0013  0.0010  -0.0840 4.6467 6.6090 0.2272  -1.5313 0.7712  -1.0295 0.0855  -0.3091 0.1709  0.0427  -0.1173 0.1542  0.0054  -0.0270 0.0318  
'X-RAY DIFFRACTION' 10 ? refined 1.7641  -0.6296  -9.3346  0.1459 0.0599 0.1113 0.0463  -0.0412 -0.0271 6.4420 3.5405 3.8899  -2.5247 -3.1019 3.6726  0.0917  0.0191  0.0921  -0.4970 -0.1848 0.0388  -0.5167 -0.2137 0.0931  
'X-RAY DIFFRACTION' 11 ? refined 6.7067  -6.8339  -5.8548  0.0569 0.0537 0.1011 0.0086  -0.0076 -0.0157 2.9274 6.9214 5.8527  -1.1622 2.5251  3.8101  0.1845  0.1008  0.0633  -0.1167 0.0179  -0.4009 0.0677  0.1015  -0.2024 
'X-RAY DIFFRACTION' 12 ? refined 7.4898  -4.1729  2.0182   0.0614 0.0490 0.0906 -0.0010 -0.0577 -0.0211 7.8439 9.1378 8.7988  -1.9380 -1.6288 2.4858  0.1054  -0.2810 -0.2809 0.5684  0.1106  -0.3040 0.2808  0.0241  -0.2161  
# 
loop_
_pdbx_refine_tls_group.pdbx_refine_id 
_pdbx_refine_tls_group.id 
_pdbx_refine_tls_group.refine_tls_id 
_pdbx_refine_tls_group.beg_auth_asym_id 
_pdbx_refine_tls_group.beg_auth_seq_id 
_pdbx_refine_tls_group.beg_label_asym_id 
_pdbx_refine_tls_group.beg_label_seq_id 
_pdbx_refine_tls_group.end_auth_asym_id 
_pdbx_refine_tls_group.end_auth_seq_id 
_pdbx_refine_tls_group.end_label_asym_id 
_pdbx_refine_tls_group.end_label_seq_id 
_pdbx_refine_tls_group.selection 
_pdbx_refine_tls_group.selection_details 
'X-RAY DIFFRACTION' 1  1  A 8  ? ? A 15 ? ? ? ? 
'X-RAY DIFFRACTION' 2  2  A 16 ? ? A 21 ? ? ? ? 
'X-RAY DIFFRACTION' 3  3  A 22 ? ? A 27 ? ? ? ? 
'X-RAY DIFFRACTION' 4  4  A 28 ? ? A 37 ? ? ? ? 
'X-RAY DIFFRACTION' 5  5  A 38 ? ? A 45 ? ? ? ? 
'X-RAY DIFFRACTION' 6  6  A 46 ? ? A 50 ? ? ? ? 
'X-RAY DIFFRACTION' 7  7  B 8  ? ? B 13 ? ? ? ? 
'X-RAY DIFFRACTION' 8  8  B 14 ? ? B 20 ? ? ? ? 
'X-RAY DIFFRACTION' 9  9  B 21 ? ? B 31 ? ? ? ? 
'X-RAY DIFFRACTION' 10 10 B 32 ? ? B 39 ? ? ? ? 
'X-RAY DIFFRACTION' 11 11 B 40 ? ? B 45 ? ? ? ? 
'X-RAY DIFFRACTION' 12 12 B 46 ? ? B 50 ? ? ? ? 
# 
loop_
_pdbx_unobs_or_zero_occ_residues.id 
_pdbx_unobs_or_zero_occ_residues.PDB_model_num 
_pdbx_unobs_or_zero_occ_residues.polymer_flag 
_pdbx_unobs_or_zero_occ_residues.occupancy_flag 
_pdbx_unobs_or_zero_occ_residues.auth_asym_id 
_pdbx_unobs_or_zero_occ_residues.auth_comp_id 
_pdbx_unobs_or_zero_occ_residues.auth_seq_id 
_pdbx_unobs_or_zero_occ_residues.PDB_ins_code 
_pdbx_unobs_or_zero_occ_residues.label_asym_id 
_pdbx_unobs_or_zero_occ_residues.label_comp_id 
_pdbx_unobs_or_zero_occ_residues.label_seq_id 
1  1 Y 1 A GLY 1  ? A GLY 1  
2  1 Y 1 A PRO 2  ? A PRO 2  
3  1 Y 1 A LEU 3  ? A LEU 3  
4  1 Y 1 A GLY 4  ? A GLY 4  
5  1 Y 1 A SER 5  ? A SER 5  
6  1 Y 1 A GLU 6  ? A GLU 6  
7  1 Y 1 A ALA 7  ? A ALA 7  
8  1 Y 1 A SER 51 ? A SER 51 
9  1 Y 1 A LYS 52 ? A LYS 52 
10 1 Y 1 A HIS 53 ? A HIS 53 
11 1 Y 1 B GLY 1  ? B GLY 1  
12 1 Y 1 B PRO 2  ? B PRO 2  
13 1 Y 1 B LEU 3  ? B LEU 3  
14 1 Y 1 B GLY 4  ? B GLY 4  
15 1 Y 1 B SER 5  ? B SER 5  
16 1 Y 1 B GLU 6  ? B GLU 6  
17 1 Y 1 B ALA 7  ? B ALA 7  
18 1 Y 1 B SER 51 ? B SER 51 
19 1 Y 1 B LYS 52 ? B LYS 52 
20 1 Y 1 B HIS 53 ? B HIS 53 
# 
loop_
_chem_comp_atom.comp_id 
_chem_comp_atom.atom_id 
_chem_comp_atom.type_symbol 
_chem_comp_atom.pdbx_aromatic_flag 
_chem_comp_atom.pdbx_stereo_config 
_chem_comp_atom.pdbx_ordinal 
ALA N    N N N 1   
ALA CA   C N S 2   
ALA C    C N N 3   
ALA O    O N N 4   
ALA CB   C N N 5   
ALA OXT  O N N 6   
ALA H    H N N 7   
ALA H2   H N N 8   
ALA HA   H N N 9   
ALA HB1  H N N 10  
ALA HB2  H N N 11  
ALA HB3  H N N 12  
ALA HXT  H N N 13  
ARG N    N N N 14  
ARG CA   C N S 15  
ARG C    C N N 16  
ARG O    O N N 17  
ARG CB   C N N 18  
ARG CG   C N N 19  
ARG CD   C N N 20  
ARG NE   N N N 21  
ARG CZ   C N N 22  
ARG NH1  N N N 23  
ARG NH2  N N N 24  
ARG OXT  O N N 25  
ARG H    H N N 26  
ARG H2   H N N 27  
ARG HA   H N N 28  
ARG HB2  H N N 29  
ARG HB3  H N N 30  
ARG HG2  H N N 31  
ARG HG3  H N N 32  
ARG HD2  H N N 33  
ARG HD3  H N N 34  
ARG HE   H N N 35  
ARG HH11 H N N 36  
ARG HH12 H N N 37  
ARG HH21 H N N 38  
ARG HH22 H N N 39  
ARG HXT  H N N 40  
ASN N    N N N 41  
ASN CA   C N S 42  
ASN C    C N N 43  
ASN O    O N N 44  
ASN CB   C N N 45  
ASN CG   C N N 46  
ASN OD1  O N N 47  
ASN ND2  N N N 48  
ASN OXT  O N N 49  
ASN H    H N N 50  
ASN H2   H N N 51  
ASN HA   H N N 52  
ASN HB2  H N N 53  
ASN HB3  H N N 54  
ASN HD21 H N N 55  
ASN HD22 H N N 56  
ASN HXT  H N N 57  
ASP N    N N N 58  
ASP CA   C N S 59  
ASP C    C N N 60  
ASP O    O N N 61  
ASP CB   C N N 62  
ASP CG   C N N 63  
ASP OD1  O N N 64  
ASP OD2  O N N 65  
ASP OXT  O N N 66  
ASP H    H N N 67  
ASP H2   H N N 68  
ASP HA   H N N 69  
ASP HB2  H N N 70  
ASP HB3  H N N 71  
ASP HD2  H N N 72  
ASP HXT  H N N 73  
GLN N    N N N 74  
GLN CA   C N S 75  
GLN C    C N N 76  
GLN O    O N N 77  
GLN CB   C N N 78  
GLN CG   C N N 79  
GLN CD   C N N 80  
GLN OE1  O N N 81  
GLN NE2  N N N 82  
GLN OXT  O N N 83  
GLN H    H N N 84  
GLN H2   H N N 85  
GLN HA   H N N 86  
GLN HB2  H N N 87  
GLN HB3  H N N 88  
GLN HG2  H N N 89  
GLN HG3  H N N 90  
GLN HE21 H N N 91  
GLN HE22 H N N 92  
GLN HXT  H N N 93  
GLU N    N N N 94  
GLU CA   C N S 95  
GLU C    C N N 96  
GLU O    O N N 97  
GLU CB   C N N 98  
GLU CG   C N N 99  
GLU CD   C N N 100 
GLU OE1  O N N 101 
GLU OE2  O N N 102 
GLU OXT  O N N 103 
GLU H    H N N 104 
GLU H2   H N N 105 
GLU HA   H N N 106 
GLU HB2  H N N 107 
GLU HB3  H N N 108 
GLU HG2  H N N 109 
GLU HG3  H N N 110 
GLU HE2  H N N 111 
GLU HXT  H N N 112 
GLY N    N N N 113 
GLY CA   C N N 114 
GLY C    C N N 115 
GLY O    O N N 116 
GLY OXT  O N N 117 
GLY H    H N N 118 
GLY H2   H N N 119 
GLY HA2  H N N 120 
GLY HA3  H N N 121 
GLY HXT  H N N 122 
HIS N    N N N 123 
HIS CA   C N S 124 
HIS C    C N N 125 
HIS O    O N N 126 
HIS CB   C N N 127 
HIS CG   C Y N 128 
HIS ND1  N Y N 129 
HIS CD2  C Y N 130 
HIS CE1  C Y N 131 
HIS NE2  N Y N 132 
HIS OXT  O N N 133 
HIS H    H N N 134 
HIS H2   H N N 135 
HIS HA   H N N 136 
HIS HB2  H N N 137 
HIS HB3  H N N 138 
HIS HD1  H N N 139 
HIS HD2  H N N 140 
HIS HE1  H N N 141 
HIS HE2  H N N 142 
HIS HXT  H N N 143 
HOH O    O N N 144 
HOH H1   H N N 145 
HOH H2   H N N 146 
ILE N    N N N 147 
ILE CA   C N S 148 
ILE C    C N N 149 
ILE O    O N N 150 
ILE CB   C N S 151 
ILE CG1  C N N 152 
ILE CG2  C N N 153 
ILE CD1  C N N 154 
ILE OXT  O N N 155 
ILE H    H N N 156 
ILE H2   H N N 157 
ILE HA   H N N 158 
ILE HB   H N N 159 
ILE HG12 H N N 160 
ILE HG13 H N N 161 
ILE HG21 H N N 162 
ILE HG22 H N N 163 
ILE HG23 H N N 164 
ILE HD11 H N N 165 
ILE HD12 H N N 166 
ILE HD13 H N N 167 
ILE HXT  H N N 168 
LEU N    N N N 169 
LEU CA   C N S 170 
LEU C    C N N 171 
LEU O    O N N 172 
LEU CB   C N N 173 
LEU CG   C N N 174 
LEU CD1  C N N 175 
LEU CD2  C N N 176 
LEU OXT  O N N 177 
LEU H    H N N 178 
LEU H2   H N N 179 
LEU HA   H N N 180 
LEU HB2  H N N 181 
LEU HB3  H N N 182 
LEU HG   H N N 183 
LEU HD11 H N N 184 
LEU HD12 H N N 185 
LEU HD13 H N N 186 
LEU HD21 H N N 187 
LEU HD22 H N N 188 
LEU HD23 H N N 189 
LEU HXT  H N N 190 
LYS N    N N N 191 
LYS CA   C N S 192 
LYS C    C N N 193 
LYS O    O N N 194 
LYS CB   C N N 195 
LYS CG   C N N 196 
LYS CD   C N N 197 
LYS CE   C N N 198 
LYS NZ   N N N 199 
LYS OXT  O N N 200 
LYS H    H N N 201 
LYS H2   H N N 202 
LYS HA   H N N 203 
LYS HB2  H N N 204 
LYS HB3  H N N 205 
LYS HG2  H N N 206 
LYS HG3  H N N 207 
LYS HD2  H N N 208 
LYS HD3  H N N 209 
LYS HE2  H N N 210 
LYS HE3  H N N 211 
LYS HZ1  H N N 212 
LYS HZ2  H N N 213 
LYS HZ3  H N N 214 
LYS HXT  H N N 215 
MET N    N N N 216 
MET CA   C N S 217 
MET C    C N N 218 
MET O    O N N 219 
MET CB   C N N 220 
MET CG   C N N 221 
MET SD   S N N 222 
MET CE   C N N 223 
MET OXT  O N N 224 
MET H    H N N 225 
MET H2   H N N 226 
MET HA   H N N 227 
MET HB2  H N N 228 
MET HB3  H N N 229 
MET HG2  H N N 230 
MET HG3  H N N 231 
MET HE1  H N N 232 
MET HE2  H N N 233 
MET HE3  H N N 234 
MET HXT  H N N 235 
PHE N    N N N 236 
PHE CA   C N S 237 
PHE C    C N N 238 
PHE O    O N N 239 
PHE CB   C N N 240 
PHE CG   C Y N 241 
PHE CD1  C Y N 242 
PHE CD2  C Y N 243 
PHE CE1  C Y N 244 
PHE CE2  C Y N 245 
PHE CZ   C Y N 246 
PHE OXT  O N N 247 
PHE H    H N N 248 
PHE H2   H N N 249 
PHE HA   H N N 250 
PHE HB2  H N N 251 
PHE HB3  H N N 252 
PHE HD1  H N N 253 
PHE HD2  H N N 254 
PHE HE1  H N N 255 
PHE HE2  H N N 256 
PHE HZ   H N N 257 
PHE HXT  H N N 258 
PRO N    N N N 259 
PRO CA   C N S 260 
PRO C    C N N 261 
PRO O    O N N 262 
PRO CB   C N N 263 
PRO CG   C N N 264 
PRO CD   C N N 265 
PRO OXT  O N N 266 
PRO H    H N N 267 
PRO HA   H N N 268 
PRO HB2  H N N 269 
PRO HB3  H N N 270 
PRO HG2  H N N 271 
PRO HG3  H N N 272 
PRO HD2  H N N 273 
PRO HD3  H N N 274 
PRO HXT  H N N 275 
SER N    N N N 276 
SER CA   C N S 277 
SER C    C N N 278 
SER O    O N N 279 
SER CB   C N N 280 
SER OG   O N N 281 
SER OXT  O N N 282 
SER H    H N N 283 
SER H2   H N N 284 
SER HA   H N N 285 
SER HB2  H N N 286 
SER HB3  H N N 287 
SER HG   H N N 288 
SER HXT  H N N 289 
SO4 S    S N N 290 
SO4 O1   O N N 291 
SO4 O2   O N N 292 
SO4 O3   O N N 293 
SO4 O4   O N N 294 
THR N    N N N 295 
THR CA   C N S 296 
THR C    C N N 297 
THR O    O N N 298 
THR CB   C N R 299 
THR OG1  O N N 300 
THR CG2  C N N 301 
THR OXT  O N N 302 
THR H    H N N 303 
THR H2   H N N 304 
THR HA   H N N 305 
THR HB   H N N 306 
THR HG1  H N N 307 
THR HG21 H N N 308 
THR HG22 H N N 309 
THR HG23 H N N 310 
THR HXT  H N N 311 
TRP N    N N N 312 
TRP CA   C N S 313 
TRP C    C N N 314 
TRP O    O N N 315 
TRP CB   C N N 316 
TRP CG   C Y N 317 
TRP CD1  C Y N 318 
TRP CD2  C Y N 319 
TRP NE1  N Y N 320 
TRP CE2  C Y N 321 
TRP CE3  C Y N 322 
TRP CZ2  C Y N 323 
TRP CZ3  C Y N 324 
TRP CH2  C Y N 325 
TRP OXT  O N N 326 
TRP H    H N N 327 
TRP H2   H N N 328 
TRP HA   H N N 329 
TRP HB2  H N N 330 
TRP HB3  H N N 331 
TRP HD1  H N N 332 
TRP HE1  H N N 333 
TRP HE3  H N N 334 
TRP HZ2  H N N 335 
TRP HZ3  H N N 336 
TRP HH2  H N N 337 
TRP HXT  H N N 338 
TYR N    N N N 339 
TYR CA   C N S 340 
TYR C    C N N 341 
TYR O    O N N 342 
TYR CB   C N N 343 
TYR CG   C Y N 344 
TYR CD1  C Y N 345 
TYR CD2  C Y N 346 
TYR CE1  C Y N 347 
TYR CE2  C Y N 348 
TYR CZ   C Y N 349 
TYR OH   O N N 350 
TYR OXT  O N N 351 
TYR H    H N N 352 
TYR H2   H N N 353 
TYR HA   H N N 354 
TYR HB2  H N N 355 
TYR HB3  H N N 356 
TYR HD1  H N N 357 
TYR HD2  H N N 358 
TYR HE1  H N N 359 
TYR HE2  H N N 360 
TYR HH   H N N 361 
TYR HXT  H N N 362 
# 
loop_
_chem_comp_bond.comp_id 
_chem_comp_bond.atom_id_1 
_chem_comp_bond.atom_id_2 
_chem_comp_bond.value_order 
_chem_comp_bond.pdbx_aromatic_flag 
_chem_comp_bond.pdbx_stereo_config 
_chem_comp_bond.pdbx_ordinal 
ALA N   CA   sing N N 1   
ALA N   H    sing N N 2   
ALA N   H2   sing N N 3   
ALA CA  C    sing N N 4   
ALA CA  CB   sing N N 5   
ALA CA  HA   sing N N 6   
ALA C   O    doub N N 7   
ALA C   OXT  sing N N 8   
ALA CB  HB1  sing N N 9   
ALA CB  HB2  sing N N 10  
ALA CB  HB3  sing N N 11  
ALA OXT HXT  sing N N 12  
ARG N   CA   sing N N 13  
ARG N   H    sing N N 14  
ARG N   H2   sing N N 15  
ARG CA  C    sing N N 16  
ARG CA  CB   sing N N 17  
ARG CA  HA   sing N N 18  
ARG C   O    doub N N 19  
ARG C   OXT  sing N N 20  
ARG CB  CG   sing N N 21  
ARG CB  HB2  sing N N 22  
ARG CB  HB3  sing N N 23  
ARG CG  CD   sing N N 24  
ARG CG  HG2  sing N N 25  
ARG CG  HG3  sing N N 26  
ARG CD  NE   sing N N 27  
ARG CD  HD2  sing N N 28  
ARG CD  HD3  sing N N 29  
ARG NE  CZ   sing N N 30  
ARG NE  HE   sing N N 31  
ARG CZ  NH1  sing N N 32  
ARG CZ  NH2  doub N N 33  
ARG NH1 HH11 sing N N 34  
ARG NH1 HH12 sing N N 35  
ARG NH2 HH21 sing N N 36  
ARG NH2 HH22 sing N N 37  
ARG OXT HXT  sing N N 38  
ASN N   CA   sing N N 39  
ASN N   H    sing N N 40  
ASN N   H2   sing N N 41  
ASN CA  C    sing N N 42  
ASN CA  CB   sing N N 43  
ASN CA  HA   sing N N 44  
ASN C   O    doub N N 45  
ASN C   OXT  sing N N 46  
ASN CB  CG   sing N N 47  
ASN CB  HB2  sing N N 48  
ASN CB  HB3  sing N N 49  
ASN CG  OD1  doub N N 50  
ASN CG  ND2  sing N N 51  
ASN ND2 HD21 sing N N 52  
ASN ND2 HD22 sing N N 53  
ASN OXT HXT  sing N N 54  
ASP N   CA   sing N N 55  
ASP N   H    sing N N 56  
ASP N   H2   sing N N 57  
ASP CA  C    sing N N 58  
ASP CA  CB   sing N N 59  
ASP CA  HA   sing N N 60  
ASP C   O    doub N N 61  
ASP C   OXT  sing N N 62  
ASP CB  CG   sing N N 63  
ASP CB  HB2  sing N N 64  
ASP CB  HB3  sing N N 65  
ASP CG  OD1  doub N N 66  
ASP CG  OD2  sing N N 67  
ASP OD2 HD2  sing N N 68  
ASP OXT HXT  sing N N 69  
GLN N   CA   sing N N 70  
GLN N   H    sing N N 71  
GLN N   H2   sing N N 72  
GLN CA  C    sing N N 73  
GLN CA  CB   sing N N 74  
GLN CA  HA   sing N N 75  
GLN C   O    doub N N 76  
GLN C   OXT  sing N N 77  
GLN CB  CG   sing N N 78  
GLN CB  HB2  sing N N 79  
GLN CB  HB3  sing N N 80  
GLN CG  CD   sing N N 81  
GLN CG  HG2  sing N N 82  
GLN CG  HG3  sing N N 83  
GLN CD  OE1  doub N N 84  
GLN CD  NE2  sing N N 85  
GLN NE2 HE21 sing N N 86  
GLN NE2 HE22 sing N N 87  
GLN OXT HXT  sing N N 88  
GLU N   CA   sing N N 89  
GLU N   H    sing N N 90  
GLU N   H2   sing N N 91  
GLU CA  C    sing N N 92  
GLU CA  CB   sing N N 93  
GLU CA  HA   sing N N 94  
GLU C   O    doub N N 95  
GLU C   OXT  sing N N 96  
GLU CB  CG   sing N N 97  
GLU CB  HB2  sing N N 98  
GLU CB  HB3  sing N N 99  
GLU CG  CD   sing N N 100 
GLU CG  HG2  sing N N 101 
GLU CG  HG3  sing N N 102 
GLU CD  OE1  doub N N 103 
GLU CD  OE2  sing N N 104 
GLU OE2 HE2  sing N N 105 
GLU OXT HXT  sing N N 106 
GLY N   CA   sing N N 107 
GLY N   H    sing N N 108 
GLY N   H2   sing N N 109 
GLY CA  C    sing N N 110 
GLY CA  HA2  sing N N 111 
GLY CA  HA3  sing N N 112 
GLY C   O    doub N N 113 
GLY C   OXT  sing N N 114 
GLY OXT HXT  sing N N 115 
HIS N   CA   sing N N 116 
HIS N   H    sing N N 117 
HIS N   H2   sing N N 118 
HIS CA  C    sing N N 119 
HIS CA  CB   sing N N 120 
HIS CA  HA   sing N N 121 
HIS C   O    doub N N 122 
HIS C   OXT  sing N N 123 
HIS CB  CG   sing N N 124 
HIS CB  HB2  sing N N 125 
HIS CB  HB3  sing N N 126 
HIS CG  ND1  sing Y N 127 
HIS CG  CD2  doub Y N 128 
HIS ND1 CE1  doub Y N 129 
HIS ND1 HD1  sing N N 130 
HIS CD2 NE2  sing Y N 131 
HIS CD2 HD2  sing N N 132 
HIS CE1 NE2  sing Y N 133 
HIS CE1 HE1  sing N N 134 
HIS NE2 HE2  sing N N 135 
HIS OXT HXT  sing N N 136 
HOH O   H1   sing N N 137 
HOH O   H2   sing N N 138 
ILE N   CA   sing N N 139 
ILE N   H    sing N N 140 
ILE N   H2   sing N N 141 
ILE CA  C    sing N N 142 
ILE CA  CB   sing N N 143 
ILE CA  HA   sing N N 144 
ILE C   O    doub N N 145 
ILE C   OXT  sing N N 146 
ILE CB  CG1  sing N N 147 
ILE CB  CG2  sing N N 148 
ILE CB  HB   sing N N 149 
ILE CG1 CD1  sing N N 150 
ILE CG1 HG12 sing N N 151 
ILE CG1 HG13 sing N N 152 
ILE CG2 HG21 sing N N 153 
ILE CG2 HG22 sing N N 154 
ILE CG2 HG23 sing N N 155 
ILE CD1 HD11 sing N N 156 
ILE CD1 HD12 sing N N 157 
ILE CD1 HD13 sing N N 158 
ILE OXT HXT  sing N N 159 
LEU N   CA   sing N N 160 
LEU N   H    sing N N 161 
LEU N   H2   sing N N 162 
LEU CA  C    sing N N 163 
LEU CA  CB   sing N N 164 
LEU CA  HA   sing N N 165 
LEU C   O    doub N N 166 
LEU C   OXT  sing N N 167 
LEU CB  CG   sing N N 168 
LEU CB  HB2  sing N N 169 
LEU CB  HB3  sing N N 170 
LEU CG  CD1  sing N N 171 
LEU CG  CD2  sing N N 172 
LEU CG  HG   sing N N 173 
LEU CD1 HD11 sing N N 174 
LEU CD1 HD12 sing N N 175 
LEU CD1 HD13 sing N N 176 
LEU CD2 HD21 sing N N 177 
LEU CD2 HD22 sing N N 178 
LEU CD2 HD23 sing N N 179 
LEU OXT HXT  sing N N 180 
LYS N   CA   sing N N 181 
LYS N   H    sing N N 182 
LYS N   H2   sing N N 183 
LYS CA  C    sing N N 184 
LYS CA  CB   sing N N 185 
LYS CA  HA   sing N N 186 
LYS C   O    doub N N 187 
LYS C   OXT  sing N N 188 
LYS CB  CG   sing N N 189 
LYS CB  HB2  sing N N 190 
LYS CB  HB3  sing N N 191 
LYS CG  CD   sing N N 192 
LYS CG  HG2  sing N N 193 
LYS CG  HG3  sing N N 194 
LYS CD  CE   sing N N 195 
LYS CD  HD2  sing N N 196 
LYS CD  HD3  sing N N 197 
LYS CE  NZ   sing N N 198 
LYS CE  HE2  sing N N 199 
LYS CE  HE3  sing N N 200 
LYS NZ  HZ1  sing N N 201 
LYS NZ  HZ2  sing N N 202 
LYS NZ  HZ3  sing N N 203 
LYS OXT HXT  sing N N 204 
MET N   CA   sing N N 205 
MET N   H    sing N N 206 
MET N   H2   sing N N 207 
MET CA  C    sing N N 208 
MET CA  CB   sing N N 209 
MET CA  HA   sing N N 210 
MET C   O    doub N N 211 
MET C   OXT  sing N N 212 
MET CB  CG   sing N N 213 
MET CB  HB2  sing N N 214 
MET CB  HB3  sing N N 215 
MET CG  SD   sing N N 216 
MET CG  HG2  sing N N 217 
MET CG  HG3  sing N N 218 
MET SD  CE   sing N N 219 
MET CE  HE1  sing N N 220 
MET CE  HE2  sing N N 221 
MET CE  HE3  sing N N 222 
MET OXT HXT  sing N N 223 
PHE N   CA   sing N N 224 
PHE N   H    sing N N 225 
PHE N   H2   sing N N 226 
PHE CA  C    sing N N 227 
PHE CA  CB   sing N N 228 
PHE CA  HA   sing N N 229 
PHE C   O    doub N N 230 
PHE C   OXT  sing N N 231 
PHE CB  CG   sing N N 232 
PHE CB  HB2  sing N N 233 
PHE CB  HB3  sing N N 234 
PHE CG  CD1  doub Y N 235 
PHE CG  CD2  sing Y N 236 
PHE CD1 CE1  sing Y N 237 
PHE CD1 HD1  sing N N 238 
PHE CD2 CE2  doub Y N 239 
PHE CD2 HD2  sing N N 240 
PHE CE1 CZ   doub Y N 241 
PHE CE1 HE1  sing N N 242 
PHE CE2 CZ   sing Y N 243 
PHE CE2 HE2  sing N N 244 
PHE CZ  HZ   sing N N 245 
PHE OXT HXT  sing N N 246 
PRO N   CA   sing N N 247 
PRO N   CD   sing N N 248 
PRO N   H    sing N N 249 
PRO CA  C    sing N N 250 
PRO CA  CB   sing N N 251 
PRO CA  HA   sing N N 252 
PRO C   O    doub N N 253 
PRO C   OXT  sing N N 254 
PRO CB  CG   sing N N 255 
PRO CB  HB2  sing N N 256 
PRO CB  HB3  sing N N 257 
PRO CG  CD   sing N N 258 
PRO CG  HG2  sing N N 259 
PRO CG  HG3  sing N N 260 
PRO CD  HD2  sing N N 261 
PRO CD  HD3  sing N N 262 
PRO OXT HXT  sing N N 263 
SER N   CA   sing N N 264 
SER N   H    sing N N 265 
SER N   H2   sing N N 266 
SER CA  C    sing N N 267 
SER CA  CB   sing N N 268 
SER CA  HA   sing N N 269 
SER C   O    doub N N 270 
SER C   OXT  sing N N 271 
SER CB  OG   sing N N 272 
SER CB  HB2  sing N N 273 
SER CB  HB3  sing N N 274 
SER OG  HG   sing N N 275 
SER OXT HXT  sing N N 276 
SO4 S   O1   doub N N 277 
SO4 S   O2   doub N N 278 
SO4 S   O3   sing N N 279 
SO4 S   O4   sing N N 280 
THR N   CA   sing N N 281 
THR N   H    sing N N 282 
THR N   H2   sing N N 283 
THR CA  C    sing N N 284 
THR CA  CB   sing N N 285 
THR CA  HA   sing N N 286 
THR C   O    doub N N 287 
THR C   OXT  sing N N 288 
THR CB  OG1  sing N N 289 
THR CB  CG2  sing N N 290 
THR CB  HB   sing N N 291 
THR OG1 HG1  sing N N 292 
THR CG2 HG21 sing N N 293 
THR CG2 HG22 sing N N 294 
THR CG2 HG23 sing N N 295 
THR OXT HXT  sing N N 296 
TRP N   CA   sing N N 297 
TRP N   H    sing N N 298 
TRP N   H2   sing N N 299 
TRP CA  C    sing N N 300 
TRP CA  CB   sing N N 301 
TRP CA  HA   sing N N 302 
TRP C   O    doub N N 303 
TRP C   OXT  sing N N 304 
TRP CB  CG   sing N N 305 
TRP CB  HB2  sing N N 306 
TRP CB  HB3  sing N N 307 
TRP CG  CD1  doub Y N 308 
TRP CG  CD2  sing Y N 309 
TRP CD1 NE1  sing Y N 310 
TRP CD1 HD1  sing N N 311 
TRP CD2 CE2  doub Y N 312 
TRP CD2 CE3  sing Y N 313 
TRP NE1 CE2  sing Y N 314 
TRP NE1 HE1  sing N N 315 
TRP CE2 CZ2  sing Y N 316 
TRP CE3 CZ3  doub Y N 317 
TRP CE3 HE3  sing N N 318 
TRP CZ2 CH2  doub Y N 319 
TRP CZ2 HZ2  sing N N 320 
TRP CZ3 CH2  sing Y N 321 
TRP CZ3 HZ3  sing N N 322 
TRP CH2 HH2  sing N N 323 
TRP OXT HXT  sing N N 324 
TYR N   CA   sing N N 325 
TYR N   H    sing N N 326 
TYR N   H2   sing N N 327 
TYR CA  C    sing N N 328 
TYR CA  CB   sing N N 329 
TYR CA  HA   sing N N 330 
TYR C   O    doub N N 331 
TYR C   OXT  sing N N 332 
TYR CB  CG   sing N N 333 
TYR CB  HB2  sing N N 334 
TYR CB  HB3  sing N N 335 
TYR CG  CD1  doub Y N 336 
TYR CG  CD2  sing Y N 337 
TYR CD1 CE1  sing Y N 338 
TYR CD1 HD1  sing N N 339 
TYR CD2 CE2  doub Y N 340 
TYR CD2 HD2  sing N N 341 
TYR CE1 CZ   doub Y N 342 
TYR CE1 HE1  sing N N 343 
TYR CE2 CZ   sing Y N 344 
TYR CE2 HE2  sing N N 345 
TYR CZ  OH   sing N N 346 
TYR OH  HH   sing N N 347 
TYR OXT HXT  sing N N 348 
# 
_atom_sites.entry_id                    3B0F 
_atom_sites.fract_transf_matrix[1][1]   0.00407662 
_atom_sites.fract_transf_matrix[1][2]   0.00926855 
_atom_sites.fract_transf_matrix[1][3]   0.00923592 
_atom_sites.fract_transf_matrix[2][1]   -0.00730070 
_atom_sites.fract_transf_matrix[2][2]   0.00963918 
_atom_sites.fract_transf_matrix[2][3]   -0.00645081 
_atom_sites.fract_transf_matrix[3][1]   -0.02433408 
_atom_sites.fract_transf_matrix[3][2]   -0.00672566 
_atom_sites.fract_transf_matrix[3][3]   0.01749018 
_atom_sites.fract_transf_vector[1]      -0.060994 
_atom_sites.fract_transf_vector[2]      -0.244757 
_atom_sites.fract_transf_vector[3]      -0.140600 
# 
loop_
_atom_type.symbol 
C 
N 
O 
S 
# 
loop_
_atom_site.group_PDB 
_atom_site.id 
_atom_site.type_symbol 
_atom_site.label_atom_id 
_atom_site.label_alt_id 
_atom_site.label_comp_id 
_atom_site.label_asym_id 
_atom_site.label_entity_id 
_atom_site.label_seq_id 
_atom_site.pdbx_PDB_ins_code 
_atom_site.Cartn_x 
_atom_site.Cartn_y 
_atom_site.Cartn_z 
_atom_site.occupancy 
_atom_site.B_iso_or_equiv 
_atom_site.pdbx_formal_charge 
_atom_site.auth_seq_id 
_atom_site.auth_comp_id 
_atom_site.auth_asym_id 
_atom_site.auth_atom_id 
_atom_site.pdbx_PDB_model_num 
ATOM   1   N N   . ASP A 1 8  ? -5.517  18.447  3.500   1.00 17.07 ? 8  ASP A N   1 
ATOM   2   C CA  . ASP A 1 8  ? -5.925  18.084  4.886   1.00 16.08 ? 8  ASP A CA  1 
ATOM   3   C C   . ASP A 1 8  ? -4.666  17.904  5.733   1.00 14.03 ? 8  ASP A C   1 
ATOM   4   O O   . ASP A 1 8  ? -3.795  17.084  5.409   1.00 14.26 ? 8  ASP A O   1 
ATOM   5   C CB  . ASP A 1 8  ? -6.749  16.783  4.892   1.00 17.19 ? 8  ASP A CB  1 
ATOM   6   C CG  . ASP A 1 8  ? -7.505  16.551  6.206   1.00 18.07 ? 8  ASP A CG  1 
ATOM   7   O OD1 . ASP A 1 8  ? -6.954  16.741  7.316   1.00 16.19 ? 8  ASP A OD1 1 
ATOM   8   O OD2 . ASP A 1 8  ? -8.692  16.144  6.138   1.00 21.36 ? 8  ASP A OD2 1 
ATOM   9   N N   . PRO A 1 9  ? -4.561  18.656  6.834   1.00 12.12 ? 9  PRO A N   1 
ATOM   10  C CA  . PRO A 1 9  ? -3.368  18.484  7.673   1.00 11.83 ? 9  PRO A CA  1 
ATOM   11  C C   . PRO A 1 9  ? -3.196  17.069  8.230   1.00 11.32 ? 9  PRO A C   1 
ATOM   12  O O   . PRO A 1 9  ? -2.062  16.660  8.470   1.00 11.37 ? 9  PRO A O   1 
ATOM   13  C CB  . PRO A 1 9  ? -3.531  19.524  8.772   1.00 12.02 ? 9  PRO A CB  1 
ATOM   14  C CG  . PRO A 1 9  ? -5.000  19.712  8.825   1.00 11.72 ? 9  PRO A CG  1 
ATOM   15  C CD  . PRO A 1 9  ? -5.505  19.602  7.432   1.00 11.63 ? 9  PRO A CD  1 
ATOM   16  N N   . ARG A 1 10 ? -4.268  16.297  8.401   1.00 10.16 ? 10 ARG A N   1 
ATOM   17  C CA  . ARG A 1 10 ? -4.102  14.928  8.853   1.00 10.49 ? 10 ARG A CA  1 
ATOM   18  C C   . ARG A 1 10 ? -3.398  14.080  7.808   1.00 9.33  ? 10 ARG A C   1 
ATOM   19  O O   . ARG A 1 10 ? -2.659  13.199  8.158   1.00 9.38  ? 10 ARG A O   1 
ATOM   20  C CB  . ARG A 1 10 ? -5.473  14.325  9.178   1.00 10.82 ? 10 ARG A CB  1 
ATOM   21  C CG  . ARG A 1 10 ? -6.214  15.031  10.314  1.00 13.14 ? 10 ARG A CG  1 
ATOM   22  C CD  . ARG A 1 10 ? -7.620  14.388  10.454  1.00 14.55 ? 10 ARG A CD  1 
ATOM   23  N NE  . ARG A 1 10 ? -8.410  14.686  9.270   1.00 13.96 ? 10 ARG A NE  1 
ATOM   24  C CZ  . ARG A 1 10 ? -9.556  14.095  8.917   1.00 16.08 ? 10 ARG A CZ  1 
ATOM   25  N NH1 . ARG A 1 10 ? -10.077 13.126  9.657   1.00 17.50 ? 10 ARG A NH1 1 
ATOM   26  N NH2 . ARG A 1 10 ? -10.173 14.475  7.798   1.00 17.75 ? 10 ARG A NH2 1 
ATOM   27  N N   . LEU A 1 11 ? -3.610  14.349  6.522   1.00 9.22  ? 11 LEU A N   1 
ATOM   28  C CA  . LEU A 1 11 ? -2.886  13.626  5.474   1.00 8.89  ? 11 LEU A CA  1 
ATOM   29  C C   . LEU A 1 11 ? -1.412  14.022  5.524   1.00 8.43  ? 11 LEU A C   1 
ATOM   30  O O   . LEU A 1 11 ? -0.563  13.161  5.480   1.00 9.59  ? 11 LEU A O   1 
ATOM   31  C CB  . LEU A 1 11 ? -3.493  13.860  4.099   1.00 9.71  ? 11 LEU A CB  1 
ATOM   32  C CG  . LEU A 1 11 ? -2.701  13.244  2.932   1.00 8.86  ? 11 LEU A CG  1 
ATOM   33  C CD1 . LEU A 1 11 ? -2.706  11.699  3.053   1.00 11.28 ? 11 LEU A CD1 1 
ATOM   34  C CD2 . LEU A 1 11 ? -3.256  13.696  1.560   1.00 12.24 ? 11 LEU A CD2 1 
ATOM   35  N N   . ILE A 1 12 ? -1.107  15.318  5.592   1.00 8.61  ? 12 ILE A N   1 
ATOM   36  C CA  A ILE A 1 12 ? 0.265   15.792  5.636   0.50 8.39  ? 12 ILE A CA  1 
ATOM   37  C CA  B ILE A 1 12 ? 0.297   15.722  5.601   0.50 8.30  ? 12 ILE A CA  1 
ATOM   38  C C   . ILE A 1 12 ? 1.021   15.131  6.795   1.00 7.60  ? 12 ILE A C   1 
ATOM   39  O O   . ILE A 1 12 ? 2.124   14.604  6.654   1.00 8.82  ? 12 ILE A O   1 
ATOM   40  C CB  A ILE A 1 12 ? 0.252   17.326  5.783   0.50 9.15  ? 12 ILE A CB  1 
ATOM   41  C CB  B ILE A 1 12 ? 0.457   17.239  5.599   0.50 9.06  ? 12 ILE A CB  1 
ATOM   42  C CG1 A ILE A 1 12 ? -0.606  17.964  4.667   0.50 8.62  ? 12 ILE A CG1 1 
ATOM   43  C CG1 B ILE A 1 12 ? 0.150   17.803  4.203   0.50 9.33  ? 12 ILE A CG1 1 
ATOM   44  C CG2 A ILE A 1 12 ? 1.660   17.880  5.708   0.50 9.62  ? 12 ILE A CG2 1 
ATOM   45  C CG2 B ILE A 1 12 ? 1.868   17.644  6.073   0.50 8.32  ? 12 ILE A CG2 1 
ATOM   46  C CD1 A ILE A 1 12 ? -0.688  19.490  4.695   0.50 7.60  ? 12 ILE A CD1 1 
ATOM   47  C CD1 B ILE A 1 12 ? 0.706   16.922  3.078   0.50 12.87 ? 12 ILE A CD1 1 
ATOM   48  N N   A GLU A 1 13 ? 0.401   15.180  7.969   0.50 7.49  ? 13 GLU A N   1 
ATOM   49  N N   B GLU A 1 13 ? 0.391   15.205  7.964   0.50 7.63  ? 13 GLU A N   1 
ATOM   50  C CA  A GLU A 1 13 ? 1.081   14.705  9.160   0.50 7.71  ? 13 GLU A CA  1 
ATOM   51  C CA  B GLU A 1 13 ? 1.031   14.711  9.173   0.50 8.12  ? 13 GLU A CA  1 
ATOM   52  C C   A GLU A 1 13 ? 1.257   13.198  9.151   0.50 7.74  ? 13 GLU A C   1 
ATOM   53  C C   B GLU A 1 13 ? 1.262   13.212  9.115   0.50 7.87  ? 13 GLU A C   1 
ATOM   54  O O   A GLU A 1 13 ? 2.305   12.692  9.545   0.50 8.37  ? 13 GLU A O   1 
ATOM   55  O O   B GLU A 1 13 ? 2.345   12.728  9.447   0.50 8.44  ? 13 GLU A O   1 
ATOM   56  C CB  A GLU A 1 13 ? 0.320   15.155  10.407  0.50 8.69  ? 13 GLU A CB  1 
ATOM   57  C CB  B GLU A 1 13 ? 0.179   15.070  10.391  0.50 9.16  ? 13 GLU A CB  1 
ATOM   58  C CG  A GLU A 1 13 ? 0.255   16.675  10.529  0.50 9.27  ? 13 GLU A CG  1 
ATOM   59  C CG  B GLU A 1 13 ? 0.168   16.572  10.696  0.50 11.77 ? 13 GLU A CG  1 
ATOM   60  C CD  A GLU A 1 13 ? 1.564   17.271  10.997  0.50 10.11 ? 13 GLU A CD  1 
ATOM   61  C CD  B GLU A 1 13 ? -1.126  17.022  11.344  0.50 14.68 ? 13 GLU A CD  1 
ATOM   62  O OE1 A GLU A 1 13 ? 1.740   18.496  10.835  0.50 9.38  ? 13 GLU A OE1 1 
ATOM   63  O OE1 B GLU A 1 13 ? -2.026  16.171  11.512  0.50 17.82 ? 13 GLU A OE1 1 
ATOM   64  O OE2 A GLU A 1 13 ? 2.405   16.540  11.558  0.50 13.37 ? 13 GLU A OE2 1 
ATOM   65  O OE2 B GLU A 1 13 ? -1.253  18.221  11.649  0.50 17.81 ? 13 GLU A OE2 1 
ATOM   66  N N   . SER A 1 14 ? 0.247   12.464  8.698   1.00 7.38  ? 14 SER A N   1 
ATOM   67  C CA  . SER A 1 14 ? 0.394   11.015  8.629   1.00 7.57  ? 14 SER A CA  1 
ATOM   68  C C   . SER A 1 14 ? 1.371   10.578  7.519   1.00 8.16  ? 14 SER A C   1 
ATOM   69  O O   . SER A 1 14 ? 2.138   9.663   7.775   1.00 7.90  ? 14 SER A O   1 
ATOM   70  C CB  . SER A 1 14 ? -0.961  10.324  8.581   1.00 7.89  ? 14 SER A CB  1 
ATOM   71  O OG  . SER A 1 14 ? -1.693  10.671  7.409   1.00 9.41  ? 14 SER A OG  1 
ATOM   72  N N   . LEU A 1 15 ? 1.329   11.191  6.336   1.00 7.51  ? 15 LEU A N   1 
ATOM   73  C CA  . LEU A 1 15 ? 2.322   10.913  5.309   1.00 8.38  ? 15 LEU A CA  1 
ATOM   74  C C   . LEU A 1 15 ? 3.707   11.175  5.816   1.00 7.50  ? 15 LEU A C   1 
ATOM   75  O O   . LEU A 1 15 ? 4.602   10.356  5.570   1.00 8.07  ? 15 LEU A O   1 
ATOM   76  C CB  . LEU A 1 15 ? 2.097   11.750  4.038   1.00 9.15  ? 15 LEU A CB  1 
ATOM   77  C CG  . LEU A 1 15 ? 1.000   11.297  3.094   1.00 9.16  ? 15 LEU A CG  1 
ATOM   78  C CD1 . LEU A 1 15 ? 0.837   12.334  2.019   1.00 8.63  ? 15 LEU A CD1 1 
ATOM   79  C CD2 . LEU A 1 15 ? 1.407   9.946   2.462   1.00 9.25  ? 15 LEU A CD2 1 
ATOM   80  N N   . SER A 1 16 ? 3.901   12.291  6.522   1.00 7.30  ? 16 SER A N   1 
ATOM   81  C CA  . SER A 1 16 ? 5.226   12.620  7.001   1.00 7.86  ? 16 SER A CA  1 
ATOM   82  C C   . SER A 1 16 ? 5.731   11.546  7.947   1.00 7.16  ? 16 SER A C   1 
ATOM   83  O O   . SER A 1 16 ? 6.885   11.138  7.866   1.00 8.62  ? 16 SER A O   1 
ATOM   84  C CB  . SER A 1 16 ? 5.190   13.977  7.706   1.00 8.85  ? 16 SER A CB  1 
ATOM   85  O OG  . SER A 1 16 ? 6.516   14.278  8.226   1.00 12.20 ? 16 SER A OG  1 
ATOM   86  N N   . GLN A 1 17 ? 4.857   11.074  8.842   1.00 7.12  ? 17 GLN A N   1 
ATOM   87  C CA  . GLN A 1 17 ? 5.268   10.039  9.780   1.00 7.26  ? 17 GLN A CA  1 
ATOM   88  C C   . GLN A 1 17 ? 5.596   8.744   9.016   1.00 7.65  ? 17 GLN A C   1 
ATOM   89  O O   . GLN A 1 17 ? 6.588   8.069   9.329   1.00 8.96  ? 17 GLN A O   1 
ATOM   90  C CB  . GLN A 1 17 ? 4.139   9.767   10.775  1.00 7.63  ? 17 GLN A CB  1 
ATOM   91  C CG  . GLN A 1 17 ? 3.940   10.856  11.790  1.00 7.41  ? 17 GLN A CG  1 
ATOM   92  C CD  . GLN A 1 17 ? 5.016   10.897  12.854  1.00 7.81  ? 17 GLN A CD  1 
ATOM   93  O OE1 . GLN A 1 17 ? 5.803   9.957   13.000  1.00 10.04 ? 17 GLN A OE1 1 
ATOM   94  N NE2 . GLN A 1 17 ? 5.047   11.988  13.616  1.00 8.20  ? 17 GLN A NE2 1 
ATOM   95  N N   . MET A 1 18 ? 4.796   8.380   8.016   1.00 7.94  ? 18 MET A N   1 
ATOM   96  C CA  A MET A 1 18 ? 5.061   7.176   7.210   0.50 8.20  ? 18 MET A CA  1 
ATOM   97  C CA  B MET A 1 18 ? 5.123   7.151   7.331   0.50 8.51  ? 18 MET A CA  1 
ATOM   98  C C   . MET A 1 18 ? 6.363   7.282   6.421   1.00 7.84  ? 18 MET A C   1 
ATOM   99  O O   . MET A 1 18 ? 7.141   6.301   6.295   1.00 7.79  ? 18 MET A O   1 
ATOM   100 C CB  A MET A 1 18 ? 3.884   6.914   6.264   0.50 7.79  ? 18 MET A CB  1 
ATOM   101 C CB  B MET A 1 18 ? 3.867   6.569   6.687   0.50 9.21  ? 18 MET A CB  1 
ATOM   102 C CG  A MET A 1 18 ? 2.607   6.444   6.981   0.50 8.31  ? 18 MET A CG  1 
ATOM   103 C CG  B MET A 1 18 ? 2.806   6.287   7.772   0.50 9.33  ? 18 MET A CG  1 
ATOM   104 S SD  A MET A 1 18 ? 2.771   4.885   7.897   0.50 7.15  ? 18 MET A SD  1 
ATOM   105 S SD  B MET A 1 18 ? 1.398   5.248   7.330   0.50 10.94 ? 18 MET A SD  1 
ATOM   106 C CE  A MET A 1 18 ? 2.630   3.690   6.554   0.50 8.35  ? 18 MET A CE  1 
ATOM   107 C CE  B MET A 1 18 ? 2.154   3.692   6.922   0.50 9.81  ? 18 MET A CE  1 
ATOM   108 N N   . LEU A 1 19 ? 6.635   8.469   5.881   1.00 8.43  ? 19 LEU A N   1 
ATOM   109 C CA  . LEU A 1 19 ? 7.893   8.668   5.147   1.00 8.85  ? 19 LEU A CA  1 
ATOM   110 C C   . LEU A 1 19 ? 9.081   8.503   6.046   1.00 8.33  ? 19 LEU A C   1 
ATOM   111 O O   . LEU A 1 19 ? 10.090  7.916   5.654   1.00 9.58  ? 19 LEU A O   1 
ATOM   112 C CB  . LEU A 1 19 ? 7.917   10.036  4.513   1.00 9.73  ? 19 LEU A CB  1 
ATOM   113 C CG  . LEU A 1 19 ? 7.601   10.136  3.052   1.00 14.77 ? 19 LEU A CG  1 
ATOM   114 C CD1 . LEU A 1 19 ? 6.292   9.460   2.530   1.00 17.82 ? 19 LEU A CD1 1 
ATOM   115 C CD2 . LEU A 1 19 ? 7.663   11.665  2.723   1.00 15.41 ? 19 LEU A CD2 1 
ATOM   116 N N   . SER A 1 20 ? 8.940   8.921   7.304   1.00 8.32  ? 20 SER A N   1 
ATOM   117 C CA  . SER A 1 20 ? 10.016  8.765   8.256   1.00 9.15  ? 20 SER A CA  1 
ATOM   118 C C   . SER A 1 20 ? 10.274  7.292   8.608   1.00 9.64  ? 20 SER A C   1 
ATOM   119 O O   . SER A 1 20 ? 11.375  6.921   9.015   1.00 10.61 ? 20 SER A O   1 
ATOM   120 C CB  . SER A 1 20 ? 9.739   9.573   9.506   1.00 10.61 ? 20 SER A CB  1 
ATOM   121 O OG  . SER A 1 20 ? 10.054  10.950  9.309   1.00 11.91 ? 20 SER A OG  1 
ATOM   122 N N   . MET A 1 21 ? 9.259   6.451   8.425   1.00 9.76  ? 21 MET A N   1 
ATOM   123 C CA  A MET A 1 21 ? 9.415   5.011   8.600   0.50 10.41 ? 21 MET A CA  1 
ATOM   124 C CA  B MET A 1 21 ? 9.425   5.008   8.595   0.50 10.34 ? 21 MET A CA  1 
ATOM   125 C C   . MET A 1 21 ? 10.001  4.316   7.381   1.00 10.75 ? 21 MET A C   1 
ATOM   126 O O   . MET A 1 21 ? 10.214  3.095   7.399   1.00 12.50 ? 21 MET A O   1 
ATOM   127 C CB  A MET A 1 21 ? 8.072   4.358   8.914   0.50 11.15 ? 21 MET A CB  1 
ATOM   128 C CB  B MET A 1 21 ? 8.100   4.328   8.924   0.50 10.93 ? 21 MET A CB  1 
ATOM   129 C CG  A MET A 1 21 ? 7.306   5.032   10.018  0.50 11.50 ? 21 MET A CG  1 
ATOM   130 C CG  B MET A 1 21 ? 7.614   4.627   10.299  0.50 11.27 ? 21 MET A CG  1 
ATOM   131 S SD  A MET A 1 21 ? 5.762   4.177   10.357  0.50 12.54 ? 21 MET A SD  1 
ATOM   132 S SD  B MET A 1 21 ? 6.143   3.711   10.778  0.50 10.60 ? 21 MET A SD  1 
ATOM   133 C CE  A MET A 1 21 ? 6.375   2.591   10.929  0.50 11.39 ? 21 MET A CE  1 
ATOM   134 C CE  B MET A 1 21 ? 5.124   5.076   11.320  0.50 9.13  ? 21 MET A CE  1 
ATOM   135 N N   . GLY A 1 22 ? 10.257  5.060   6.325   1.00 9.70  ? 22 GLY A N   1 
ATOM   136 C CA  . GLY A 1 22 ? 10.857  4.466   5.143   1.00 11.24 ? 22 GLY A CA  1 
ATOM   137 C C   . GLY A 1 22 ? 9.872   4.105   4.075   1.00 11.57 ? 22 GLY A C   1 
ATOM   138 O O   . GLY A 1 22 ? 10.278  3.498   3.105   1.00 13.75 ? 22 GLY A O   1 
ATOM   139 N N   . PHE A 1 23 ? 8.592   4.461   4.225   1.00 10.19 ? 23 PHE A N   1 
ATOM   140 C CA  . PHE A 1 23 ? 7.603   4.257   3.154   1.00 11.57 ? 23 PHE A CA  1 
ATOM   141 C C   . PHE A 1 23 ? 7.507   5.392   2.180   1.00 12.97 ? 23 PHE A C   1 
ATOM   142 O O   . PHE A 1 23 ? 7.106   6.517   2.576   1.00 16.50 ? 23 PHE A O   1 
ATOM   143 C CB  . PHE A 1 23 ? 6.208   4.078   3.735   1.00 11.11 ? 23 PHE A CB  1 
ATOM   144 C CG  . PHE A 1 23 ? 6.089   2.921   4.633   1.00 8.30  ? 23 PHE A CG  1 
ATOM   145 C CD1 . PHE A 1 23 ? 6.035   3.123   5.989   1.00 8.53  ? 23 PHE A CD1 1 
ATOM   146 C CD2 . PHE A 1 23 ? 6.063   1.639   4.148   1.00 8.66  ? 23 PHE A CD2 1 
ATOM   147 C CE1 . PHE A 1 23 ? 5.950   2.078   6.866   1.00 8.11  ? 23 PHE A CE1 1 
ATOM   148 C CE2 . PHE A 1 23 ? 5.966   0.575   5.015   1.00 9.34  ? 23 PHE A CE2 1 
ATOM   149 C CZ  . PHE A 1 23 ? 5.922   0.782   6.397   1.00 8.70  ? 23 PHE A CZ  1 
ATOM   150 N N   . SER A 1 24 ? 7.693   5.099   0.908   1.00 11.95 ? 24 SER A N   1 
ATOM   151 C CA  . SER A 1 24 ? 7.537   6.125   -0.100  1.00 12.84 ? 24 SER A CA  1 
ATOM   152 C C   . SER A 1 24 ? 6.084   6.238   -0.501  1.00 11.95 ? 24 SER A C   1 
ATOM   153 O O   . SER A 1 24 ? 5.221   5.465   -0.028  1.00 14.84 ? 24 SER A O   1 
ATOM   154 C CB  . SER A 1 24 ? 8.415   5.825   -1.317  1.00 14.55 ? 24 SER A CB  1 
ATOM   155 O OG  . SER A 1 24 ? 8.516   4.461   -1.493  1.00 20.33 ? 24 SER A OG  1 
ATOM   156 N N   . ASP A 1 25 ? 5.771   7.250   -1.287  1.00 9.60  ? 25 ASP A N   1 
ATOM   157 C CA  . ASP A 1 25 ? 4.407   7.407   -1.780  1.00 9.92  ? 25 ASP A CA  1 
ATOM   158 C C   . ASP A 1 25 ? 4.417   7.467   -3.287  1.00 9.79  ? 25 ASP A C   1 
ATOM   159 O O   . ASP A 1 25 ? 3.642   8.197   -3.913  1.00 9.42  ? 25 ASP A O   1 
ATOM   160 C CB  . ASP A 1 25 ? 3.842   8.691   -1.208  1.00 9.62  ? 25 ASP A CB  1 
ATOM   161 C CG  . ASP A 1 25 ? 2.350   8.855   -1.382  1.00 10.22 ? 25 ASP A CG  1 
ATOM   162 O OD1 . ASP A 1 25 ? 1.627   7.890   -1.679  1.00 9.89  ? 25 ASP A OD1 1 
ATOM   163 O OD2 . ASP A 1 25 ? 1.946   10.008  -1.097  1.00 12.21 ? 25 ASP A OD2 1 
ATOM   164 N N   . GLU A 1 26 ? 5.278   6.666   -3.911  1.00 11.22 ? 26 GLU A N   1 
ATOM   165 C CA  . GLU A 1 26 ? 5.381   6.689   -5.359  1.00 12.29 ? 26 GLU A CA  1 
ATOM   166 C C   . GLU A 1 26 ? 4.042   6.263   -5.939  1.00 11.06 ? 26 GLU A C   1 
ATOM   167 O O   . GLU A 1 26 ? 3.464   5.297   -5.512  1.00 11.72 ? 26 GLU A O   1 
ATOM   168 C CB  . GLU A 1 26 ? 6.495   5.758   -5.838  1.00 15.28 ? 26 GLU A CB  1 
ATOM   169 C CG  . GLU A 1 26 ? 6.939   6.150   -7.211  1.00 21.13 ? 26 GLU A CG  1 
ATOM   170 C CD  . GLU A 1 26 ? 7.804   5.101   -7.881  1.00 28.43 ? 26 GLU A CD  1 
ATOM   171 O OE1 . GLU A 1 26 ? 8.425   4.273   -7.161  1.00 31.22 ? 26 GLU A OE1 1 
ATOM   172 O OE2 . GLU A 1 26 ? 7.859   5.117   -9.140  1.00 31.21 ? 26 GLU A OE2 1 
ATOM   173 N N   . GLY A 1 27 ? 3.525   7.033   -6.887  1.00 9.82  ? 27 GLY A N   1 
ATOM   174 C CA  . GLY A 1 27 ? 2.222   6.766   -7.472  1.00 10.30 ? 27 GLY A CA  1 
ATOM   175 C C   . GLY A 1 27 ? 1.025   7.010   -6.584  1.00 9.09  ? 27 GLY A C   1 
ATOM   176 O O   . GLY A 1 27 ? -0.102  6.723   -6.973  1.00 11.25 ? 27 GLY A O   1 
ATOM   177 N N   . GLY A 1 28 ? 1.248   7.502   -5.373  1.00 8.81  ? 28 GLY A N   1 
ATOM   178 C CA  . GLY A 1 28 ? 0.136   7.845   -4.478  1.00 8.14  ? 28 GLY A CA  1 
ATOM   179 C C   . GLY A 1 28 ? -0.447  6.645   -3.758  1.00 7.03  ? 28 GLY A C   1 
ATOM   180 O O   . GLY A 1 28 ? -1.521  6.781   -3.165  1.00 7.40  ? 28 GLY A O   1 
ATOM   181 N N   . TRP A 1 29 ? 0.245   5.488   -3.714  1.00 6.87  ? 29 TRP A N   1 
ATOM   182 C CA  . TRP A 1 29 ? -0.342  4.347   -3.024  1.00 5.61  ? 29 TRP A CA  1 
ATOM   183 C C   . TRP A 1 29 ? -0.529  4.581   -1.552  1.00 6.61  ? 29 TRP A C   1 
ATOM   184 O O   . TRP A 1 29 ? -1.524  4.105   -0.984  1.00 7.15  ? 29 TRP A O   1 
ATOM   185 C CB  . TRP A 1 29 ? 0.501   3.052   -3.230  1.00 6.49  ? 29 TRP A CB  1 
ATOM   186 C CG  . TRP A 1 29 ? 1.820   3.039   -2.474  1.00 5.22  ? 29 TRP A CG  1 
ATOM   187 C CD1 . TRP A 1 29 ? 3.021   3.550   -2.875  1.00 6.72  ? 29 TRP A CD1 1 
ATOM   188 C CD2 . TRP A 1 29 ? 2.005   2.568   -1.112  1.00 6.43  ? 29 TRP A CD2 1 
ATOM   189 N NE1 . TRP A 1 29 ? 3.949   3.377   -1.862  1.00 8.14  ? 29 TRP A NE1 1 
ATOM   190 C CE2 . TRP A 1 29 ? 3.352   2.812   -0.768  1.00 6.32  ? 29 TRP A CE2 1 
ATOM   191 C CE3 . TRP A 1 29 ? 1.153   1.965   -0.149  1.00 6.85  ? 29 TRP A CE3 1 
ATOM   192 C CZ2 . TRP A 1 29 ? 3.898   2.411   0.482   1.00 6.65  ? 29 TRP A CZ2 1 
ATOM   193 C CZ3 . TRP A 1 29 ? 1.682   1.592   1.098   1.00 7.08  ? 29 TRP A CZ3 1 
ATOM   194 C CH2 . TRP A 1 29 ? 3.049   1.840   1.398   1.00 7.02  ? 29 TRP A CH2 1 
ATOM   195 N N   . LEU A 1 30 ? 0.403   5.339   -0.945  1.00 5.43  ? 30 LEU A N   1 
ATOM   196 C CA  . LEU A 1 30 ? 0.369   5.516   0.502   1.00 6.78  ? 30 LEU A CA  1 
ATOM   197 C C   . LEU A 1 30 ? -0.639  6.590   0.866   1.00 5.80  ? 30 LEU A C   1 
ATOM   198 O O   . LEU A 1 30 ? -1.382  6.467   1.839   1.00 6.56  ? 30 LEU A O   1 
ATOM   199 C CB  . LEU A 1 30 ? 1.778   5.849   0.998   1.00 7.85  ? 30 LEU A CB  1 
ATOM   200 C CG  . LEU A 1 30 ? 1.870   6.168   2.476   1.00 8.92  ? 30 LEU A CG  1 
ATOM   201 C CD1 . LEU A 1 30 ? 1.427   4.963   3.268   1.00 11.39 ? 30 LEU A CD1 1 
ATOM   202 C CD2 . LEU A 1 30 ? 3.260   6.679   2.826   1.00 12.05 ? 30 LEU A CD2 1 
ATOM   203 N N   . THR A 1 31 ? -0.741  7.623   0.049   1.00 6.18  ? 31 THR A N   1 
ATOM   204 C CA  . THR A 1 31 ? -1.818  8.600   0.210   1.00 6.52  ? 31 THR A CA  1 
ATOM   205 C C   . THR A 1 31 ? -3.177  7.894   0.156   1.00 6.69  ? 31 THR A C   1 
ATOM   206 O O   . THR A 1 31 ? -4.049  8.122   1.005   1.00 6.74  ? 31 THR A O   1 
ATOM   207 C CB  . THR A 1 31 ? -1.772  9.658   -0.927  1.00 5.55  ? 31 THR A CB  1 
ATOM   208 O OG1 . THR A 1 31 ? -0.622  10.479  -0.720  1.00 8.03  ? 31 THR A OG1 1 
ATOM   209 C CG2 . THR A 1 31 ? -3.027  10.555  -0.936  1.00 7.85  ? 31 THR A CG2 1 
ATOM   210 N N   . ARG A 1 32 ? -3.366  6.997   -0.827  1.00 6.56  ? 32 ARG A N   1 
ATOM   211 C CA  A ARG A 1 32 ? -4.611  6.228   -1.019  0.50 6.90  ? 32 ARG A CA  1 
ATOM   212 C CA  B ARG A 1 32 ? -4.663  6.341   -0.933  0.50 6.65  ? 32 ARG A CA  1 
ATOM   213 C C   . ARG A 1 32 ? -4.905  5.383   0.254   1.00 5.74  ? 32 ARG A C   1 
ATOM   214 O O   . ARG A 1 32 ? -6.030  5.386   0.801   1.00 7.67  ? 32 ARG A O   1 
ATOM   215 C CB  A ARG A 1 32 ? -4.441  5.303   -2.238  0.50 6.63  ? 32 ARG A CB  1 
ATOM   216 C CB  B ARG A 1 32 ? -4.820  5.626   -2.260  0.50 5.97  ? 32 ARG A CB  1 
ATOM   217 C CG  A ARG A 1 32 ? -5.704  4.566   -2.758  0.50 6.88  ? 32 ARG A CG  1 
ATOM   218 C CG  B ARG A 1 32 ? -6.166  4.955   -2.473  0.50 6.89  ? 32 ARG A CG  1 
ATOM   219 C CD  A ARG A 1 32 ? -6.675  5.422   -3.604  0.50 5.91  ? 32 ARG A CD  1 
ATOM   220 C CD  B ARG A 1 32 ? -7.390  5.852   -2.166  0.50 7.10  ? 32 ARG A CD  1 
ATOM   221 N NE  A ARG A 1 32 ? -7.253  6.482   -2.789  0.50 7.21  ? 32 ARG A NE  1 
ATOM   222 N NE  B ARG A 1 32 ? -7.445  7.095   -2.936  0.50 8.40  ? 32 ARG A NE  1 
ATOM   223 C CZ  A ARG A 1 32 ? -8.306  6.331   -1.999  0.50 6.54  ? 32 ARG A CZ  1 
ATOM   224 C CZ  B ARG A 1 32 ? -7.881  7.198   -4.195  0.50 8.41  ? 32 ARG A CZ  1 
ATOM   225 N NH1 A ARG A 1 32 ? -8.931  5.171   -1.925  0.50 7.53  ? 32 ARG A NH1 1 
ATOM   226 N NH1 B ARG A 1 32 ? -8.234  6.114   -4.855  0.50 6.90  ? 32 ARG A NH1 1 
ATOM   227 N NH2 A ARG A 1 32 ? -8.742  7.341   -1.262  0.50 6.90  ? 32 ARG A NH2 1 
ATOM   228 N NH2 B ARG A 1 32 ? -7.898  8.381   -4.823  0.50 9.83  ? 32 ARG A NH2 1 
ATOM   229 N N   . LEU A 1 33 ? -3.891  4.633   0.709   1.00 5.70  ? 33 LEU A N   1 
ATOM   230 C CA  . LEU A 1 33 ? -4.022  3.825   1.927   1.00 6.55  ? 33 LEU A CA  1 
ATOM   231 C C   . LEU A 1 33 ? -4.444  4.687   3.133   1.00 5.06  ? 33 LEU A C   1 
ATOM   232 O O   . LEU A 1 33 ? -5.379  4.341   3.862   1.00 6.78  ? 33 LEU A O   1 
ATOM   233 C CB  . LEU A 1 33 ? -2.748  3.045   2.213   1.00 6.17  ? 33 LEU A CB  1 
ATOM   234 C CG  . LEU A 1 33 ? -2.739  2.211   3.510   1.00 7.16  ? 33 LEU A CG  1 
ATOM   235 C CD1 . LEU A 1 33 ? -3.865  1.161   3.522   1.00 8.62  ? 33 LEU A CD1 1 
ATOM   236 C CD2 . LEU A 1 33 ? -1.352  1.636   3.682   1.00 7.46  ? 33 LEU A CD2 1 
ATOM   237 N N   . LEU A 1 34 ? -3.757  5.806   3.352   1.00 5.50  ? 34 LEU A N   1 
ATOM   238 C CA  . LEU A 1 34 ? -4.043  6.647   4.500   1.00 6.86  ? 34 LEU A CA  1 
ATOM   239 C C   . LEU A 1 34 ? -5.439  7.228   4.392   1.00 6.35  ? 34 LEU A C   1 
ATOM   240 O O   . LEU A 1 34 ? -6.172  7.241   5.377   1.00 7.04  ? 34 LEU A O   1 
ATOM   241 C CB  . LEU A 1 34 ? -2.983  7.722   4.666   1.00 6.52  ? 34 LEU A CB  1 
ATOM   242 C CG  . LEU A 1 34 ? -1.651  7.231   5.244   1.00 6.93  ? 34 LEU A CG  1 
ATOM   243 C CD1 . LEU A 1 34 ? -0.588  8.282   5.025   1.00 8.35  ? 34 LEU A CD1 1 
ATOM   244 C CD2 . LEU A 1 34 ? -1.783  6.806   6.732   1.00 9.46  ? 34 LEU A CD2 1 
ATOM   245 N N   . GLN A 1 35 ? -5.837  7.645   3.183   1.00 6.82  ? 35 GLN A N   1 
ATOM   246 C CA  . GLN A 1 35 ? -7.191  8.142   3.014   1.00 7.41  ? 35 GLN A CA  1 
ATOM   247 C C   . GLN A 1 35 ? -8.203  7.079   3.358   1.00 7.01  ? 35 GLN A C   1 
ATOM   248 O O   . GLN A 1 35 ? -9.200  7.361   4.076   1.00 8.26  ? 35 GLN A O   1 
ATOM   249 C CB  . GLN A 1 35 ? -7.433  8.624   1.587   1.00 8.52  ? 35 GLN A CB  1 
ATOM   250 C CG  . GLN A 1 35 ? -6.706  9.898   1.305   1.00 7.87  ? 35 GLN A CG  1 
ATOM   251 C CD  . GLN A 1 35 ? -6.734  10.295  -0.165  1.00 9.18  ? 35 GLN A CD  1 
ATOM   252 O OE1 . GLN A 1 35 ? -6.736  9.429   -1.059  1.00 10.73 ? 35 GLN A OE1 1 
ATOM   253 N NE2 . GLN A 1 35 ? -6.604  11.603  -0.426  1.00 13.88 ? 35 GLN A NE2 1 
ATOM   254 N N   A THR A 1 36 ? -8.010  5.828   2.918   0.50 7.08  ? 36 THR A N   1 
ATOM   255 N N   B THR A 1 36 ? -7.953  5.856   2.910   0.50 6.52  ? 36 THR A N   1 
ATOM   256 C CA  A THR A 1 36 ? -9.040  4.799   3.221   0.50 7.81  ? 36 THR A CA  1 
ATOM   257 C CA  B THR A 1 36 ? -8.951  4.818   3.074   0.50 7.10  ? 36 THR A CA  1 
ATOM   258 C C   A THR A 1 36 ? -9.131  4.500   4.688   0.50 8.12  ? 36 THR A C   1 
ATOM   259 C C   B THR A 1 36 ? -9.016  4.315   4.548   0.50 7.46  ? 36 THR A C   1 
ATOM   260 O O   A THR A 1 36 ? -10.172 4.105   5.234   0.50 9.04  ? 36 THR A O   1 
ATOM   261 O O   B THR A 1 36 ? -9.992  3.675   4.979   0.50 8.91  ? 36 THR A O   1 
ATOM   262 C CB  A THR A 1 36 ? -8.780  3.440   2.547   0.50 8.49  ? 36 THR A CB  1 
ATOM   263 C CB  B THR A 1 36 ? -8.793  3.740   1.934   0.50 7.10  ? 36 THR A CB  1 
ATOM   264 O OG1 A THR A 1 36 ? -7.618  2.794   3.122   0.50 7.64  ? 36 THR A OG1 1 
ATOM   265 O OG1 B THR A 1 36 ? -10.037 3.089   1.701   0.50 7.06  ? 36 THR A OG1 1 
ATOM   266 C CG2 A THR A 1 36 ? -8.684  3.621   1.034   0.50 9.08  ? 36 THR A CG2 1 
ATOM   267 C CG2 B THR A 1 36 ? -7.773  2.681   2.262   0.50 6.90  ? 36 THR A CG2 1 
ATOM   268 N N   . LYS A 1 37 ? -8.009  4.696   5.343   1.00 8.72  ? 37 LYS A N   1 
ATOM   269 C CA  . LYS A 1 37 ? -7.945  4.454   6.783   1.00 9.65  ? 37 LYS A CA  1 
ATOM   270 C C   . LYS A 1 37 ? -8.215  5.685   7.678   1.00 10.15 ? 37 LYS A C   1 
ATOM   271 O O   . LYS A 1 37 ? -7.951  5.644   8.900   1.00 11.41 ? 37 LYS A O   1 
ATOM   272 C CB  . LYS A 1 37 ? -6.601  3.793   7.169   1.00 11.07 ? 37 LYS A CB  1 
ATOM   273 C CG  . LYS A 1 37 ? -6.352  2.504   6.490   1.00 13.64 ? 37 LYS A CG  1 
ATOM   274 C CD  . LYS A 1 37 ? -7.456  1.493   6.828   1.00 15.99 ? 37 LYS A CD  1 
ATOM   275 C CE  . LYS A 1 37 ? -7.006  0.131   6.476   1.00 20.32 ? 37 LYS A CE  1 
ATOM   276 N NZ  . LYS A 1 37 ? -8.180  -0.770  6.576   1.00 20.75 ? 37 LYS A NZ  1 
ATOM   277 N N   A ASN A 1 38 ? -8.676  6.769   7.053   0.70 9.71  ? 38 ASN A N   1 
ATOM   278 N N   B ASN A 1 38 ? -8.815  6.739   7.109   0.30 9.57  ? 38 ASN A N   1 
ATOM   279 C CA  A ASN A 1 38 ? -8.982  7.988   7.779   0.70 10.18 ? 38 ASN A CA  1 
ATOM   280 C CA  B ASN A 1 38 ? -8.989  8.042   7.791   0.30 9.22  ? 38 ASN A CA  1 
ATOM   281 C C   A ASN A 1 38 ? -7.775  8.459   8.568   0.70 9.92  ? 38 ASN A C   1 
ATOM   282 C C   B ASN A 1 38 ? -7.753  8.417   8.602   0.30 9.18  ? 38 ASN A C   1 
ATOM   283 O O   A ASN A 1 38 ? -7.918  8.999   9.676   0.70 10.75 ? 38 ASN A O   1 
ATOM   284 O O   B ASN A 1 38 ? -7.858  8.817   9.770   0.30 9.59  ? 38 ASN A O   1 
ATOM   285 C CB  A ASN A 1 38 ? -10.205 7.732   8.661   0.70 10.89 ? 38 ASN A CB  1 
ATOM   286 C CB  B ASN A 1 38 ? -10.253 8.095   8.681   0.30 9.06  ? 38 ASN A CB  1 
ATOM   287 C CG  A ASN A 1 38 ? -11.357 7.200   7.840   0.70 14.35 ? 38 ASN A CG  1 
ATOM   288 C CG  B ASN A 1 38 ? -10.896 9.489   8.722   0.30 9.90  ? 38 ASN A CG  1 
ATOM   289 O OD1 A ASN A 1 38 ? -11.667 7.778   6.800   0.70 15.84 ? 38 ASN A OD1 1 
ATOM   290 O OD1 B ASN A 1 38 ? -10.846 10.245  7.746   0.30 12.19 ? 38 ASN A OD1 1 
ATOM   291 N ND2 A ASN A 1 38 ? -11.950 6.074   8.255   0.70 17.75 ? 38 ASN A ND2 1 
ATOM   292 N ND2 B ASN A 1 38 ? -11.546 9.809   9.842   0.30 10.57 ? 38 ASN A ND2 1 
ATOM   293 N N   . TYR A 1 39 ? -6.583  8.275   7.971   1.00 8.87  ? 39 TYR A N   1 
ATOM   294 C CA  . TYR A 1 39 ? -5.304  8.799   8.500   1.00 9.32  ? 39 TYR A CA  1 
ATOM   295 C C   . TYR A 1 39 ? -4.853  8.116   9.763   1.00 9.12  ? 39 TYR A C   1 
ATOM   296 O O   . TYR A 1 39 ? -3.972  8.635   10.451  1.00 11.23 ? 39 TYR A O   1 
ATOM   297 C CB  . TYR A 1 39 ? -5.319  10.342  8.665   1.00 9.30  ? 39 TYR A CB  1 
ATOM   298 C CG  . TYR A 1 39 ? -5.989  10.960  7.484   1.00 9.04  ? 39 TYR A CG  1 
ATOM   299 C CD1 . TYR A 1 39 ? -5.366  10.920  6.227   1.00 9.39  ? 39 TYR A CD1 1 
ATOM   300 C CD2 . TYR A 1 39 ? -7.283  11.497  7.565   1.00 10.87 ? 39 TYR A CD2 1 
ATOM   301 C CE1 . TYR A 1 39 ? -6.003  11.401  5.097   1.00 10.87 ? 39 TYR A CE1 1 
ATOM   302 C CE2 . TYR A 1 39 ? -7.912  12.009  6.414   1.00 12.09 ? 39 TYR A CE2 1 
ATOM   303 C CZ  . TYR A 1 39 ? -7.252  11.954  5.194   1.00 11.94 ? 39 TYR A CZ  1 
ATOM   304 O OH  . TYR A 1 39 ? -7.897  12.438  4.070   1.00 16.72 ? 39 TYR A OH  1 
ATOM   305 N N   A ASP A 1 40 ? -5.423  6.946   10.047  0.50 8.66  ? 40 ASP A N   1 
ATOM   306 N N   B ASP A 1 40 ? -5.447  6.971   10.078  0.50 9.27  ? 40 ASP A N   1 
ATOM   307 C CA  A ASP A 1 40 ? -5.096  6.130   11.230  0.50 8.91  ? 40 ASP A CA  1 
ATOM   308 C CA  B ASP A 1 40 ? -5.034  6.240   11.270  0.50 9.99  ? 40 ASP A CA  1 
ATOM   309 C C   A ASP A 1 40 ? -3.817  5.336   10.923  0.50 8.97  ? 40 ASP A C   1 
ATOM   310 C C   B ASP A 1 40 ? -3.818  5.379   10.923  0.50 9.56  ? 40 ASP A C   1 
ATOM   311 O O   A ASP A 1 40 ? -3.863  4.369   10.159  0.50 9.97  ? 40 ASP A O   1 
ATOM   312 O O   B ASP A 1 40 ? -3.907  4.419   10.153  0.50 10.46 ? 40 ASP A O   1 
ATOM   313 C CB  A ASP A 1 40 ? -6.291  5.196   11.487  0.50 7.97  ? 40 ASP A CB  1 
ATOM   314 C CB  B ASP A 1 40 ? -6.174  5.402   11.832  0.50 10.12 ? 40 ASP A CB  1 
ATOM   315 C CG  A ASP A 1 40 ? -6.132  4.324   12.713  0.50 8.66  ? 40 ASP A CG  1 
ATOM   316 C CG  B ASP A 1 40 ? -5.821  4.800   13.163  0.50 12.41 ? 40 ASP A CG  1 
ATOM   317 O OD1 A ASP A 1 40 ? -5.011  4.006   13.126  0.50 7.09  ? 40 ASP A OD1 1 
ATOM   318 O OD1 B ASP A 1 40 ? -5.990  5.489   14.197  0.50 18.12 ? 40 ASP A OD1 1 
ATOM   319 O OD2 A ASP A 1 40 ? -7.180  3.916   13.240  0.50 9.12  ? 40 ASP A OD2 1 
ATOM   320 O OD2 B ASP A 1 40 ? -5.354  3.645   13.180  0.50 15.22 ? 40 ASP A OD2 1 
ATOM   321 N N   . ILE A 1 41 ? -2.677  5.730   11.499  1.00 9.03  ? 41 ILE A N   1 
ATOM   322 C CA  . ILE A 1 41 ? -1.407  5.052   11.188  1.00 9.46  ? 41 ILE A CA  1 
ATOM   323 C C   . ILE A 1 41 ? -1.405  3.596   11.674  1.00 9.26  ? 41 ILE A C   1 
ATOM   324 O O   . ILE A 1 41 ? -0.957  2.733   10.927  1.00 9.97  ? 41 ILE A O   1 
ATOM   325 C CB  . ILE A 1 41 ? -0.235  5.843   11.764  1.00 8.43  ? 41 ILE A CB  1 
ATOM   326 C CG1 . ILE A 1 41 ? -0.113  7.189   11.006  1.00 11.65 ? 41 ILE A CG1 1 
ATOM   327 C CG2 . ILE A 1 41 ? 1.045   5.046   11.688  1.00 9.59  ? 41 ILE A CG2 1 
ATOM   328 C CD1 . ILE A 1 41 ? 0.864   8.125   11.632  1.00 12.41 ? 41 ILE A CD1 1 
ATOM   329 N N   . GLY A 1 42 ? -1.890  3.319   12.894  1.00 8.77  ? 42 GLY A N   1 
ATOM   330 C CA  . GLY A 1 42 ? -2.013  1.912   13.359  1.00 8.29  ? 42 GLY A CA  1 
ATOM   331 C C   . GLY A 1 42 ? -2.751  1.030   12.345  1.00 9.33  ? 42 GLY A C   1 
ATOM   332 O O   . GLY A 1 42 ? -2.304  -0.071  12.011  1.00 9.31  ? 42 GLY A O   1 
ATOM   333 N N   . ALA A 1 43 ? -3.885  1.542   11.840  1.00 9.38  ? 43 ALA A N   1 
ATOM   334 C CA  . ALA A 1 43 ? -4.724  0.791   10.900  1.00 9.48  ? 43 ALA A CA  1 
ATOM   335 C C   . ALA A 1 43 ? -3.970  0.603   9.571   1.00 9.34  ? 43 ALA A C   1 
ATOM   336 O O   . ALA A 1 43 ? -4.019  -0.493  8.962   1.00 9.25  ? 43 ALA A O   1 
ATOM   337 C CB  . ALA A 1 43 ? -6.027  1.502   10.662  1.00 10.76 ? 43 ALA A CB  1 
ATOM   338 N N   . ALA A 1 44 ? -3.287  1.653   9.106   1.00 9.00  ? 44 ALA A N   1 
ATOM   339 C CA  . ALA A 1 44 ? -2.509  1.531   7.873   1.00 8.42  ? 44 ALA A CA  1 
ATOM   340 C C   . ALA A 1 44 ? -1.403  0.488   8.016   1.00 7.97  ? 44 ALA A C   1 
ATOM   341 O O   . ALA A 1 44 ? -1.231  -0.364  7.143   1.00 8.15  ? 44 ALA A O   1 
ATOM   342 C CB  . ALA A 1 44 ? -1.931  2.887   7.505   1.00 8.32  ? 44 ALA A CB  1 
ATOM   343 N N   . LEU A 1 45 ? -0.709  0.504   9.152   1.00 9.03  ? 45 LEU A N   1 
ATOM   344 C CA  . LEU A 1 45 ? 0.368   -0.460  9.375   1.00 8.18  ? 45 LEU A CA  1 
ATOM   345 C C   . LEU A 1 45 ? -0.170  -1.896  9.438   1.00 9.32  ? 45 LEU A C   1 
ATOM   346 O O   . LEU A 1 45 ? 0.465   -2.840  8.939   1.00 9.20  ? 45 LEU A O   1 
ATOM   347 C CB  . LEU A 1 45 ? 1.142   -0.134  10.661  1.00 9.02  ? 45 LEU A CB  1 
ATOM   348 C CG  . LEU A 1 45 ? 1.952   1.165   10.583  1.00 9.47  ? 45 LEU A CG  1 
ATOM   349 C CD1 . LEU A 1 45 ? 2.554   1.399   11.986  1.00 11.45 ? 45 LEU A CD1 1 
ATOM   350 C CD2 . LEU A 1 45 ? 3.090   1.091   9.549   1.00 10.57 ? 45 LEU A CD2 1 
ATOM   351 N N   . ASP A 1 46 ? -1.341  -2.042  10.051  1.00 9.33  ? 46 ASP A N   1 
ATOM   352 C CA  A ASP A 1 46 ? -2.011  -3.349  10.105  0.50 10.52 ? 46 ASP A CA  1 
ATOM   353 C CA  B ASP A 1 46 ? -1.993  -3.351  10.114  0.50 10.94 ? 46 ASP A CA  1 
ATOM   354 C C   . ASP A 1 46 ? -2.322  -3.858  8.701   1.00 10.51 ? 46 ASP A C   1 
ATOM   355 O O   . ASP A 1 46 ? -2.132  -5.040  8.388   1.00 11.39 ? 46 ASP A O   1 
ATOM   356 C CB  A ASP A 1 46 ? -3.304  -3.267  10.918  0.50 10.87 ? 46 ASP A CB  1 
ATOM   357 C CB  B ASP A 1 46 ? -3.245  -3.271  10.999  0.50 11.64 ? 46 ASP A CB  1 
ATOM   358 C CG  A ASP A 1 46 ? -3.065  -3.312  12.401  0.50 12.52 ? 46 ASP A CG  1 
ATOM   359 C CG  B ASP A 1 46 ? -3.803  -4.635  11.362  0.50 15.18 ? 46 ASP A CG  1 
ATOM   360 O OD1 A ASP A 1 46 ? -1.949  -3.675  12.820  0.50 14.45 ? 46 ASP A OD1 1 
ATOM   361 O OD1 B ASP A 1 46 ? -4.412  -5.295  10.507  0.50 18.93 ? 46 ASP A OD1 1 
ATOM   362 O OD2 A ASP A 1 46 ? -4.001  -2.988  13.157  0.50 16.80 ? 46 ASP A OD2 1 
ATOM   363 O OD2 B ASP A 1 46 ? -3.660  -5.025  12.529  0.50 19.10 ? 46 ASP A OD2 1 
ATOM   364 N N   . THR A 1 47 ? -2.805  -2.964  7.845   1.00 10.78 ? 47 THR A N   1 
ATOM   365 C CA  . THR A 1 47 ? -3.182  -3.350  6.457   1.00 11.01 ? 47 THR A CA  1 
ATOM   366 C C   . THR A 1 47 ? -2.007  -3.816  5.642   1.00 11.56 ? 47 THR A C   1 
ATOM   367 O O   . THR A 1 47 ? -2.142  -4.770  4.843   1.00 11.86 ? 47 THR A O   1 
ATOM   368 C CB  . THR A 1 47 ? -3.905  -2.170  5.801   1.00 11.10 ? 47 THR A CB  1 
ATOM   369 O OG1 . THR A 1 47 ? -5.115  -1.951  6.552   1.00 14.48 ? 47 THR A OG1 1 
ATOM   370 C CG2 . THR A 1 47 ? -4.274  -2.441  4.331   1.00 10.68 ? 47 THR A CG2 1 
ATOM   371 N N   . ILE A 1 48 ? -0.857  -3.174  5.823   1.00 10.76 ? 48 ILE A N   1 
ATOM   372 C CA  . ILE A 1 48 ? 0.342   -3.612  5.089   1.00 11.66 ? 48 ILE A CA  1 
ATOM   373 C C   . ILE A 1 48 ? 1.123   -4.715  5.821   1.00 12.04 ? 48 ILE A C   1 
ATOM   374 O O   . ILE A 1 48 ? 2.231   -5.115  5.399   1.00 13.00 ? 48 ILE A O   1 
ATOM   375 C CB  . ILE A 1 48 ? 1.235   -2.445  4.667   1.00 10.71 ? 48 ILE A CB  1 
ATOM   376 C CG1 . ILE A 1 48 ? 1.753   -1.675  5.870   1.00 9.74  ? 48 ILE A CG1 1 
ATOM   377 C CG2 . ILE A 1 48 ? 0.469   -1.543  3.735   1.00 13.27 ? 48 ILE A CG2 1 
ATOM   378 C CD1 . ILE A 1 48 ? 2.899   -0.775  5.609   1.00 11.69 ? 48 ILE A CD1 1 
ATOM   379 N N   A GLN A 1 49 ? 0.536   -5.192  6.921   0.50 12.31 ? 49 GLN A N   1 
ATOM   380 N N   B GLN A 1 49 ? 0.533   -5.189  6.921   0.50 12.68 ? 49 GLN A N   1 
ATOM   381 C CA  A GLN A 1 49 ? 1.090   -6.285  7.722   0.50 12.96 ? 49 GLN A CA  1 
ATOM   382 C CA  B GLN A 1 49 ? 1.070   -6.300  7.704   0.50 13.71 ? 49 GLN A CA  1 
ATOM   383 C C   A GLN A 1 49 ? 2.480   -5.941  8.229   0.50 13.71 ? 49 GLN A C   1 
ATOM   384 C C   B GLN A 1 49 ? 2.460   -5.955  8.254   0.50 14.10 ? 49 GLN A C   1 
ATOM   385 O O   A GLN A 1 49 ? 3.391   -6.772  8.242   0.50 14.69 ? 49 GLN A O   1 
ATOM   386 O O   B GLN A 1 49 ? 3.350   -6.807  8.328   0.50 14.94 ? 49 GLN A O   1 
ATOM   387 C CB  A GLN A 1 49 ? 1.060   -7.604  6.941   0.50 12.31 ? 49 GLN A CB  1 
ATOM   388 C CB  B GLN A 1 49 ? 1.013   -7.615  6.890   0.50 13.52 ? 49 GLN A CB  1 
ATOM   389 C CG  A GLN A 1 49 ? -0.343  -7.945  6.494   0.50 11.81 ? 49 GLN A CG  1 
ATOM   390 C CG  B GLN A 1 49 ? -0.418  -7.913  6.390   0.50 15.18 ? 49 GLN A CG  1 
ATOM   391 C CD  A GLN A 1 49 ? -0.486  -9.354  5.936   0.50 10.28 ? 49 GLN A CD  1 
ATOM   392 C CD  B GLN A 1 49 ? -0.631  -9.308  5.761   0.50 16.12 ? 49 GLN A CD  1 
ATOM   393 O OE1 A GLN A 1 49 ? -0.565  -10.336 6.687   0.50 13.57 ? 49 GLN A OE1 1 
ATOM   394 O OE1 B GLN A 1 49 ? -0.111  -9.617  4.700   0.50 18.67 ? 49 GLN A OE1 1 
ATOM   395 N NE2 A GLN A 1 49 ? -0.579  -9.454  4.632   0.50 6.55  ? 49 GLN A NE2 1 
ATOM   396 N NE2 B GLN A 1 49 ? -1.455  -10.129 6.412   0.50 16.33 ? 49 GLN A NE2 1 
ATOM   397 N N   . TYR A 1 50 ? 2.617   -4.696  8.676   1.00 14.87 ? 50 TYR A N   1 
ATOM   398 C CA  . TYR A 1 50 ? 3.881   -4.186  9.212   1.00 16.04 ? 50 TYR A CA  1 
ATOM   399 C C   . TYR A 1 50 ? 4.031   -4.610  10.649  1.00 17.11 ? 50 TYR A C   1 
ATOM   400 O O   . TYR A 1 50 ? 5.000   -5.239  10.922  1.00 18.77 ? 50 TYR A O   1 
ATOM   401 C CB  . TYR A 1 50 ? 3.986   -2.653  9.109   1.00 17.93 ? 50 TYR A CB  1 
ATOM   402 C CG  . TYR A 1 50 ? 5.379   -2.047  9.401   1.00 18.49 ? 50 TYR A CG  1 
ATOM   403 C CD1 . TYR A 1 50 ? 6.378   -2.025  8.411   1.00 21.88 ? 50 TYR A CD1 1 
ATOM   404 C CD2 . TYR A 1 50 ? 5.662   -1.462  10.631  1.00 21.72 ? 50 TYR A CD2 1 
ATOM   405 C CE1 . TYR A 1 50 ? 7.653   -1.459  8.652   1.00 24.57 ? 50 TYR A CE1 1 
ATOM   406 C CE2 . TYR A 1 50 ? 6.942   -0.881  10.895  1.00 23.54 ? 50 TYR A CE2 1 
ATOM   407 C CZ  . TYR A 1 50 ? 7.926   -0.885  9.891   1.00 25.11 ? 50 TYR A CZ  1 
ATOM   408 O OH  . TYR A 1 50 ? 9.179   -0.326  10.133  1.00 25.98 ? 50 TYR A OH  1 
ATOM   409 N N   . ASP B 1 8  ? -5.727  -8.892  -18.390 1.00 14.87 ? 8  ASP B N   1 
ATOM   410 C CA  . ASP B 1 8  ? -4.270  -8.730  -18.059 1.00 14.73 ? 8  ASP B CA  1 
ATOM   411 C C   . ASP B 1 8  ? -3.825  -9.794  -17.064 1.00 13.68 ? 8  ASP B C   1 
ATOM   412 O O   . ASP B 1 8  ? -4.082  -9.672  -15.889 1.00 14.34 ? 8  ASP B O   1 
ATOM   413 C CB  . ASP B 1 8  ? -4.001  -7.315  -17.505 1.00 15.40 ? 8  ASP B CB  1 
ATOM   414 C CG  . ASP B 1 8  ? -2.495  -7.037  -17.255 1.00 18.02 ? 8  ASP B CG  1 
ATOM   415 O OD1 . ASP B 1 8  ? -2.113  -5.847  -17.196 1.00 22.11 ? 8  ASP B OD1 1 
ATOM   416 O OD2 . ASP B 1 8  ? -1.701  -8.000  -17.061 1.00 20.10 ? 8  ASP B OD2 1 
ATOM   417 N N   . PRO B 1 9  ? -3.158  -10.849 -17.538 1.00 13.29 ? 9  PRO B N   1 
ATOM   418 C CA  . PRO B 1 9  ? -2.785  -11.941 -16.626 1.00 13.74 ? 9  PRO B CA  1 
ATOM   419 C C   . PRO B 1 9  ? -1.852  -11.512 -15.489 1.00 13.87 ? 9  PRO B C   1 
ATOM   420 O O   . PRO B 1 9  ? -1.824  -12.208 -14.471 1.00 12.49 ? 9  PRO B O   1 
ATOM   421 C CB  . PRO B 1 9  ? -2.082  -12.924 -17.551 1.00 14.46 ? 9  PRO B CB  1 
ATOM   422 C CG  . PRO B 1 9  ? -1.490  -12.069 -18.601 1.00 15.31 ? 9  PRO B CG  1 
ATOM   423 C CD  . PRO B 1 9  ? -2.585  -11.035 -18.876 1.00 14.34 ? 9  PRO B CD  1 
ATOM   424 N N   A ARG B 1 10 ? -1.107  -10.410 -15.651 0.50 13.34 ? 10 ARG B N   1 
ATOM   425 N N   B ARG B 1 10 ? -1.066  -10.436 -15.675 0.50 13.67 ? 10 ARG B N   1 
ATOM   426 C CA  A ARG B 1 10 ? -0.216  -9.967  -14.604 0.50 11.26 ? 10 ARG B CA  1 
ATOM   427 C CA  B ARG B 1 10 ? -0.183  -9.947  -14.624 0.50 12.19 ? 10 ARG B CA  1 
ATOM   428 C C   A ARG B 1 10 ? -0.870  -9.122  -13.506 0.50 11.98 ? 10 ARG B C   1 
ATOM   429 C C   B ARG B 1 10 ? -0.867  -9.126  -13.515 0.50 12.45 ? 10 ARG B C   1 
ATOM   430 O O   A ARG B 1 10 ? -0.506  -9.263  -12.349 0.50 12.13 ? 10 ARG B O   1 
ATOM   431 O O   B ARG B 1 10 ? -0.507  -9.281  -12.358 0.50 12.48 ? 10 ARG B O   1 
ATOM   432 C CB  A ARG B 1 10 ? 0.975   -9.241  -15.202 0.50 10.56 ? 10 ARG B CB  1 
ATOM   433 C CB  B ARG B 1 10 ? 1.008   -9.169  -15.197 0.50 12.17 ? 10 ARG B CB  1 
ATOM   434 C CG  A ARG B 1 10 ? 1.688   -10.101 -16.252 0.50 7.93  ? 10 ARG B CG  1 
ATOM   435 C CG  B ARG B 1 10 ? 2.136   -10.066 -15.757 0.50 12.41 ? 10 ARG B CG  1 
ATOM   436 C CD  A ARG B 1 10 ? 3.094   -9.484  -16.681 0.50 8.59  ? 10 ARG B CD  1 
ATOM   437 C CD  B ARG B 1 10 ? 3.324   -9.253  -16.325 0.50 11.90 ? 10 ARG B CD  1 
ATOM   438 N NE  A ARG B 1 10 ? 3.998   -9.282  -15.539 0.50 10.36 ? 10 ARG B NE  1 
ATOM   439 N NE  B ARG B 1 10 ? 3.980   -8.451  -15.286 0.50 13.74 ? 10 ARG B NE  1 
ATOM   440 C CZ  A ARG B 1 10 ? 4.280   -8.091  -15.012 0.50 8.40  ? 10 ARG B CZ  1 
ATOM   441 C CZ  B ARG B 1 10 ? 4.856   -8.915  -14.396 0.50 12.70 ? 10 ARG B CZ  1 
ATOM   442 N NH1 A ARG B 1 10 ? 3.775   -6.996  -15.567 0.50 8.26  ? 10 ARG B NH1 1 
ATOM   443 N NH1 B ARG B 1 10 ? 5.253   -10.201 -14.403 0.50 14.41 ? 10 ARG B NH1 1 
ATOM   444 N NH2 A ARG B 1 10 ? 5.092   -7.985  -13.966 0.50 7.12  ? 10 ARG B NH2 1 
ATOM   445 N NH2 B ARG B 1 10 ? 5.385   -8.059  -13.516 0.50 12.90 ? 10 ARG B NH2 1 
ATOM   446 N N   . LEU B 1 11 ? -1.871  -8.318  -13.840 1.00 10.84 ? 11 LEU B N   1 
ATOM   447 C CA  . LEU B 1 11 ? -2.684  -7.683  -12.794 1.00 11.69 ? 11 LEU B CA  1 
ATOM   448 C C   . LEU B 1 11 ? -3.278  -8.895  -12.093 1.00 10.18 ? 11 LEU B C   1 
ATOM   449 O O   . LEU B 1 11 ? -3.372  -8.899  -10.851 1.00 10.88 ? 11 LEU B O   1 
ATOM   450 C CB  . LEU B 1 11 ? -3.773  -6.798  -13.405 1.00 13.16 ? 11 LEU B CB  1 
ATOM   451 C CG  . LEU B 1 11 ? -4.952  -6.255  -12.565 1.00 17.32 ? 11 LEU B CG  1 
ATOM   452 C CD1 . LEU B 1 11 ? -6.072  -5.865  -13.502 1.00 19.98 ? 11 LEU B CD1 1 
ATOM   453 C CD2 . LEU B 1 11 ? -5.527  -7.215  -11.594 1.00 20.19 ? 11 LEU B CD2 1 
ATOM   454 N N   . ILE B 1 12 ? -3.816  -9.859  -12.892 1.00 10.19 ? 12 ILE B N   1 
ATOM   455 C CA  . ILE B 1 12 ? -4.665  -10.863 -12.260 1.00 8.57  ? 12 ILE B CA  1 
ATOM   456 C C   . ILE B 1 12 ? -3.819  -11.665 -11.283 1.00 8.06  ? 12 ILE B C   1 
ATOM   457 O O   . ILE B 1 12 ? -4.178  -11.814 -10.148 1.00 7.37  ? 12 ILE B O   1 
ATOM   458 C CB  . ILE B 1 12 ? -5.347  -11.796 -13.276 1.00 7.21  ? 12 ILE B CB  1 
ATOM   459 C CG1 . ILE B 1 12 ? -6.365  -11.010 -14.066 1.00 8.72  ? 12 ILE B CG1 1 
ATOM   460 C CG2 . ILE B 1 12 ? -6.086  -12.877 -12.543 1.00 7.41  ? 12 ILE B CG2 1 
ATOM   461 C CD1 . ILE B 1 12 ? -6.876  -11.750 -15.310 1.00 8.05  ? 12 ILE B CD1 1 
ATOM   462 N N   A GLU B 1 13 ? -2.694  -12.183 -11.742 0.50 7.80  ? 13 GLU B N   1 
ATOM   463 N N   B GLU B 1 13 ? -2.667  -12.158 -11.742 0.50 8.22  ? 13 GLU B N   1 
ATOM   464 C CA  A GLU B 1 13 ? -1.904  -13.051 -10.913 0.50 7.91  ? 13 GLU B CA  1 
ATOM   465 C CA  B GLU B 1 13 ? -1.746  -12.976 -10.946 0.50 8.71  ? 13 GLU B CA  1 
ATOM   466 C C   A GLU B 1 13 ? -1.215  -12.224 -9.821  0.50 6.75  ? 13 GLU B C   1 
ATOM   467 C C   B GLU B 1 13 ? -1.258  -12.204 -9.763  0.50 7.75  ? 13 GLU B C   1 
ATOM   468 O O   A GLU B 1 13 ? -1.198  -12.687 -8.678  0.50 6.57  ? 13 GLU B O   1 
ATOM   469 O O   B GLU B 1 13 ? -1.293  -12.691 -8.637  0.50 7.19  ? 13 GLU B O   1 
ATOM   470 C CB  A GLU B 1 13 ? -0.953  -13.947 -11.744 0.50 9.07  ? 13 GLU B CB  1 
ATOM   471 C CB  B GLU B 1 13 ? -0.497  -13.383 -11.754 0.50 9.82  ? 13 GLU B CB  1 
ATOM   472 C CG  A GLU B 1 13 ? -0.352  -15.123 -10.980 0.50 9.91  ? 13 GLU B CG  1 
ATOM   473 C CG  B GLU B 1 13 ? 0.730   -13.822 -10.895 0.50 11.52 ? 13 GLU B CG  1 
ATOM   474 C CD  A GLU B 1 13 ? 1.009   -14.810 -10.402 0.50 10.14 ? 13 GLU B CD  1 
ATOM   475 C CD  B GLU B 1 13 ? 0.651   -15.258 -10.413 0.50 12.83 ? 13 GLU B CD  1 
ATOM   476 O OE1 A GLU B 1 13 ? 1.454   -13.651 -10.547 0.50 11.27 ? 13 GLU B OE1 1 
ATOM   477 O OE1 B GLU B 1 13 ? -0.329  -15.942 -10.763 0.50 12.72 ? 13 GLU B OE1 1 
ATOM   478 O OE2 A GLU B 1 13 ? 1.605   -15.732 -9.781  0.50 11.34 ? 13 GLU B OE2 1 
ATOM   479 O OE2 B GLU B 1 13 ? 1.558   -15.712 -9.670  0.50 13.70 ? 13 GLU B OE2 1 
ATOM   480 N N   A SER B 1 14 ? -0.711  -11.000 -10.108 0.50 7.16  ? 14 SER B N   1 
ATOM   481 N N   B SER B 1 14 ? -0.777  -10.995 -10.032 0.50 8.66  ? 14 SER B N   1 
ATOM   482 C CA  A SER B 1 14 ? -0.052  -10.240 -9.010  0.50 6.51  ? 14 SER B CA  1 
ATOM   483 C CA  B SER B 1 14 ? -0.073  -10.238 -9.043  0.50 8.80  ? 14 SER B CA  1 
ATOM   484 C C   A SER B 1 14 ? -1.038  -9.880  -7.900  0.50 7.07  ? 14 SER B C   1 
ATOM   485 C C   B SER B 1 14 ? -1.024  -9.827  -7.894  0.50 8.13  ? 14 SER B C   1 
ATOM   486 O O   A SER B 1 14 ? -0.747  -10.126 -6.742  0.50 7.75  ? 14 SER B O   1 
ATOM   487 O O   B SER B 1 14 ? -0.728  -10.030 -6.711  0.50 8.38  ? 14 SER B O   1 
ATOM   488 C CB  A SER B 1 14 ? 0.709   -8.951  -9.444  0.50 5.45  ? 14 SER B CB  1 
ATOM   489 C CB  B SER B 1 14 ? 0.524   -9.046  -9.787  0.50 10.01 ? 14 SER B CB  1 
ATOM   490 O OG  A SER B 1 14 ? -0.204  -7.991  -9.980  0.50 3.66  ? 14 SER B OG  1 
ATOM   491 O OG  B SER B 1 14 ? 1.325   -8.274  -8.993  0.50 12.47 ? 14 SER B OG  1 
ATOM   492 N N   . LEU B 1 15 ? -2.193  -9.290  -8.253  1.00 6.59  ? 15 LEU B N   1 
ATOM   493 C CA  . LEU B 1 15 ? -3.150  -8.942  -7.241  1.00 6.80  ? 15 LEU B CA  1 
ATOM   494 C C   . LEU B 1 15 ? -3.691  -10.166 -6.548  1.00 7.35  ? 15 LEU B C   1 
ATOM   495 O O   . LEU B 1 15 ? -3.816  -10.173 -5.323  1.00 8.31  ? 15 LEU B O   1 
ATOM   496 C CB  . LEU B 1 15 ? -4.214  -8.036  -7.823  1.00 6.93  ? 15 LEU B CB  1 
ATOM   497 C CG  . LEU B 1 15 ? -5.246  -7.473  -6.840  1.00 7.81  ? 15 LEU B CG  1 
ATOM   498 C CD1 . LEU B 1 15 ? -4.587  -6.836  -5.603  1.00 10.16 ? 15 LEU B CD1 1 
ATOM   499 C CD2 . LEU B 1 15 ? -6.207  -6.521  -7.523  1.00 9.52  ? 15 LEU B CD2 1 
ATOM   500 N N   . SER B 1 16 ? -3.977  -11.237 -7.288  1.00 6.21  ? 16 SER B N   1 
ATOM   501 C CA  . SER B 1 16 ? -4.527  -12.444 -6.668  1.00 6.13  ? 16 SER B CA  1 
ATOM   502 C C   . SER B 1 16 ? -3.516  -13.033 -5.661  1.00 5.67  ? 16 SER B C   1 
ATOM   503 O O   . SER B 1 16 ? -3.919  -13.454 -4.563  1.00 6.99  ? 16 SER B O   1 
ATOM   504 C CB  . SER B 1 16 ? -4.869  -13.502 -7.704  1.00 7.07  ? 16 SER B CB  1 
ATOM   505 O OG  . SER B 1 16 ? -5.921  -13.018 -8.524  1.00 8.18  ? 16 SER B OG  1 
ATOM   506 N N   . GLN B 1 17 ? -2.226  -13.049 -6.038  1.00 6.23  ? 17 GLN B N   1 
ATOM   507 C CA  . GLN B 1 17 ? -1.219  -13.605 -5.127  1.00 6.56  ? 17 GLN B CA  1 
ATOM   508 C C   . GLN B 1 17 ? -1.116  -12.725 -3.887  1.00 6.90  ? 17 GLN B C   1 
ATOM   509 O O   . GLN B 1 17 ? -0.963  -13.256 -2.774  1.00 8.78  ? 17 GLN B O   1 
ATOM   510 C CB  . GLN B 1 17 ? 0.118   -13.736 -5.835  1.00 6.72  ? 17 GLN B CB  1 
ATOM   511 C CG  . GLN B 1 17 ? 0.103   -14.810 -6.917  1.00 8.95  ? 17 GLN B CG  1 
ATOM   512 C CD  . GLN B 1 17 ? 0.455   -16.191 -6.434  1.00 11.30 ? 17 GLN B CD  1 
ATOM   513 O OE1 . GLN B 1 17 ? 0.677   -16.447 -5.235  1.00 11.29 ? 17 GLN B OE1 1 
ATOM   514 N NE2 . GLN B 1 17 ? 0.497   -17.122 -7.381  1.00 13.34 ? 17 GLN B NE2 1 
ATOM   515 N N   . MET B 1 18 ? -1.171  -11.400 -4.046  1.00 7.09  ? 18 MET B N   1 
ATOM   516 C CA  A MET B 1 18 ? -1.076  -10.593 -2.849  0.50 7.00  ? 18 MET B CA  1 
ATOM   517 C CA  B MET B 1 18 ? -1.109  -10.459 -2.909  0.50 7.59  ? 18 MET B CA  1 
ATOM   518 C C   . MET B 1 18 ? -2.327  -10.645 -1.984  1.00 6.99  ? 18 MET B C   1 
ATOM   519 O O   . MET B 1 18 ? -2.203  -10.608 -0.748  1.00 8.09  ? 18 MET B O   1 
ATOM   520 C CB  A MET B 1 18 ? -0.636  -9.193  -3.173  0.50 6.70  ? 18 MET B CB  1 
ATOM   521 C CB  B MET B 1 18 ? -1.019  -8.995  -3.384  0.50 7.39  ? 18 MET B CB  1 
ATOM   522 C CG  A MET B 1 18 ? 0.749   -9.252  -3.682  0.50 5.50  ? 18 MET B CG  1 
ATOM   523 C CG  B MET B 1 18 ? 0.294   -8.603  -4.075  0.50 9.99  ? 18 MET B CG  1 
ATOM   524 S SD  A MET B 1 18 ? 1.448   -7.623  -3.941  0.50 4.61  ? 18 MET B SD  1 
ATOM   525 S SD  B MET B 1 18 ? 1.768   -8.559  -3.030  0.50 10.71 ? 18 MET B SD  1 
ATOM   526 C CE  A MET B 1 18 ? 1.798   -7.060  -2.264  0.50 5.01  ? 18 MET B CE  1 
ATOM   527 C CE  B MET B 1 18 ? 1.374   -7.168  -1.942  0.50 7.76  ? 18 MET B CE  1 
ATOM   528 N N   . LEU B 1 19 ? -3.523  -10.837 -2.588  1.00 6.70  ? 19 LEU B N   1 
ATOM   529 C CA  . LEU B 1 19 ? -4.718  -11.098 -1.756  1.00 6.32  ? 19 LEU B CA  1 
ATOM   530 C C   . LEU B 1 19 ? -4.498  -12.397 -0.959  1.00 7.33  ? 19 LEU B C   1 
ATOM   531 O O   . LEU B 1 19 ? -4.803  -12.469 0.230   1.00 8.83  ? 19 LEU B O   1 
ATOM   532 C CB  . LEU B 1 19 ? -5.942  -11.200 -2.673  1.00 7.35  ? 19 LEU B CB  1 
ATOM   533 C CG  . LEU B 1 19 ? -6.357  -9.925  -3.381  1.00 7.67  ? 19 LEU B CG  1 
ATOM   534 C CD1 . LEU B 1 19 ? -7.534  -10.278 -4.344  1.00 8.85  ? 19 LEU B CD1 1 
ATOM   535 C CD2 . LEU B 1 19 ? -6.868  -8.868  -2.413  1.00 8.99  ? 19 LEU B CD2 1 
ATOM   536 N N   . SER B 1 20 ? -3.940  -13.428 -1.592  1.00 6.98  ? 20 SER B N   1 
ATOM   537 C CA  A SER B 1 20 ? -3.735  -14.677 -0.857  0.50 7.71  ? 20 SER B CA  1 
ATOM   538 C CA  B SER B 1 20 ? -3.652  -14.704 -0.914  0.50 7.79  ? 20 SER B CA  1 
ATOM   539 C C   . SER B 1 20 ? -2.737  -14.509 0.290   1.00 7.22  ? 20 SER B C   1 
ATOM   540 O O   . SER B 1 20 ? -2.842  -15.222 1.306   1.00 8.91  ? 20 SER B O   1 
ATOM   541 C CB  A SER B 1 20 ? -3.342  -15.818 -1.784  0.50 7.88  ? 20 SER B CB  1 
ATOM   542 C CB  B SER B 1 20 ? -2.979  -15.674 -1.883  0.50 8.62  ? 20 SER B CB  1 
ATOM   543 O OG  A SER B 1 20 ? -4.431  -16.152 -2.615  0.50 10.72 ? 20 SER B OG  1 
ATOM   544 O OG  B SER B 1 20 ? -2.759  -16.923 -1.262  0.50 10.66 ? 20 SER B OG  1 
ATOM   545 N N   A MET B 1 21 ? -1.801  -13.559 0.159   0.50 4.61  ? 21 MET B N   1 
ATOM   546 N N   B MET B 1 21 ? -1.807  -13.552 0.160   0.50 4.63  ? 21 MET B N   1 
ATOM   547 C CA  A MET B 1 21 ? -0.862  -13.250 1.254   0.50 4.97  ? 21 MET B CA  1 
ATOM   548 C CA  B MET B 1 21 ? -0.854  -13.227 1.233   0.50 5.02  ? 21 MET B CA  1 
ATOM   549 C C   A MET B 1 21 ? -1.500  -12.432 2.371   0.50 4.95  ? 21 MET B C   1 
ATOM   550 C C   B MET B 1 21 ? -1.491  -12.415 2.358   0.50 4.96  ? 21 MET B C   1 
ATOM   551 O O   A MET B 1 21 ? -0.841  -12.111 3.346   0.50 5.02  ? 21 MET B O   1 
ATOM   552 O O   B MET B 1 21 ? -0.829  -12.091 3.327   0.50 4.94  ? 21 MET B O   1 
ATOM   553 C CB  A MET B 1 21 ? 0.349   -12.507 0.723   0.50 4.68  ? 21 MET B CB  1 
ATOM   554 C CB  B MET B 1 21 ? 0.353   -12.483 0.663   0.50 4.79  ? 21 MET B CB  1 
ATOM   555 C CG  A MET B 1 21 ? 1.250   -13.385 -0.135  0.50 4.58  ? 21 MET B CG  1 
ATOM   556 C CG  B MET B 1 21 ? 1.348   -13.417 -0.053  0.50 4.92  ? 21 MET B CG  1 
ATOM   557 S SD  A MET B 1 21 ? 2.521   -12.341 -0.842  0.50 10.99 ? 21 MET B SD  1 
ATOM   558 S SD  B MET B 1 21 ? 2.813   -12.557 -0.666  0.50 11.72 ? 21 MET B SD  1 
ATOM   559 C CE  A MET B 1 21 ? 3.626   -12.361 0.568   0.50 6.35  ? 21 MET B CE  1 
ATOM   560 C CE  B MET B 1 21 ? 2.575   -12.631 -2.429  0.50 11.53 ? 21 MET B CE  1 
ATOM   561 N N   . GLY B 1 22 ? -2.767  -12.076 2.211   1.00 5.10  ? 22 GLY B N   1 
ATOM   562 C CA  . GLY B 1 22 ? -3.535  -11.382 3.255   1.00 6.24  ? 22 GLY B CA  1 
ATOM   563 C C   . GLY B 1 22 ? -3.658  -9.872  3.096   1.00 6.36  ? 22 GLY B C   1 
ATOM   564 O O   . GLY B 1 22 ? -4.144  -9.194  4.027   1.00 7.91  ? 22 GLY B O   1 
ATOM   565 N N   . PHE B 1 23 ? -3.193  -9.326  1.965   1.00 6.31  ? 23 PHE B N   1 
ATOM   566 C CA  . PHE B 1 23 ? -3.396  -7.877  1.674   1.00 7.06  ? 23 PHE B CA  1 
ATOM   567 C C   . PHE B 1 23 ? -4.768  -7.633  1.106   1.00 9.31  ? 23 PHE B C   1 
ATOM   568 O O   . PHE B 1 23 ? -5.380  -8.493  0.540   1.00 12.65 ? 23 PHE B O   1 
ATOM   569 C CB  . PHE B 1 23 ? -2.279  -7.372  0.741   1.00 7.29  ? 23 PHE B CB  1 
ATOM   570 C CG  . PHE B 1 23 ? -0.920  -7.581  1.322   1.00 6.16  ? 23 PHE B CG  1 
ATOM   571 C CD1 . PHE B 1 23 ? -0.460  -6.733  2.316   1.00 6.77  ? 23 PHE B CD1 1 
ATOM   572 C CD2 . PHE B 1 23 ? -0.093  -8.634  0.886   1.00 6.24  ? 23 PHE B CD2 1 
ATOM   573 C CE1 . PHE B 1 23 ? 0.794   -6.925  2.853   1.00 5.69  ? 23 PHE B CE1 1 
ATOM   574 C CE2 . PHE B 1 23 ? 1.173   -8.823  1.443   1.00 5.54  ? 23 PHE B CE2 1 
ATOM   575 C CZ  . PHE B 1 23 ? 1.619   -7.957  2.435   1.00 5.76  ? 23 PHE B CZ  1 
ATOM   576 N N   . SER B 1 24 ? -5.322  -6.476  1.377   1.00 9.81  ? 24 SER B N   1 
ATOM   577 C CA  . SER B 1 24 ? -6.578  -6.090  0.719   1.00 9.32  ? 24 SER B CA  1 
ATOM   578 C C   . SER B 1 24 ? -6.364  -4.949  -0.220  1.00 8.60  ? 24 SER B C   1 
ATOM   579 O O   . SER B 1 24 ? -5.247  -4.421  -0.328  1.00 8.65  ? 24 SER B O   1 
ATOM   580 C CB  . SER B 1 24 ? -7.582  -5.683  1.729   1.00 9.14  ? 24 SER B CB  1 
ATOM   581 O OG  . SER B 1 24 ? -7.104  -4.584  2.431   1.00 9.91  ? 24 SER B OG  1 
ATOM   582 N N   . ASP B 1 25 ? -7.450  -4.530  -0.879  1.00 7.54  ? 25 ASP B N   1 
ATOM   583 C CA  . ASP B 1 25 ? -7.323  -3.474  -1.805  1.00 7.88  ? 25 ASP B CA  1 
ATOM   584 C C   . ASP B 1 25 ? -8.354  -2.402  -1.595  1.00 8.49  ? 25 ASP B C   1 
ATOM   585 O O   . ASP B 1 25 ? -8.861  -1.865  -2.540  1.00 8.02  ? 25 ASP B O   1 
ATOM   586 C CB  . ASP B 1 25 ? -7.443  -4.048  -3.226  1.00 7.18  ? 25 ASP B CB  1 
ATOM   587 C CG  . ASP B 1 25 ? -7.034  -3.072  -4.281  1.00 5.65  ? 25 ASP B CG  1 
ATOM   588 O OD1 . ASP B 1 25 ? -6.119  -2.252  -4.059  1.00 6.81  ? 25 ASP B OD1 1 
ATOM   589 O OD2 . ASP B 1 25 ? -7.617  -3.130  -5.406  1.00 7.44  ? 25 ASP B OD2 1 
ATOM   590 N N   A GLU B 1 26 ? -8.580  -2.019  -0.329  0.50 9.43  ? 26 GLU B N   1 
ATOM   591 N N   B GLU B 1 26 ? -8.642  -2.047  -0.359  0.50 9.65  ? 26 GLU B N   1 
ATOM   592 C CA  A GLU B 1 26 ? -9.519  -0.907  -0.094  0.50 9.58  ? 26 GLU B CA  1 
ATOM   593 C CA  B GLU B 1 26 ? -9.679  -1.054  -0.235  0.50 10.07 ? 26 GLU B CA  1 
ATOM   594 C C   A GLU B 1 26 ? -9.121  0.390   -0.746  0.50 9.25  ? 26 GLU B C   1 
ATOM   595 C C   B GLU B 1 26 ? -9.186  0.303   -0.739  0.50 9.24  ? 26 GLU B C   1 
ATOM   596 O O   A GLU B 1 26 ? -7.937  0.784   -0.700  0.50 8.46  ? 26 GLU B O   1 
ATOM   597 O O   B GLU B 1 26 ? -7.983  0.639   -0.598  0.50 8.89  ? 26 GLU B O   1 
ATOM   598 C CB  A GLU B 1 26 ? -9.928  -0.708  1.355   0.50 11.60 ? 26 GLU B CB  1 
ATOM   599 C CB  B GLU B 1 26 ? -10.201 -1.034  1.162   0.50 11.62 ? 26 GLU B CB  1 
ATOM   600 C CG  A GLU B 1 26 ? -11.228 -1.439  1.549   0.50 10.76 ? 26 GLU B CG  1 
ATOM   601 C CG  B GLU B 1 26 ? -9.103  -1.302  2.099   0.50 10.24 ? 26 GLU B CG  1 
ATOM   602 C CD  A GLU B 1 26 ? -11.995 -1.019  2.733   0.50 11.55 ? 26 GLU B CD  1 
ATOM   603 C CD  B GLU B 1 26 ? -9.255  -0.457  3.246   0.50 12.92 ? 26 GLU B CD  1 
ATOM   604 O OE1 A GLU B 1 26 ? -12.052 -1.838  3.669   0.50 13.19 ? 26 GLU B OE1 1 
ATOM   605 O OE1 B GLU B 1 26 ? -8.207  -0.018  3.774   0.50 9.24  ? 26 GLU B OE1 1 
ATOM   606 O OE2 A GLU B 1 26 ? -12.577 0.100   2.739   0.50 8.86  ? 26 GLU B OE2 1 
ATOM   607 O OE2 B GLU B 1 26 ? -10.443 -0.209  3.559   0.50 10.99 ? 26 GLU B OE2 1 
ATOM   608 N N   . GLY B 1 27 ? -10.070 1.023   -1.415  1.00 9.26  ? 27 GLY B N   1 
ATOM   609 C CA  . GLY B 1 27 ? -9.769  2.236   -2.129  1.00 8.93  ? 27 GLY B CA  1 
ATOM   610 C C   . GLY B 1 27 ? -8.759  2.067   -3.247  1.00 6.97  ? 27 GLY B C   1 
ATOM   611 O O   . GLY B 1 27 ? -8.311  3.051   -3.823  1.00 9.14  ? 27 GLY B O   1 
ATOM   612 N N   . GLY B 1 28 ? -8.453  0.815   -3.636  1.00 8.14  ? 28 GLY B N   1 
ATOM   613 C CA  . GLY B 1 28 ? -7.474  0.598   -4.684  1.00 6.89  ? 28 GLY B CA  1 
ATOM   614 C C   . GLY B 1 28 ? -6.023  0.916   -4.307  1.00 5.43  ? 28 GLY B C   1 
ATOM   615 O O   . GLY B 1 28 ? -5.199  1.114   -5.203  1.00 5.88  ? 28 GLY B O   1 
ATOM   616 N N   . TRP B 1 29 ? -5.700  0.966   -2.999  1.00 6.50  ? 29 TRP B N   1 
ATOM   617 C CA  . TRP B 1 29 ? -4.297  1.264   -2.597  1.00 5.42  ? 29 TRP B CA  1 
ATOM   618 C C   . TRP B 1 29 ? -3.318  0.259   -3.175  1.00 5.00  ? 29 TRP B C   1 
ATOM   619 O O   . TRP B 1 29 ? -2.236  0.663   -3.643  1.00 4.93  ? 29 TRP B O   1 
ATOM   620 C CB  . TRP B 1 29 ? -4.152  1.400   -1.045  1.00 7.13  ? 29 TRP B CB  1 
ATOM   621 C CG  . TRP B 1 29 ? -4.153  0.127   -0.313  1.00 7.03  ? 29 TRP B CG  1 
ATOM   622 C CD1 . TRP B 1 29 ? -5.244  -0.505  0.307   1.00 7.42  ? 29 TRP B CD1 1 
ATOM   623 C CD2 . TRP B 1 29 ? -3.018  -0.725  -0.082  1.00 6.50  ? 29 TRP B CD2 1 
ATOM   624 N NE1 . TRP B 1 29 ? -4.832  -1.669  0.857   1.00 8.71  ? 29 TRP B NE1 1 
ATOM   625 C CE2 . TRP B 1 29 ? -3.476  -1.844  0.655   1.00 7.68  ? 29 TRP B CE2 1 
ATOM   626 C CE3 . TRP B 1 29 ? -1.653  -0.659  -0.450  1.00 6.97  ? 29 TRP B CE3 1 
ATOM   627 C CZ2 . TRP B 1 29 ? -2.625  -2.906  1.022   1.00 8.41  ? 29 TRP B CZ2 1 
ATOM   628 C CZ3 . TRP B 1 29 ? -0.789  -1.726  -0.069  1.00 7.51  ? 29 TRP B CZ3 1 
ATOM   629 C CH2 . TRP B 1 29 ? -1.286  -2.828  0.667   1.00 8.98  ? 29 TRP B CH2 1 
ATOM   630 N N   . LEU B 1 30 ? -3.677  -1.035  -3.151  1.00 4.18  ? 30 LEU B N   1 
ATOM   631 C CA  . LEU B 1 30 ? -2.773  -2.085  -3.575  1.00 6.06  ? 30 LEU B CA  1 
ATOM   632 C C   . LEU B 1 30 ? -2.700  -2.148  -5.102  1.00 4.92  ? 30 LEU B C   1 
ATOM   633 O O   . LEU B 1 30 ? -1.642  -2.321  -5.675  1.00 4.81  ? 30 LEU B O   1 
ATOM   634 C CB  . LEU B 1 30 ? -3.216  -3.401  -2.972  1.00 6.22  ? 30 LEU B CB  1 
ATOM   635 C CG  . LEU B 1 30 ? -2.388  -4.646  -3.367  1.00 8.79  ? 30 LEU B CG  1 
ATOM   636 C CD1 . LEU B 1 30 ? -0.899  -4.438  -3.060  1.00 8.41  ? 30 LEU B CD1 1 
ATOM   637 C CD2 . LEU B 1 30 ? -2.919  -5.891  -2.633  1.00 12.34 ? 30 LEU B CD2 1 
ATOM   638 N N   . THR B 1 31 ? -3.824  -1.907  -5.775  1.00 5.22  ? 31 THR B N   1 
ATOM   639 C CA  . THR B 1 31 ? -3.794  -1.738  -7.232  1.00 4.56  ? 31 THR B CA  1 
ATOM   640 C C   . THR B 1 31 ? -2.883  -0.594  -7.622  1.00 4.42  ? 31 THR B C   1 
ATOM   641 O O   . THR B 1 31 ? -2.121  -0.730  -8.533  1.00 4.60  ? 31 THR B O   1 
ATOM   642 C CB  . THR B 1 31 ? -5.231  -1.504  -7.777  1.00 5.99  ? 31 THR B CB  1 
ATOM   643 O OG1 . THR B 1 31 ? -5.951  -2.748  -7.670  1.00 7.15  ? 31 THR B OG1 1 
ATOM   644 C CG2 . THR B 1 31 ? -5.161  -1.004  -9.231  1.00 4.54  ? 31 THR B CG2 1 
ATOM   645 N N   A ARG B 1 32 ? -2.955  0.561   -6.937  0.50 5.02  ? 32 ARG B N   1 
ATOM   646 N N   B ARG B 1 32 ? -2.953  0.501   -6.900  0.50 4.89  ? 32 ARG B N   1 
ATOM   647 C CA  A ARG B 1 32 ? -2.035  1.710   -7.196  0.50 5.02  ? 32 ARG B CA  1 
ATOM   648 C CA  B ARG B 1 32 ? -2.123  1.639   -7.182  0.50 4.79  ? 32 ARG B CA  1 
ATOM   649 C C   A ARG B 1 32 ? -0.573  1.299   -7.032  0.50 5.04  ? 32 ARG B C   1 
ATOM   650 C C   B ARG B 1 32 ? -0.619  1.306   -7.017  0.50 4.96  ? 32 ARG B C   1 
ATOM   651 O O   A ARG B 1 32 ? 0.292   1.577   -7.893  0.50 5.81  ? 32 ARG B O   1 
ATOM   652 O O   B ARG B 1 32 ? 0.219   1.608   -7.893  0.50 6.00  ? 32 ARG B O   1 
ATOM   653 C CB  A ARG B 1 32 ? -2.294  2.919   -6.268  0.50 4.76  ? 32 ARG B CB  1 
ATOM   654 C CB  B ARG B 1 32 ? -2.567  2.751   -6.263  0.50 4.46  ? 32 ARG B CB  1 
ATOM   655 C CG  A ARG B 1 32 ? -3.248  3.973   -6.772  0.50 4.58  ? 32 ARG B CG  1 
ATOM   656 C CG  B ARG B 1 32 ? -1.924  4.020   -6.539  0.50 3.36  ? 32 ARG B CG  1 
ATOM   657 C CD  A ARG B 1 32 ? -3.173  5.274   -5.921  0.50 2.58  ? 32 ARG B CD  1 
ATOM   658 C CD  B ARG B 1 32 ? -2.385  4.581   -7.891  0.50 9.12  ? 32 ARG B CD  1 
ATOM   659 N NE  A ARG B 1 32 ? -4.261  6.190   -6.282  0.50 3.40  ? 32 ARG B NE  1 
ATOM   660 N NE  B ARG B 1 32 ? -1.495  4.067   -8.915  0.50 15.26 ? 32 ARG B NE  1 
ATOM   661 C CZ  A ARG B 1 32 ? -4.430  7.420   -5.810  0.50 4.93  ? 32 ARG B CZ  1 
ATOM   662 C CZ  B ARG B 1 32 ? -0.643  4.791   -9.629  0.50 13.78 ? 32 ARG B CZ  1 
ATOM   663 N NH1 A ARG B 1 32 ? -3.623  7.944   -4.881  0.50 5.66  ? 32 ARG B NH1 1 
ATOM   664 N NH1 B ARG B 1 32 ? 0.140   4.156   -10.499 0.50 14.79 ? 32 ARG B NH1 1 
ATOM   665 N NH2 A ARG B 1 32 ? -5.464  8.114   -6.241  0.50 6.25  ? 32 ARG B NH2 1 
ATOM   666 N NH2 B ARG B 1 32 ? -0.618  6.120   -9.520  0.50 13.55 ? 32 ARG B NH2 1 
ATOM   667 N N   . LEU B 1 33 ? -0.280  0.641   -5.912  1.00 3.73  ? 33 LEU B N   1 
ATOM   668 C CA  . LEU B 1 33 ? 1.084   0.207   -5.656  1.00 4.76  ? 33 LEU B CA  1 
ATOM   669 C C   . LEU B 1 33 ? 1.559   -0.733  -6.765  1.00 5.46  ? 33 LEU B C   1 
ATOM   670 O O   . LEU B 1 33 ? 2.666   -0.563  -7.321  1.00 5.45  ? 33 LEU B O   1 
ATOM   671 C CB  . LEU B 1 33 ? 1.181   -0.470  -4.287  1.00 5.05  ? 33 LEU B CB  1 
ATOM   672 C CG  . LEU B 1 33 ? 2.524   -1.131  -3.979  1.00 4.66  ? 33 LEU B CG  1 
ATOM   673 C CD1 . LEU B 1 33 ? 3.658   -0.077  -3.993  1.00 6.54  ? 33 LEU B CD1 1 
ATOM   674 C CD2 . LEU B 1 33 ? 2.436   -1.832  -2.625  1.00 7.15  ? 33 LEU B CD2 1 
ATOM   675 N N   . LEU B 1 34 ? 0.779   -1.761  -7.053  1.00 4.70  ? 34 LEU B N   1 
ATOM   676 C CA  . LEU B 1 34 ? 1.203   -2.735  -8.059  1.00 4.69  ? 34 LEU B CA  1 
ATOM   677 C C   . LEU B 1 34 ? 1.357   -2.049  -9.403  1.00 6.25  ? 34 LEU B C   1 
ATOM   678 O O   . LEU B 1 34 ? 2.320   -2.337  -10.107 1.00 7.09  ? 34 LEU B O   1 
ATOM   679 C CB  . LEU B 1 34 ? 0.199   -3.864  -8.145  1.00 4.87  ? 34 LEU B CB  1 
ATOM   680 C CG  . LEU B 1 34 ? 0.393   -4.925  -7.062  1.00 5.54  ? 34 LEU B CG  1 
ATOM   681 C CD1 . LEU B 1 34 ? -0.895  -5.822  -7.029  1.00 5.20  ? 34 LEU B CD1 1 
ATOM   682 C CD2 . LEU B 1 34 ? 1.628   -5.763  -7.250  1.00 4.66  ? 34 LEU B CD2 1 
ATOM   683 N N   . GLN B 1 35 ? 0.455   -1.150  -9.788  1.00 6.21  ? 35 GLN B N   1 
ATOM   684 C CA  . GLN B 1 35 ? 0.631   -0.466  -11.084 1.00 6.89  ? 35 GLN B CA  1 
ATOM   685 C C   . GLN B 1 35 ? 1.974   0.300   -11.114 1.00 7.62  ? 35 GLN B C   1 
ATOM   686 O O   . GLN B 1 35 ? 2.733   0.254   -12.106 1.00 7.11  ? 35 GLN B O   1 
ATOM   687 C CB  . GLN B 1 35 ? -0.537  0.493   -11.340 1.00 7.17  ? 35 GLN B CB  1 
ATOM   688 C CG  . GLN B 1 35 ? -1.845  -0.189  -11.709 1.00 11.01 ? 35 GLN B CG  1 
ATOM   689 C CD  . GLN B 1 35 ? -3.046  0.750   -11.729 1.00 13.80 ? 35 GLN B CD  1 
ATOM   690 O OE1 . GLN B 1 35 ? -3.071  1.809   -11.056 1.00 17.05 ? 35 GLN B OE1 1 
ATOM   691 N NE2 . GLN B 1 35 ? -4.079  0.340   -12.444 1.00 13.12 ? 35 GLN B NE2 1 
ATOM   692 N N   A THR B 1 36 ? 2.256   1.038   -10.051 0.50 6.57  ? 36 THR B N   1 
ATOM   693 N N   B THR B 1 36 ? 2.265   1.019   -10.029 0.50 7.38  ? 36 THR B N   1 
ATOM   694 C CA  A THR B 1 36 ? 3.494   1.790   -9.988  0.50 6.71  ? 36 THR B CA  1 
ATOM   695 C CA  B THR B 1 36 ? 3.490   1.816   -9.945  0.50 8.25  ? 36 THR B CA  1 
ATOM   696 C C   A THR B 1 36 ? 4.692   0.867   -10.180 0.50 6.77  ? 36 THR B C   1 
ATOM   697 C C   B THR B 1 36 ? 4.759   0.947   -9.955  0.50 7.76  ? 36 THR B C   1 
ATOM   698 O O   A THR B 1 36 ? 5.625   1.199   -10.931 0.50 6.73  ? 36 THR B O   1 
ATOM   699 O O   B THR B 1 36 ? 5.834   1.413   -10.324 0.50 8.30  ? 36 THR B O   1 
ATOM   700 C CB  A THR B 1 36 ? 3.556   2.550   -8.687  0.50 7.39  ? 36 THR B CB  1 
ATOM   701 C CB  B THR B 1 36 ? 3.472   2.759   -8.723  0.50 9.13  ? 36 THR B CB  1 
ATOM   702 O OG1 A THR B 1 36 ? 2.464   3.466   -8.678  0.50 7.45  ? 36 THR B OG1 1 
ATOM   703 O OG1 B THR B 1 36 ? 4.172   3.957   -9.047  0.50 11.59 ? 36 THR B OG1 1 
ATOM   704 C CG2 A THR B 1 36 ? 4.867   3.287   -8.546  0.50 5.19  ? 36 THR B CG2 1 
ATOM   705 C CG2 B THR B 1 36 ? 4.129   2.097   -7.503  0.50 9.34  ? 36 THR B CG2 1 
ATOM   706 N N   . LYS B 1 37 ? 4.611   -0.326  -9.569  1.00 6.11  ? 37 LYS B N   1 
ATOM   707 C CA  . LYS B 1 37 ? 5.668   -1.295  -9.620  1.00 6.46  ? 37 LYS B CA  1 
ATOM   708 C C   . LYS B 1 37 ? 5.581   -2.281  -10.772 1.00 6.28  ? 37 LYS B C   1 
ATOM   709 O O   . LYS B 1 37 ? 6.185   -3.341  -10.730 1.00 6.84  ? 37 LYS B O   1 
ATOM   710 C CB  . LYS B 1 37 ? 5.721   -2.065  -8.284  1.00 6.32  ? 37 LYS B CB  1 
ATOM   711 C CG  . LYS B 1 37 ? 5.945   -1.169  -7.061  1.00 8.38  ? 37 LYS B CG  1 
ATOM   712 C CD  . LYS B 1 37 ? 7.171   -0.237  -7.231  1.00 10.02 ? 37 LYS B CD  1 
ATOM   713 C CE  . LYS B 1 37 ? 7.345   0.654   -6.033  1.00 13.39 ? 37 LYS B CE  1 
ATOM   714 N NZ  . LYS B 1 37 ? 8.696   1.327   -6.147  1.00 14.79 ? 37 LYS B NZ  1 
ATOM   715 N N   . ASN B 1 38 ? 4.845   -1.900  -11.812 1.00 6.24  ? 38 ASN B N   1 
ATOM   716 C CA  . ASN B 1 38 ? 4.747   -2.724  -13.025 1.00 5.81  ? 38 ASN B CA  1 
ATOM   717 C C   . ASN B 1 38 ? 4.224   -4.135  -12.802 1.00 5.80  ? 38 ASN B C   1 
ATOM   718 O O   . ASN B 1 38 ? 4.562   -5.073  -13.478 1.00 5.23  ? 38 ASN B O   1 
ATOM   719 C CB  . ASN B 1 38 ? 6.099   -2.832  -13.736 1.00 7.09  ? 38 ASN B CB  1 
ATOM   720 C CG  . ASN B 1 38 ? 6.685   -1.481  -13.976 1.00 6.81  ? 38 ASN B CG  1 
ATOM   721 O OD1 . ASN B 1 38 ? 6.033   -0.575  -14.517 1.00 8.25  ? 38 ASN B OD1 1 
ATOM   722 N ND2 . ASN B 1 38 ? 7.917   -1.305  -13.513 1.00 13.23 ? 38 ASN B ND2 1 
ATOM   723 N N   . TYR B 1 39 ? 3.365   -4.264  -11.795 1.00 6.01  ? 39 TYR B N   1 
ATOM   724 C CA  . TYR B 1 39 ? 2.765   -5.554  -11.363 1.00 5.65  ? 39 TYR B CA  1 
ATOM   725 C C   . TYR B 1 39 ? 3.771   -6.555  -10.824 1.00 5.82  ? 39 TYR B C   1 
ATOM   726 O O   . TYR B 1 39 ? 3.495   -7.751  -10.784 1.00 6.60  ? 39 TYR B O   1 
ATOM   727 C CB  . TYR B 1 39 ? 1.811   -6.157  -12.407 1.00 6.53  ? 39 TYR B CB  1 
ATOM   728 C CG  . TYR B 1 39 ? 0.591   -5.304  -12.604 1.00 9.86  ? 39 TYR B CG  1 
ATOM   729 C CD1 . TYR B 1 39 ? -0.341  -5.182  -11.568 1.00 10.20 ? 39 TYR B CD1 1 
ATOM   730 C CD2 . TYR B 1 39 ? 0.340   -4.665  -13.818 1.00 14.99 ? 39 TYR B CD2 1 
ATOM   731 C CE1 . TYR B 1 39 ? -1.478  -4.373  -11.690 1.00 12.48 ? 39 TYR B CE1 1 
ATOM   732 C CE2 . TYR B 1 39 ? -0.828  -3.842  -13.982 1.00 14.92 ? 39 TYR B CE2 1 
ATOM   733 C CZ  . TYR B 1 39 ? -1.702  -3.708  -12.882 1.00 15.24 ? 39 TYR B CZ  1 
ATOM   734 O OH  . TYR B 1 39 ? -2.857  -2.964  -12.956 1.00 17.58 ? 39 TYR B OH  1 
ATOM   735 N N   A ASP B 1 40 ? 4.936   -6.077  -10.377 0.50 5.49  ? 40 ASP B N   1 
ATOM   736 N N   B ASP B 1 40 ? 4.905   -6.050  -10.351 0.50 5.85  ? 40 ASP B N   1 
ATOM   737 C CA  A ASP B 1 40 ? 5.933   -6.966  -9.791  0.50 6.63  ? 40 ASP B CA  1 
ATOM   738 C CA  B ASP B 1 40 ? 5.934   -6.897  -9.802  0.50 7.39  ? 40 ASP B CA  1 
ATOM   739 C C   A ASP B 1 40 ? 5.696   -7.080  -8.294  0.50 6.71  ? 40 ASP B C   1 
ATOM   740 C C   B ASP B 1 40 ? 5.719   -7.073  -8.289  0.50 7.09  ? 40 ASP B C   1 
ATOM   741 O O   A ASP B 1 40 ? 5.831   -6.094  -7.560  0.50 7.48  ? 40 ASP B O   1 
ATOM   742 O O   B ASP B 1 40 ? 5.879   -6.108  -7.535  0.50 7.73  ? 40 ASP B O   1 
ATOM   743 C CB  A ASP B 1 40 ? 7.345   -6.440  -10.011 0.50 7.12  ? 40 ASP B CB  1 
ATOM   744 C CB  B ASP B 1 40 ? 7.299   -6.269  -10.074 0.50 8.39  ? 40 ASP B CB  1 
ATOM   745 C CG  A ASP B 1 40 ? 7.784   -6.544  -11.417 0.50 7.91  ? 40 ASP B CG  1 
ATOM   746 C CG  B ASP B 1 40 ? 8.407   -7.175  -9.694  0.50 11.10 ? 40 ASP B CG  1 
ATOM   747 O OD1 A ASP B 1 40 ? 8.727   -5.798  -11.744 0.50 11.02 ? 40 ASP B OD1 1 
ATOM   748 O OD1 B ASP B 1 40 ? 8.523   -8.202  -10.378 0.50 15.85 ? 40 ASP B OD1 1 
ATOM   749 O OD2 A ASP B 1 40 ? 7.235   -7.386  -12.175 0.50 8.90  ? 40 ASP B OD2 1 
ATOM   750 O OD2 B ASP B 1 40 ? 9.156   -6.887  -8.724  0.50 14.34 ? 40 ASP B OD2 1 
ATOM   751 N N   . ILE B 1 41 ? 5.370   -8.292  -7.859  1.00 7.19  ? 41 ILE B N   1 
ATOM   752 C CA  . ILE B 1 41 ? 5.098   -8.550  -6.465  1.00 6.94  ? 41 ILE B CA  1 
ATOM   753 C C   . ILE B 1 41 ? 6.296   -8.213  -5.581  1.00 6.73  ? 41 ILE B C   1 
ATOM   754 O O   . ILE B 1 41 ? 6.144   -7.588  -4.538  1.00 7.32  ? 41 ILE B O   1 
ATOM   755 C CB  . ILE B 1 41 ? 4.677   -10.025 -6.272  1.00 6.74  ? 41 ILE B CB  1 
ATOM   756 C CG1 . ILE B 1 41 ? 3.354   -10.310 -6.987  1.00 7.44  ? 41 ILE B CG1 1 
ATOM   757 C CG2 . ILE B 1 41 ? 4.635   -10.400 -4.808  1.00 8.62  ? 41 ILE B CG2 1 
ATOM   758 C CD1 . ILE B 1 41 ? 3.050   -11.814 -6.998  1.00 7.58  ? 41 ILE B CD1 1 
ATOM   759 N N   . GLY B 1 42 ? 7.495   -8.631  -5.977  1.00 6.46  ? 42 GLY B N   1 
ATOM   760 C CA  . GLY B 1 42 ? 8.664   -8.394  -5.113  1.00 6.73  ? 42 GLY B CA  1 
ATOM   761 C C   . GLY B 1 42 ? 8.876   -6.919  -4.829  1.00 6.54  ? 42 GLY B C   1 
ATOM   762 O O   . GLY B 1 42 ? 9.137   -6.518  -3.716  1.00 7.38  ? 42 GLY B O   1 
ATOM   763 N N   . ALA B 1 43 ? 8.750   -6.095  -5.859  1.00 7.30  ? 43 ALA B N   1 
ATOM   764 C CA  . ALA B 1 43 ? 8.922   -4.651  -5.713  1.00 7.06  ? 43 ALA B CA  1 
ATOM   765 C C   . ALA B 1 43 ? 7.822   -4.053  -4.835  1.00 7.33  ? 43 ALA B C   1 
ATOM   766 O O   . ALA B 1 43 ? 8.107   -3.178  -4.007  1.00 8.17  ? 43 ALA B O   1 
ATOM   767 C CB  . ALA B 1 43 ? 8.917   -3.989  -7.069  1.00 7.55  ? 43 ALA B CB  1 
ATOM   768 N N   . ALA B 1 44 ? 6.594   -4.581  -4.936  1.00 7.35  ? 44 ALA B N   1 
ATOM   769 C CA  . ALA B 1 44 ? 5.519   -4.097  -4.087  1.00 7.81  ? 44 ALA B CA  1 
ATOM   770 C C   . ALA B 1 44 ? 5.778   -4.499  -2.623  1.00 6.92  ? 44 ALA B C   1 
ATOM   771 O O   . ALA B 1 44 ? 5.676   -3.663  -1.717  1.00 7.32  ? 44 ALA B O   1 
ATOM   772 C CB  . ALA B 1 44 ? 4.203   -4.657  -4.577  1.00 7.40  ? 44 ALA B CB  1 
ATOM   773 N N   . LEU B 1 45 ? 6.241   -5.736  -2.409  1.00 7.66  ? 45 LEU B N   1 
ATOM   774 C CA  . LEU B 1 45 ? 6.592   -6.183  -1.056  1.00 7.55  ? 45 LEU B CA  1 
ATOM   775 C C   . LEU B 1 45 ? 7.727   -5.375  -0.470  1.00 8.48  ? 45 LEU B C   1 
ATOM   776 O O   . LEU B 1 45 ? 7.705   -5.060  0.730   1.00 8.52  ? 45 LEU B O   1 
ATOM   777 C CB  . LEU B 1 45 ? 6.942   -7.665  -1.079  1.00 7.15  ? 45 LEU B CB  1 
ATOM   778 C CG  . LEU B 1 45 ? 5.779   -8.628  -1.359  1.00 7.76  ? 45 LEU B CG  1 
ATOM   779 C CD1 . LEU B 1 45 ? 6.312   -10.069 -1.465  1.00 8.10  ? 45 LEU B CD1 1 
ATOM   780 C CD2 . LEU B 1 45 ? 4.676   -8.597  -0.322  1.00 8.66  ? 45 LEU B CD2 1 
ATOM   781 N N   A ASP B 1 46 ? 8.728   -5.056  -1.296  0.50 8.61  ? 46 ASP B N   1 
ATOM   782 N N   B ASP B 1 46 ? 8.709   -5.025  -1.291  0.50 9.41  ? 46 ASP B N   1 
ATOM   783 C CA  A ASP B 1 46 ? 9.843   -4.223  -0.827  0.50 9.39  ? 46 ASP B CA  1 
ATOM   784 C CA  B ASP B 1 46 ? 9.830   -4.236  -0.789  0.50 10.94 ? 46 ASP B CA  1 
ATOM   785 C C   A ASP B 1 46 ? 9.300   -2.877  -0.354  0.50 9.78  ? 46 ASP B C   1 
ATOM   786 C C   B ASP B 1 46 ? 9.380   -2.818  -0.409  0.50 10.71 ? 46 ASP B C   1 
ATOM   787 O O   A ASP B 1 46 ? 9.658   -2.394  0.734   0.50 10.53 ? 46 ASP B O   1 
ATOM   788 O O   B ASP B 1 46 ? 9.878   -2.227  0.566   0.50 11.18 ? 46 ASP B O   1 
ATOM   789 C CB  A ASP B 1 46 ? 10.875  -3.985  -1.934  0.50 9.77  ? 46 ASP B CB  1 
ATOM   790 C CB  B ASP B 1 46 ? 10.927  -4.199  -1.837  0.50 12.16 ? 46 ASP B CB  1 
ATOM   791 C CG  A ASP B 1 46 ? 11.731  -5.202  -2.224  0.50 9.78  ? 46 ASP B CG  1 
ATOM   792 C CG  B ASP B 1 46 ? 12.112  -3.393  -1.410  0.50 16.42 ? 46 ASP B CG  1 
ATOM   793 O OD1 A ASP B 1 46 ? 11.761  -6.120  -1.378  0.50 12.87 ? 46 ASP B OD1 1 
ATOM   794 O OD1 B ASP B 1 46 ? 12.571  -3.540  -0.256  0.50 21.03 ? 46 ASP B OD1 1 
ATOM   795 O OD2 A ASP B 1 46 ? 12.381  -5.212  -3.291  0.50 12.77 ? 46 ASP B OD2 1 
ATOM   796 O OD2 B ASP B 1 46 ? 12.609  -2.628  -2.257  0.50 21.59 ? 46 ASP B OD2 1 
ATOM   797 N N   . THR B 1 47 ? 8.433   -2.273  -1.172  1.00 10.25 ? 47 THR B N   1 
ATOM   798 C CA  . THR B 1 47 ? 7.934   -0.924  -0.894  1.00 10.42 ? 47 THR B CA  1 
ATOM   799 C C   . THR B 1 47 ? 7.182   -0.884  0.404   1.00 9.40  ? 47 THR B C   1 
ATOM   800 O O   . THR B 1 47 ? 7.260   0.127   1.131   1.00 10.94 ? 47 THR B O   1 
ATOM   801 C CB  . THR B 1 47 ? 7.107   -0.416  -2.069  1.00 10.16 ? 47 THR B CB  1 
ATOM   802 O OG1 . THR B 1 47 ? 7.964   -0.321  -3.211  1.00 12.93 ? 47 THR B OG1 1 
ATOM   803 C CG2 . THR B 1 47 ? 6.486   0.967   -1.776  1.00 10.26 ? 47 THR B CG2 1 
ATOM   804 N N   . ILE B 1 48 ? 6.398   -1.935  0.706   1.00 10.26 ? 48 ILE B N   1 
ATOM   805 C CA  . ILE B 1 48 ? 5.674   -1.961  1.968   1.00 10.21 ? 48 ILE B CA  1 
ATOM   806 C C   . ILE B 1 48 ? 6.499   -2.557  3.131   1.00 10.53 ? 48 ILE B C   1 
ATOM   807 O O   . ILE B 1 48 ? 5.977   -2.779  4.205   1.00 10.86 ? 48 ILE B O   1 
ATOM   808 C CB  . ILE B 1 48 ? 4.295   -2.613  1.872   1.00 10.55 ? 48 ILE B CB  1 
ATOM   809 C CG1 . ILE B 1 48 ? 4.449   -4.045  1.423   1.00 9.28  ? 48 ILE B CG1 1 
ATOM   810 C CG2 . ILE B 1 48 ? 3.410   -1.805  0.918   1.00 11.81 ? 48 ILE B CG2 1 
ATOM   811 C CD1 . ILE B 1 48 ? 3.182   -4.903  1.571   1.00 10.04 ? 48 ILE B CD1 1 
ATOM   812 N N   . GLN B 1 49 ? 7.783   -2.811  2.854   1.00 12.00 ? 49 GLN B N   1 
ATOM   813 C CA  A GLN B 1 49 ? 8.755   -3.308  3.849   0.50 12.00 ? 49 GLN B CA  1 
ATOM   814 C CA  B GLN B 1 49 ? 8.755   -3.291  3.851   0.50 12.12 ? 49 GLN B CA  1 
ATOM   815 C C   . GLN B 1 49 ? 8.311   -4.631  4.470   1.00 12.57 ? 49 GLN B C   1 
ATOM   816 O O   . GLN B 1 49 ? 8.441   -4.861  5.665   1.00 13.51 ? 49 GLN B O   1 
ATOM   817 C CB  A GLN B 1 49 ? 9.058   -2.236  4.913   0.50 12.01 ? 49 GLN B CB  1 
ATOM   818 C CB  B GLN B 1 49 ? 9.056   -2.185  4.898   0.50 12.23 ? 49 GLN B CB  1 
ATOM   819 C CG  A GLN B 1 49 ? 9.521   -0.945  4.276   0.50 11.77 ? 49 GLN B CG  1 
ATOM   820 C CG  B GLN B 1 49 ? 9.376   -0.835  4.223   0.50 12.76 ? 49 GLN B CG  1 
ATOM   821 C CD  A GLN B 1 49 ? 10.071  0.055   5.252   0.50 11.56 ? 49 GLN B CD  1 
ATOM   822 C CD  B GLN B 1 49 ? 9.915   0.248   5.148   0.50 13.06 ? 49 GLN B CD  1 
ATOM   823 O OE1 A GLN B 1 49 ? 11.083  -0.190  5.915   0.50 13.53 ? 49 GLN B OE1 1 
ATOM   824 O OE1 B GLN B 1 49 ? 9.238   0.702   6.075   0.50 14.08 ? 49 GLN B OE1 1 
ATOM   825 N NE2 A GLN B 1 49 ? 9.445   1.215   5.314   0.50 11.43 ? 49 GLN B NE2 1 
ATOM   826 N NE2 B GLN B 1 49 ? 11.147  0.689   4.881   0.50 15.91 ? 49 GLN B NE2 1 
ATOM   827 N N   . TYR B 1 50 ? 7.794   -5.527  3.625   1.00 13.24 ? 50 TYR B N   1 
ATOM   828 C CA  . TYR B 1 50 ? 7.312   -6.845  4.062   1.00 14.44 ? 50 TYR B CA  1 
ATOM   829 C C   . TYR B 1 50 ? 8.379   -7.840  4.603   1.00 16.94 ? 50 TYR B C   1 
ATOM   830 O O   . TYR B 1 50 ? 9.561   -7.753  4.250   1.00 20.16 ? 50 TYR B O   1 
ATOM   831 C CB  . TYR B 1 50 ? 6.444   -7.477  2.942   1.00 16.48 ? 50 TYR B CB  1 
ATOM   832 C CG  . TYR B 1 50 ? 5.608   -8.639  3.458   1.00 15.65 ? 50 TYR B CG  1 
ATOM   833 C CD1 . TYR B 1 50 ? 4.629   -8.419  4.437   1.00 16.46 ? 50 TYR B CD1 1 
ATOM   834 C CD2 . TYR B 1 50 ? 5.835   -9.940  3.026   1.00 18.42 ? 50 TYR B CD2 1 
ATOM   835 C CE1 . TYR B 1 50 ? 3.871   -9.451  4.951   1.00 18.96 ? 50 TYR B CE1 1 
ATOM   836 C CE2 . TYR B 1 50 ? 5.084   -10.996 3.542   1.00 19.25 ? 50 TYR B CE2 1 
ATOM   837 C CZ  . TYR B 1 50 ? 4.095   -10.739 4.503   1.00 19.44 ? 50 TYR B CZ  1 
ATOM   838 O OH  . TYR B 1 50 ? 3.337   -11.768 5.027   1.00 22.01 ? 50 TYR B OH  1 
HETATM 839 S S   . SO4 C 2 .  ? -9.117  7.602   -8.342  0.50 15.99 ? 54 SO4 A S   1 
HETATM 840 O O1  . SO4 C 2 .  ? -8.206  8.435   -7.604  0.50 19.04 ? 54 SO4 A O1  1 
HETATM 841 O O2  . SO4 C 2 .  ? -8.705  7.646   -9.735  0.50 19.51 ? 54 SO4 A O2  1 
HETATM 842 O O3  . SO4 C 2 .  ? -9.167  6.241   -7.827  0.50 15.99 ? 54 SO4 A O3  1 
HETATM 843 O O4  . SO4 C 2 .  ? -10.488 8.120   -8.303  0.50 19.37 ? 54 SO4 A O4  1 
HETATM 844 O O   . HOH D 3 .  ? 7.582   7.850   11.903  1.00 10.89 ? 55 HOH A O   1 
HETATM 845 O O   . HOH D 3 .  ? -8.363  18.288  9.267   1.00 26.70 ? 56 HOH A O   1 
HETATM 846 O O   . HOH D 3 .  ? 4.868   -4.786  5.784   1.00 14.92 ? 57 HOH A O   1 
HETATM 847 O O   . HOH D 3 .  ? -6.948  9.999   12.148  1.00 28.19 ? 58 HOH A O   1 
HETATM 848 O O   . HOH D 3 .  ? -1.522  17.629  14.253  1.00 22.95 ? 59 HOH A O   1 
HETATM 849 O O   . HOH D 3 .  ? -3.951  0.412   16.127  1.00 26.97 ? 60 HOH A O   1 
HETATM 850 O O   . HOH D 3 .  ? 10.193  2.049   -1.648  1.00 22.57 ? 61 HOH A O   1 
HETATM 851 O O   . HOH D 3 .  ? -4.491  -6.155  4.474   1.00 18.63 ? 62 HOH A O   1 
HETATM 852 O O   . HOH D 3 .  ? 7.563   9.409   -1.495  1.00 21.51 ? 63 HOH A O   1 
HETATM 853 O O   . HOH D 3 .  ? 13.417  4.153   9.117   1.00 42.90 ? 64 HOH A O   1 
HETATM 854 O O   . HOH D 3 .  ? 13.862  8.200   9.860   1.00 24.59 ? 65 HOH A O   1 
HETATM 855 O O   . HOH D 3 .  ? -6.698  13.488  1.947   1.00 16.43 ? 66 HOH A O   1 
HETATM 856 O O   . HOH D 3 .  ? -4.677  3.188   15.763  1.00 18.80 ? 67 HOH A O   1 
HETATM 857 O O   . HOH D 3 .  ? -6.307  16.098  1.647   1.00 22.29 ? 68 HOH A O   1 
HETATM 858 O O   . HOH D 3 .  ? 12.678  2.310   3.100   1.00 35.35 ? 69 HOH A O   1 
HETATM 859 O O   . HOH D 3 .  ? -6.523  -2.551  11.997  1.00 33.05 ? 70 HOH A O   1 
HETATM 860 O O   . HOH D 3 .  ? -12.270 6.666   4.251   1.00 30.58 ? 71 HOH A O   1 
HETATM 861 O O   . HOH D 3 .  ? -9.651  0.230   9.800   1.00 39.94 ? 72 HOH A O   1 
HETATM 862 O O   . HOH D 3 .  ? -5.701  9.057   -3.476  1.00 20.28 ? 73 HOH A O   1 
HETATM 863 O O   . HOH D 3 .  ? -6.711  5.013   -7.492  1.00 17.97 ? 74 HOH A O   1 
HETATM 864 O O   . HOH D 3 .  ? -0.803  12.922  -1.715  1.00 20.38 ? 75 HOH A O   1 
HETATM 865 O O   . HOH D 3 .  ? -0.307  -1.352  13.896  1.00 25.19 ? 76 HOH A O   1 
HETATM 866 O O   . HOH D 3 .  ? 9.111   12.555  7.235   1.00 16.83 ? 77 HOH A O   1 
HETATM 867 O O   . HOH D 3 .  ? 1.616   3.838   -6.064  1.00 18.65 ? 78 HOH A O   1 
HETATM 868 O O   . HOH D 3 .  ? -11.258 2.454   7.810   1.00 30.00 ? 79 HOH A O   1 
HETATM 869 O O   . HOH D 3 .  ? 3.886   14.395  11.303  1.00 18.27 ? 80 HOH A O   1 
HETATM 870 O O   . HOH D 3 .  ? -6.388  -5.198  6.291   1.00 24.71 ? 81 HOH A O   1 
HETATM 871 O O   . HOH D 3 .  ? -8.051  18.591  1.099   1.00 24.70 ? 82 HOH A O   1 
HETATM 872 O O   . HOH D 3 .  ? 9.241   2.497   -8.632  1.00 27.08 ? 83 HOH A O   1 
HETATM 873 O O   . HOH D 3 .  ? -6.246  -5.580  8.739   1.00 40.79 ? 84 HOH A O   1 
HETATM 874 O O   . HOH D 3 .  ? -6.705  -1.885  9.233   1.00 20.41 ? 85 HOH A O   1 
HETATM 875 O O   . HOH D 3 .  ? 10.976  7.562   3.022   1.00 31.76 ? 86 HOH A O   1 
HETATM 876 O O   . HOH D 3 .  ? 13.583  6.059   7.342   1.00 28.75 ? 87 HOH A O   1 
HETATM 877 O O   . HOH D 3 .  ? 8.067   15.069  6.551   1.00 26.21 ? 88 HOH A O   1 
HETATM 878 O O   . HOH D 3 .  ? 4.766   9.744   -7.539  1.00 21.96 ? 89 HOH A O   1 
HETATM 879 O O   . HOH E 3 .  ? 1.725   4.779   -12.412 1.00 24.45 ? 54 HOH B O   1 
HETATM 880 O O   . HOH E 3 .  ? 0.235   -18.308 -10.516 1.00 18.56 ? 55 HOH B O   1 
HETATM 881 O O   . HOH E 3 .  ? -6.304  2.212   -7.511  1.00 8.53  ? 56 HOH B O   1 
HETATM 882 O O   . HOH E 3 .  ? -12.266 2.710   3.667   1.00 24.69 ? 57 HOH B O   1 
HETATM 883 O O   . HOH E 3 .  ? -10.070 -5.496  -1.021  1.00 10.02 ? 58 HOH B O   1 
HETATM 884 O O   . HOH E 3 .  ? 0.739   -15.750 -2.562  1.00 12.94 ? 59 HOH B O   1 
HETATM 885 O O   . HOH E 3 .  ? 8.760   2.326   0.679   1.00 11.84 ? 60 HOH B O   1 
HETATM 886 O O   . HOH E 3 .  ? -6.473  -10.676 1.729   1.00 15.91 ? 61 HOH B O   1 
HETATM 887 O O   . HOH E 3 .  ? 10.426  -7.939  0.521   1.00 34.43 ? 62 HOH B O   1 
HETATM 888 O O   . HOH E 3 .  ? 9.024   -3.550  -11.635 1.00 35.97 ? 63 HOH B O   1 
HETATM 889 O O   . HOH E 3 .  ? -4.892  2.992   -9.673  1.00 11.83 ? 64 HOH B O   1 
HETATM 890 O O   . HOH E 3 .  ? 7.298   -9.967  -12.299 1.00 12.05 ? 65 HOH B O   1 
HETATM 891 O O   . HOH E 3 .  ? 1.478   10.142  -8.657  1.00 28.33 ? 66 HOH B O   1 
HETATM 892 O O   . HOH E 3 .  ? 0.718   7.921   -10.942 1.00 38.91 ? 67 HOH B O   1 
HETATM 893 O O   . HOH E 3 .  ? 3.177   5.710   -10.712 1.00 26.91 ? 68 HOH B O   1 
HETATM 894 O O   . HOH E 3 .  ? 0.117   -8.069  -18.701 1.00 16.66 ? 69 HOH B O   1 
HETATM 895 O O   . HOH E 3 .  ? 1.972   -12.019 -12.418 1.00 19.40 ? 70 HOH B O   1 
HETATM 896 O O   . HOH E 3 .  ? 8.473   1.031   -10.803 1.00 20.03 ? 71 HOH B O   1 
HETATM 897 O O   . HOH E 3 .  ? -1.821  -19.094 -9.191  1.00 19.80 ? 72 HOH B O   1 
HETATM 898 O O   . HOH E 3 .  ? -6.479  -1.654  -12.485 1.00 20.49 ? 73 HOH B O   1 
HETATM 899 O O   . HOH E 3 .  ? -5.652  10.998  -5.948  1.00 27.68 ? 74 HOH B O   1 
HETATM 900 O O   . HOH E 3 .  ? 6.081   3.687   -12.081 1.00 30.00 ? 75 HOH B O   1 
HETATM 901 O O   . HOH E 3 .  ? -4.301  6.191   -9.780  1.00 27.66 ? 76 HOH B O   1 
HETATM 902 O O   . HOH E 3 .  ? 6.500   -6.373  7.559   1.00 19.48 ? 77 HOH B O   1 
HETATM 903 O O   . HOH E 3 .  ? -10.777 0.336   6.109   1.00 23.40 ? 78 HOH B O   1 
HETATM 904 O O   . HOH E 3 .  ? -8.005  -3.304  4.912   1.00 22.18 ? 79 HOH B O   1 
HETATM 905 O O   . HOH E 3 .  ? -5.588  -18.099 -0.959  1.00 28.19 ? 80 HOH B O   1 
HETATM 906 O O   . HOH E 3 .  ? 11.010  -5.936  -9.834  1.00 23.62 ? 81 HOH B O   1 
HETATM 907 O O   . HOH E 3 .  ? -10.224 -5.304  4.003   1.00 25.75 ? 82 HOH B O   1 
HETATM 908 O O   . HOH E 3 .  ? 12.158  -7.620  -5.730  1.00 30.14 ? 83 HOH B O   1 
HETATM 909 O O   . HOH E 3 .  ? -5.320  -10.209 6.392   1.00 31.36 ? 84 HOH B O   1 
HETATM 910 O O   . HOH E 3 .  ? -6.059  -15.535 -4.684  1.00 11.97 ? 85 HOH B O   1 
HETATM 911 O O   . HOH E 3 .  ? -4.352  -17.501 1.739   1.00 28.79 ? 86 HOH B O   1 
HETATM 912 O O   . HOH E 3 .  ? 10.875  -8.449  -2.127  1.00 30.66 ? 87 HOH B O   1 
HETATM 913 O O   . HOH E 3 .  ? 8.420   3.407   -4.197  1.00 15.91 ? 88 HOH B O   1 
HETATM 914 O O   . HOH E 3 .  ? -7.524  -7.346  -16.673 1.00 23.57 ? 89 HOH B O   1 
HETATM 915 O O   . HOH E 3 .  ? 12.384  -3.182  -4.984  1.00 24.43 ? 90 HOH B O   1 
HETATM 916 O O   . HOH E 3 .  ? 10.414  -1.353  -4.806  1.00 19.40 ? 91 HOH B O   1 
HETATM 917 O O   . HOH E 3 .  ? 9.306   -1.484  -9.753  1.00 32.49 ? 92 HOH B O   1 
HETATM 918 O O   . HOH E 3 .  ? 9.766   1.104   -13.698 1.00 27.21 ? 93 HOH B O   1 
HETATM 919 O O   . HOH E 3 .  ? -2.837  -16.551 -8.549  1.00 23.23 ? 94 HOH B O   1 
HETATM 920 O O   . HOH E 3 .  ? 1.574   -12.907 4.007   1.00 29.79 ? 95 HOH B O   1 
# 
loop_
_atom_site_anisotrop.id 
_atom_site_anisotrop.type_symbol 
_atom_site_anisotrop.pdbx_label_atom_id 
_atom_site_anisotrop.pdbx_label_alt_id 
_atom_site_anisotrop.pdbx_label_comp_id 
_atom_site_anisotrop.pdbx_label_asym_id 
_atom_site_anisotrop.pdbx_label_seq_id 
_atom_site_anisotrop.pdbx_PDB_ins_code 
_atom_site_anisotrop.U[1][1] 
_atom_site_anisotrop.U[2][2] 
_atom_site_anisotrop.U[3][3] 
_atom_site_anisotrop.U[1][2] 
_atom_site_anisotrop.U[1][3] 
_atom_site_anisotrop.U[2][3] 
_atom_site_anisotrop.pdbx_auth_seq_id 
_atom_site_anisotrop.pdbx_auth_comp_id 
_atom_site_anisotrop.pdbx_auth_asym_id 
_atom_site_anisotrop.pdbx_auth_atom_id 
1   N N   . ASP A 8  ? 0.2297 0.2152 0.2037 -0.0185 -0.0022 0.0064  8  ASP A N   
2   C CA  . ASP A 8  ? 0.2105 0.1990 0.2014 -0.0088 -0.0038 0.0029  8  ASP A CA  
3   C C   . ASP A 8  ? 0.1858 0.1770 0.1699 -0.0014 -0.0011 0.0076  8  ASP A C   
4   O O   . ASP A 8  ? 0.2132 0.1598 0.1686 0.0130  0.0037  0.0070  8  ASP A O   
5   C CB  . ASP A 8  ? 0.2307 0.2072 0.2152 -0.0140 -0.0050 0.0124  8  ASP A CB  
6   C CG  . ASP A 8  ? 0.2205 0.2433 0.2227 -0.0156 0.0026  0.0054  8  ASP A CG  
7   O OD1 . ASP A 8  ? 0.1721 0.2132 0.2298 -0.0447 -0.0083 0.0111  8  ASP A OD1 
8   O OD2 . ASP A 8  ? 0.2505 0.2991 0.2619 -0.0376 -0.0089 0.0341  8  ASP A OD2 
9   N N   . PRO A 9  ? 0.1643 0.1366 0.1593 0.0040  0.0021  0.0028  9  PRO A N   
10  C CA  . PRO A 9  ? 0.1493 0.1457 0.1541 0.0069  -0.0018 -0.0067 9  PRO A CA  
11  C C   . PRO A 9  ? 0.1369 0.1389 0.1543 -0.0040 0.0029  -0.0034 9  PRO A C   
12  O O   . PRO A 9  ? 0.1356 0.1298 0.1666 0.0087  -0.0167 -0.0053 9  PRO A O   
13  C CB  . PRO A 9  ? 0.1434 0.1435 0.1695 0.0027  0.0078  -0.0061 9  PRO A CB  
14  C CG  . PRO A 9  ? 0.1301 0.1614 0.1535 0.0145  0.0037  -0.0017 9  PRO A CG  
15  C CD  . PRO A 9  ? 0.1350 0.1523 0.1544 0.0103  0.0022  -0.0008 9  PRO A CD  
16  N N   . ARG A 10 ? 0.1406 0.1134 0.1320 -0.0038 -0.0038 -0.0106 10 ARG A N   
17  C CA  . ARG A 10 ? 0.1429 0.1227 0.1328 0.0027  0.0103  -0.0061 10 ARG A CA  
18  C C   . ARG A 10 ? 0.1182 0.1185 0.1176 0.0003  -0.0050 -0.0057 10 ARG A C   
19  O O   . ARG A 10 ? 0.1237 0.1189 0.1135 0.0043  -0.0019 -0.0062 10 ARG A O   
20  C CB  . ARG A 10 ? 0.1463 0.1355 0.1290 0.0036  0.0136  0.0033  10 ARG A CB  
21  C CG  . ARG A 10 ? 0.1701 0.1571 0.1721 0.0151  0.0197  -0.0107 10 ARG A CG  
22  C CD  . ARG A 10 ? 0.1809 0.1937 0.1780 -0.0095 0.0114  0.0036  10 ARG A CD  
23  N NE  . ARG A 10 ? 0.1659 0.1907 0.1737 -0.0083 0.0132  -0.0131 10 ARG A NE  
24  C CZ  . ARG A 10 ? 0.1969 0.2036 0.2104 -0.0082 -0.0053 -0.0018 10 ARG A CZ  
25  N NH1 . ARG A 10 ? 0.2171 0.2463 0.2012 -0.0151 0.0235  0.0098  10 ARG A NH1 
26  N NH2 . ARG A 10 ? 0.2084 0.2519 0.2138 0.0040  0.0134  -0.0090 10 ARG A NH2 
27  N N   . LEU A 11 ? 0.1218 0.1151 0.1133 0.0056  -0.0021 -0.0089 11 LEU A N   
28  C CA  . LEU A 11 ? 0.1001 0.1215 0.1161 0.0079  0.0012  0.0048  11 LEU A CA  
29  C C   . LEU A 11 ? 0.1042 0.0997 0.1163 -0.0016 -0.0049 0.0038  11 LEU A C   
30  O O   . LEU A 11 ? 0.1098 0.1262 0.1283 0.0139  -0.0010 -0.0066 11 LEU A O   
31  C CB  . LEU A 11 ? 0.1193 0.1271 0.1224 -0.0037 -0.0024 -0.0012 11 LEU A CB  
32  C CG  . LEU A 11 ? 0.1068 0.1069 0.1228 0.0218  -0.0034 -0.0146 11 LEU A CG  
33  C CD1 . LEU A 11 ? 0.1368 0.1110 0.1806 -0.0107 0.0169  -0.0131 11 LEU A CD1 
34  C CD2 . LEU A 11 ? 0.1578 0.1627 0.1444 0.0154  -0.0163 -0.0167 11 LEU A CD2 
35  N N   . ILE A 12 ? 0.1058 0.1056 0.1153 -0.0002 -0.0033 -0.0031 12 ILE A N   
36  C CA  A ILE A 12 ? 0.1055 0.1093 0.1039 -0.0060 -0.0014 0.0036  12 ILE A CA  
37  C CA  B ILE A 12 ? 0.1050 0.1085 0.1015 -0.0069 0.0029  0.0061  12 ILE A CA  
38  C C   . ILE A 12 ? 0.0946 0.0980 0.0961 0.0006  0.0013  -0.0008 12 ILE A C   
39  O O   . ILE A 12 ? 0.1257 0.1105 0.0988 0.0022  -0.0079 -0.0096 12 ILE A O   
40  C CB  A ILE A 12 ? 0.1149 0.1158 0.1168 -0.0016 -0.0127 0.0116  12 ILE A CB  
41  C CB  B ILE A 12 ? 0.1149 0.1148 0.1146 0.0015  -0.0090 0.0123  12 ILE A CB  
42  C CG1 A ILE A 12 ? 0.1058 0.1103 0.1113 0.0087  -0.0127 0.0019  12 ILE A CG1 
43  C CG1 B ILE A 12 ? 0.1146 0.1354 0.1041 0.0026  0.0110  0.0154  12 ILE A CG1 
44  C CG2 A ILE A 12 ? 0.1170 0.1246 0.1238 -0.0174 -0.0042 0.0054  12 ILE A CG2 
45  C CG2 B ILE A 12 ? 0.1031 0.1054 0.1074 -0.0238 0.0211  0.0133  12 ILE A CG2 
46  C CD1 A ILE A 12 ? 0.0951 0.0894 0.1042 0.0254  0.0016  0.0156  12 ILE A CD1 
47  C CD1 B ILE A 12 ? 0.1806 0.1537 0.1544 0.0114  0.0005  -0.0067 12 ILE A CD1 
48  N N   A GLU A 13 ? 0.0999 0.0971 0.0874 -0.0040 -0.0051 0.0008  13 GLU A N   
49  N N   B GLU A 13 ? 0.1012 0.0998 0.0887 -0.0043 -0.0046 0.0014  13 GLU A N   
50  C CA  A GLU A 13 ? 0.1074 0.0985 0.0868 0.0059  -0.0025 0.0053  13 GLU A CA  
51  C CA  B GLU A 13 ? 0.1116 0.1044 0.0923 0.0052  -0.0031 0.0049  13 GLU A CA  
52  C C   A GLU A 13 ? 0.0985 0.0957 0.0996 -0.0024 -0.0046 -0.0069 13 GLU A C   
53  C C   B GLU A 13 ? 0.0998 0.0984 0.1006 -0.0025 -0.0046 -0.0069 13 GLU A C   
54  O O   A GLU A 13 ? 0.1172 0.1021 0.0987 -0.0026 -0.0168 0.0033  13 GLU A O   
55  O O   B GLU A 13 ? 0.1146 0.1026 0.1034 -0.0030 -0.0134 -0.0017 13 GLU A O   
56  C CB  A GLU A 13 ? 0.1161 0.1094 0.1045 0.0041  0.0082  0.0012  13 GLU A CB  
57  C CB  B GLU A 13 ? 0.1197 0.1202 0.1079 0.0023  0.0082  0.0043  13 GLU A CB  
58  C CG  A GLU A 13 ? 0.1169 0.1151 0.1201 -0.0018 0.0106  -0.0027 13 GLU A CG  
59  C CG  B GLU A 13 ? 0.1474 0.1464 0.1533 -0.0009 0.0045  -0.0054 13 GLU A CG  
60  C CD  A GLU A 13 ? 0.1323 0.1144 0.1375 -0.0107 0.0143  -0.0005 13 GLU A CD  
61  C CD  B GLU A 13 ? 0.1746 0.1989 0.1840 0.0026  0.0179  0.0015  13 GLU A CD  
62  O OE1 A GLU A 13 ? 0.1199 0.0939 0.1424 -0.0234 0.0430  0.0093  13 GLU A OE1 
63  O OE1 B GLU A 13 ? 0.2115 0.2237 0.2418 0.0018  0.0121  0.0097  13 GLU A OE1 
64  O OE2 A GLU A 13 ? 0.1649 0.1479 0.1952 -0.0077 0.0071  0.0249  13 GLU A OE2 
65  O OE2 B GLU A 13 ? 0.2239 0.2214 0.2312 -0.0060 0.0257  0.0175  13 GLU A OE2 
66  N N   . SER A 14 ? 0.1030 0.0873 0.0899 -0.0012 -0.0070 -0.0089 14 SER A N   
67  C CA  . SER A 14 ? 0.0895 0.0950 0.1031 -0.0049 -0.0009 -0.0045 14 SER A CA  
68  C C   . SER A 14 ? 0.1005 0.0984 0.1110 -0.0101 -0.0015 0.0023  14 SER A C   
69  O O   . SER A 14 ? 0.0917 0.0946 0.1136 -0.0063 0.0068  -0.0029 14 SER A O   
70  C CB  . SER A 14 ? 0.0813 0.1058 0.1127 0.0001  -0.0052 0.0157  14 SER A CB  
71  O OG  . SER A 14 ? 0.1024 0.1432 0.1118 0.0066  0.0000  0.0042  14 SER A OG  
72  N N   . LEU A 15 ? 0.0856 0.1008 0.0989 -0.0127 -0.0017 -0.0006 15 LEU A N   
73  C CA  . LEU A 15 ? 0.1126 0.1059 0.0996 0.0033  -0.0045 0.0074  15 LEU A CA  
74  C C   . LEU A 15 ? 0.1066 0.0918 0.0863 -0.0014 -0.0001 0.0023  15 LEU A C   
75  O O   . LEU A 15 ? 0.1099 0.1077 0.0888 0.0050  -0.0067 -0.0078 15 LEU A O   
76  C CB  . LEU A 15 ? 0.1243 0.1305 0.0925 -0.0014 -0.0179 0.0047  15 LEU A CB  
77  C CG  . LEU A 15 ? 0.1134 0.1070 0.1275 0.0045  -0.0078 0.0039  15 LEU A CG  
78  C CD1 . LEU A 15 ? 0.1158 0.1025 0.1096 -0.0049 -0.0132 0.0094  15 LEU A CD1 
79  C CD2 . LEU A 15 ? 0.1441 0.0935 0.1138 -0.0079 0.0107  -0.0142 15 LEU A CD2 
80  N N   . SER A 16 ? 0.1019 0.0917 0.0838 -0.0159 0.0021  0.0026  16 SER A N   
81  C CA  . SER A 16 ? 0.0922 0.1043 0.1022 -0.0067 -0.0050 0.0040  16 SER A CA  
82  C C   . SER A 16 ? 0.0773 0.0868 0.1078 -0.0145 0.0003  0.0026  16 SER A C   
83  O O   . SER A 16 ? 0.0921 0.1233 0.1119 0.0082  -0.0018 -0.0061 16 SER A O   
84  C CB  . SER A 16 ? 0.1063 0.1064 0.1235 -0.0093 -0.0228 -0.0083 16 SER A CB  
85  O OG  . SER A 16 ? 0.1490 0.1506 0.1638 -0.0080 -0.0337 0.0104  16 SER A OG  
86  N N   . GLN A 17 ? 0.0962 0.0848 0.0893 -0.0137 -0.0001 0.0093  17 GLN A N   
87  C CA  . GLN A 17 ? 0.0984 0.0892 0.0878 0.0022  -0.0060 0.0036  17 GLN A CA  
88  C C   . GLN A 17 ? 0.0967 0.0977 0.0961 0.0033  -0.0085 -0.0053 17 GLN A C   
89  O O   . GLN A 17 ? 0.1091 0.1196 0.1118 0.0078  -0.0079 -0.0034 17 GLN A O   
90  C CB  . GLN A 17 ? 0.0947 0.0981 0.0970 -0.0098 -0.0044 0.0036  17 GLN A CB  
91  C CG  . GLN A 17 ? 0.0978 0.0846 0.0992 -0.0002 -0.0127 0.0112  17 GLN A CG  
92  C CD  . GLN A 17 ? 0.0832 0.1068 0.1065 0.0059  0.0002  0.0087  17 GLN A CD  
93  O OE1 . GLN A 17 ? 0.1375 0.1178 0.1261 0.0142  -0.0233 -0.0071 17 GLN A OE1 
94  N NE2 . GLN A 17 ? 0.1228 0.1150 0.0736 -0.0289 0.0171  0.0173  17 GLN A NE2 
95  N N   . MET A 18 ? 0.1058 0.0917 0.1039 -0.0011 0.0021  -0.0117 18 MET A N   
96  C CA  A MET A 18 ? 0.1004 0.0974 0.1136 0.0045  -0.0026 -0.0090 18 MET A CA  
97  C CA  B MET A 18 ? 0.1042 0.0987 0.1200 0.0021  -0.0015 -0.0115 18 MET A CA  
98  C C   . MET A 18 ? 0.1050 0.0911 0.1017 0.0031  0.0021  0.0014  18 MET A C   
99  O O   . MET A 18 ? 0.1073 0.0855 0.1030 0.0050  0.0004  -0.0090 18 MET A O   
100 C CB  A MET A 18 ? 0.0962 0.1003 0.0991 -0.0005 -0.0065 0.0030  18 MET A CB  
101 C CB  B MET A 18 ? 0.1101 0.1083 0.1314 -0.0083 -0.0059 -0.0046 18 MET A CB  
102 C CG  A MET A 18 ? 0.1043 0.0990 0.1123 0.0132  0.0060  0.0068  18 MET A CG  
103 C CG  B MET A 18 ? 0.1302 0.1123 0.1116 0.0054  -0.0080 -0.0129 18 MET A CG  
104 S SD  A MET A 18 ? 0.0863 0.0835 0.1018 -0.0004 -0.0050 0.0087  18 MET A SD  
105 S SD  B MET A 18 ? 0.1625 0.1473 0.1057 0.0031  -0.0149 -0.0089 18 MET A SD  
106 C CE  A MET A 18 ? 0.1247 0.0947 0.0979 -0.0317 -0.0181 -0.0042 18 MET A CE  
107 C CE  B MET A 18 ? 0.1242 0.1279 0.1205 -0.0154 -0.0038 -0.0062 18 MET A CE  
108 N N   . LEU A 19 ? 0.1019 0.1020 0.1164 0.0010  0.0056  -0.0122 19 LEU A N   
109 C CA  . LEU A 19 ? 0.1160 0.1104 0.1097 0.0071  0.0110  -0.0019 19 LEU A CA  
110 C C   . LEU A 19 ? 0.1063 0.1095 0.1007 0.0023  0.0189  -0.0028 19 LEU A C   
111 O O   . LEU A 19 ? 0.1148 0.1292 0.1199 0.0099  0.0002  0.0054  19 LEU A O   
112 C CB  . LEU A 19 ? 0.1215 0.1150 0.1331 0.0080  0.0220  -0.0009 19 LEU A CB  
113 C CG  . LEU A 19 ? 0.1965 0.1638 0.2009 0.0077  -0.0111 0.0266  19 LEU A CG  
114 C CD1 . LEU A 19 ? 0.2402 0.1994 0.2371 0.0039  -0.0287 0.0069  19 LEU A CD1 
115 C CD2 . LEU A 19 ? 0.2279 0.1389 0.2186 -0.0032 -0.0018 0.0245  19 LEU A CD2 
116 N N   . SER A 20 ? 0.1081 0.1097 0.0980 -0.0144 0.0144  0.0023  20 SER A N   
117 C CA  . SER A 20 ? 0.1184 0.1209 0.1083 -0.0107 0.0053  -0.0026 20 SER A CA  
118 C C   . SER A 20 ? 0.1295 0.1243 0.1122 -0.0059 -0.0058 0.0039  20 SER A C   
119 O O   . SER A 20 ? 0.1393 0.1371 0.1264 -0.0013 -0.0082 0.0073  20 SER A O   
120 C CB  . SER A 20 ? 0.1418 0.1430 0.1180 -0.0180 0.0061  -0.0153 20 SER A CB  
121 O OG  . SER A 20 ? 0.1635 0.1541 0.1349 -0.0131 0.0281  -0.0158 20 SER A OG  
122 N N   . MET A 21 ? 0.1295 0.1220 0.1192 -0.0072 -0.0036 0.0073  21 MET A N   
123 C CA  A MET A 21 ? 0.1333 0.1217 0.1402 0.0070  -0.0060 0.0067  21 MET A CA  
124 C CA  B MET A 21 ? 0.1327 0.1206 0.1394 0.0064  -0.0060 0.0063  21 MET A CA  
125 C C   . MET A 21 ? 0.1441 0.1226 0.1416 -0.0046 -0.0139 -0.0006 21 MET A C   
126 O O   . MET A 21 ? 0.1570 0.1391 0.1788 0.0096  -0.0167 -0.0060 21 MET A O   
127 C CB  A MET A 21 ? 0.1436 0.1322 0.1476 0.0028  0.0010  0.0055  21 MET A CB  
128 C CB  B MET A 21 ? 0.1406 0.1298 0.1447 0.0037  0.0002  0.0052  21 MET A CB  
129 C CG  A MET A 21 ? 0.1497 0.1515 0.1358 0.0079  -0.0038 -0.0024 21 MET A CG  
130 C CG  B MET A 21 ? 0.1501 0.1419 0.1361 0.0006  -0.0040 -0.0065 21 MET A CG  
131 S SD  A MET A 21 ? 0.1683 0.1599 0.1480 -0.0090 0.0053  -0.0088 21 MET A SD  
132 S SD  B MET A 21 ? 0.1330 0.1379 0.1319 0.0186  0.0070  -0.0115 21 MET A SD  
133 C CE  A MET A 21 ? 0.1391 0.1631 0.1304 -0.0122 0.0172  -0.0062 21 MET A CE  
134 C CE  B MET A 21 ? 0.1088 0.1097 0.1281 0.0051  -0.0017 -0.0330 21 MET A CE  
135 N N   . GLY A 22 ? 0.1316 0.1278 0.1090 0.0150  0.0016  0.0013  22 GLY A N   
136 C CA  . GLY A 22 ? 0.1492 0.1518 0.1259 0.0101  -0.0014 -0.0095 22 GLY A CA  
137 C C   . GLY A 22 ? 0.1482 0.1621 0.1293 0.0182  -0.0008 -0.0005 22 GLY A C   
138 O O   . GLY A 22 ? 0.1894 0.1861 0.1467 0.0325  -0.0101 -0.0145 22 GLY A O   
139 N N   . PHE A 23 ? 0.1301 0.1356 0.1214 0.0017  -0.0099 -0.0048 23 PHE A N   
140 C CA  . PHE A 23 ? 0.1571 0.1477 0.1345 0.0024  -0.0207 -0.0056 23 PHE A CA  
141 C C   . PHE A 23 ? 0.1865 0.1578 0.1481 0.0044  -0.0081 -0.0078 23 PHE A C   
142 O O   . PHE A 23 ? 0.2620 0.1776 0.1871 0.0162  -0.0208 -0.0075 23 PHE A O   
143 C CB  . PHE A 23 ? 0.1485 0.1474 0.1261 0.0035  -0.0223 0.0023  23 PHE A CB  
144 C CG  . PHE A 23 ? 0.0919 0.1096 0.1137 -0.0045 -0.0291 0.0007  23 PHE A CG  
145 C CD1 . PHE A 23 ? 0.1072 0.1139 0.1028 0.0159  -0.0197 0.0063  23 PHE A CD1 
146 C CD2 . PHE A 23 ? 0.0778 0.1205 0.1308 0.0095  -0.0327 -0.0203 23 PHE A CD2 
147 C CE1 . PHE A 23 ? 0.1107 0.0815 0.1157 -0.0188 -0.0110 0.0061  23 PHE A CE1 
148 C CE2 . PHE A 23 ? 0.1110 0.1192 0.1247 -0.0143 -0.0122 -0.0287 23 PHE A CE2 
149 C CZ  . PHE A 23 ? 0.0972 0.1042 0.1289 0.0205  -0.0124 -0.0069 23 PHE A CZ  
150 N N   . SER A 24 ? 0.1552 0.1615 0.1371 -0.0030 -0.0151 -0.0021 24 SER A N   
151 C CA  . SER A 24 ? 0.1586 0.1699 0.1592 -0.0045 -0.0082 0.0083  24 SER A CA  
152 C C   . SER A 24 ? 0.1421 0.1595 0.1523 -0.0116 -0.0131 0.0113  24 SER A C   
153 O O   . SER A 24 ? 0.1816 0.1841 0.1979 -0.0220 -0.0357 0.0290  24 SER A O   
154 C CB  . SER A 24 ? 0.1806 0.1968 0.1753 0.0025  -0.0065 0.0011  24 SER A CB  
155 O OG  . SER A 24 ? 0.2599 0.2721 0.2403 -0.0050 0.0209  0.0103  24 SER A OG  
156 N N   . ASP A 25 ? 0.1134 0.1253 0.1262 -0.0129 -0.0045 -0.0052 25 ASP A N   
157 C CA  . ASP A 25 ? 0.1205 0.1192 0.1372 0.0037  -0.0027 -0.0058 25 ASP A CA  
158 C C   . ASP A 25 ? 0.1241 0.1104 0.1373 -0.0010 -0.0017 0.0066  25 ASP A C   
159 O O   . ASP A 25 ? 0.1048 0.1141 0.1387 -0.0015 -0.0111 0.0082  25 ASP A O   
160 C CB  . ASP A 25 ? 0.1102 0.1291 0.1259 0.0000  0.0224  -0.0162 25 ASP A CB  
161 C CG  . ASP A 25 ? 0.1400 0.1121 0.1361 0.0044  -0.0020 -0.0123 25 ASP A CG  
162 O OD1 . ASP A 25 ? 0.0982 0.1427 0.1349 0.0062  0.0103  -0.0126 25 ASP A OD1 
163 O OD2 . ASP A 25 ? 0.1459 0.1308 0.1873 -0.0033 0.0315  0.0092  25 ASP A OD2 
164 N N   . GLU A 26 ? 0.1416 0.1465 0.1381 0.0054  0.0147  0.0071  26 GLU A N   
165 C CA  . GLU A 26 ? 0.1540 0.1678 0.1450 0.0082  0.0073  -0.0009 26 GLU A CA  
166 C C   . GLU A 26 ? 0.1517 0.1475 0.1209 0.0015  0.0094  -0.0050 26 GLU A C   
167 O O   . GLU A 26 ? 0.1728 0.1396 0.1326 -0.0001 -0.0072 0.0002  26 GLU A O   
168 C CB  . GLU A 26 ? 0.1898 0.2130 0.1778 0.0125  0.0055  -0.0142 26 GLU A CB  
169 C CG  . GLU A 26 ? 0.2636 0.2836 0.2556 -0.0098 0.0066  0.0085  26 GLU A CG  
170 C CD  . GLU A 26 ? 0.3556 0.3616 0.3628 0.0117  0.0108  -0.0092 26 GLU A CD  
171 O OE1 . GLU A 26 ? 0.3953 0.3981 0.3929 0.0144  -0.0057 0.0044  26 GLU A OE1 
172 O OE2 . GLU A 26 ? 0.3974 0.4114 0.3767 -0.0029 0.0089  -0.0166 26 GLU A OE2 
173 N N   . GLY A 27 ? 0.1272 0.1341 0.1117 0.0101  0.0067  -0.0004 27 GLY A N   
174 C CA  . GLY A 27 ? 0.1323 0.1289 0.1299 0.0002  0.0102  -0.0013 27 GLY A CA  
175 C C   . GLY A 27 ? 0.1156 0.1184 0.1111 -0.0094 0.0037  -0.0029 27 GLY A C   
176 O O   . GLY A 27 ? 0.1357 0.1536 0.1380 -0.0067 -0.0104 -0.0069 27 GLY A O   
177 N N   . GLY A 28 ? 0.1180 0.1109 0.1057 -0.0033 0.0119  -0.0045 28 GLY A N   
178 C CA  . GLY A 28 ? 0.0993 0.1090 0.1007 -0.0010 0.0039  0.0023  28 GLY A CA  
179 C C   . GLY A 28 ? 0.0852 0.0906 0.0914 0.0070  -0.0029 0.0021  28 GLY A C   
180 O O   . GLY A 28 ? 0.0854 0.1134 0.0824 0.0022  0.0115  -0.0104 28 GLY A O   
181 N N   . TRP A 29 ? 0.0953 0.0860 0.0794 0.0009  -0.0134 -0.0011 29 TRP A N   
182 C CA  . TRP A 29 ? 0.0779 0.0734 0.0616 0.0052  0.0084  -0.0005 29 TRP A CA  
183 C C   . TRP A 29 ? 0.0783 0.0838 0.0887 0.0109  -0.0008 -0.0035 29 TRP A C   
184 O O   . TRP A 29 ? 0.0879 0.0880 0.0958 -0.0016 -0.0063 -0.0008 29 TRP A O   
185 C CB  . TRP A 29 ? 0.0658 0.0869 0.0937 0.0113  -0.0146 0.0033  29 TRP A CB  
186 C CG  . TRP A 29 ? 0.0417 0.0799 0.0766 -0.0055 0.0064  0.0039  29 TRP A CG  
187 C CD1 . TRP A 29 ? 0.0767 0.0778 0.1005 0.0080  0.0130  0.0073  29 TRP A CD1 
188 C CD2 . TRP A 29 ? 0.0812 0.0741 0.0888 -0.0008 -0.0047 0.0104  29 TRP A CD2 
189 N NE1 . TRP A 29 ? 0.1034 0.0913 0.1144 0.0078  -0.0038 -0.0030 29 TRP A NE1 
190 C CE2 . TRP A 29 ? 0.0757 0.0644 0.0999 -0.0042 -0.0149 -0.0027 29 TRP A CE2 
191 C CE3 . TRP A 29 ? 0.0724 0.0861 0.1016 0.0031  0.0108  0.0073  29 TRP A CE3 
192 C CZ2 . TRP A 29 ? 0.1063 0.0551 0.0910 0.0028  0.0143  0.0031  29 TRP A CZ2 
193 C CZ3 . TRP A 29 ? 0.0773 0.0842 0.1075 -0.0088 -0.0016 0.0099  29 TRP A CZ3 
194 C CH2 . TRP A 29 ? 0.0843 0.0852 0.0972 0.0076  0.0114  0.0055  29 TRP A CH2 
195 N N   . LEU A 30 ? 0.0636 0.0805 0.0621 0.0057  0.0029  -0.0095 30 LEU A N   
196 C CA  . LEU A 30 ? 0.0937 0.0779 0.0859 0.0110  0.0012  -0.0117 30 LEU A CA  
197 C C   . LEU A 30 ? 0.0774 0.0614 0.0814 -0.0029 0.0046  -0.0024 30 LEU A C   
198 O O   . LEU A 30 ? 0.0845 0.0809 0.0837 -0.0123 0.0074  -0.0037 30 LEU A O   
199 C CB  . LEU A 30 ? 0.0985 0.1191 0.0804 0.0157  -0.0067 -0.0195 30 LEU A CB  
200 C CG  . LEU A 30 ? 0.1200 0.1264 0.0925 0.0163  -0.0097 -0.0247 30 LEU A CG  
201 C CD1 . LEU A 30 ? 0.1674 0.1452 0.1202 0.0311  -0.0219 -0.0049 30 LEU A CD1 
202 C CD2 . LEU A 30 ? 0.1283 0.1592 0.1700 0.0065  -0.0228 -0.0157 30 LEU A CD2 
203 N N   . THR A 31 ? 0.0733 0.0641 0.0970 -0.0094 0.0072  0.0111  31 THR A N   
204 C CA  . THR A 31 ? 0.0893 0.0813 0.0770 -0.0019 0.0036  0.0105  31 THR A CA  
205 C C   . THR A 31 ? 0.0922 0.0784 0.0835 -0.0002 0.0048  -0.0015 31 THR A C   
206 O O   . THR A 31 ? 0.0875 0.0862 0.0821 0.0035  0.0098  0.0016  31 THR A O   
207 C CB  . THR A 31 ? 0.0741 0.0592 0.0777 -0.0094 0.0179  0.0169  31 THR A CB  
208 O OG1 . THR A 31 ? 0.0898 0.0973 0.1179 -0.0065 -0.0206 -0.0002 31 THR A OG1 
209 C CG2 . THR A 31 ? 0.1026 0.1161 0.0793 0.0122  -0.0009 0.0121  31 THR A CG2 
210 N N   . ARG A 32 ? 0.0901 0.0795 0.0796 -0.0125 -0.0103 0.0019  32 ARG A N   
211 C CA  A ARG A 32 ? 0.0855 0.0929 0.0836 -0.0097 -0.0018 0.0052  32 ARG A CA  
212 C CA  B ARG A 32 ? 0.0838 0.0844 0.0845 -0.0072 -0.0030 0.0042  32 ARG A CA  
213 C C   . ARG A 32 ? 0.0651 0.0803 0.0727 -0.0059 -0.0041 0.0069  32 ARG A C   
214 O O   . ARG A 32 ? 0.0899 0.1085 0.0928 0.0060  0.0016  0.0005  32 ARG A O   
215 C CB  A ARG A 32 ? 0.0842 0.0978 0.0698 -0.0129 -0.0015 0.0039  32 ARG A CB  
216 C CB  B ARG A 32 ? 0.0859 0.0674 0.0733 -0.0016 -0.0063 0.0051  32 ARG A CB  
217 C CG  A ARG A 32 ? 0.0817 0.0928 0.0866 -0.0073 -0.0006 0.0031  32 ARG A CG  
218 C CG  B ARG A 32 ? 0.0743 0.0963 0.0911 0.0054  -0.0098 -0.0110 32 ARG A CG  
219 C CD  A ARG A 32 ? 0.0686 0.0799 0.0759 -0.0096 0.0279  0.0130  32 ARG A CD  
220 C CD  B ARG A 32 ? 0.0932 0.0682 0.1081 -0.0021 0.0149  0.0065  32 ARG A CD  
221 N NE  A ARG A 32 ? 0.1008 0.0911 0.0819 0.0095  -0.0009 0.0021  32 ARG A NE  
222 N NE  B ARG A 32 ? 0.1092 0.0942 0.1159 0.0159  -0.0069 0.0160  32 ARG A NE  
223 C CZ  A ARG A 32 ? 0.0808 0.0779 0.0897 0.0103  0.0044  0.0074  32 ARG A CZ  
224 C CZ  B ARG A 32 ? 0.1271 0.0856 0.1067 -0.0083 0.0012  0.0018  32 ARG A CZ  
225 N NH1 A ARG A 32 ? 0.1131 0.0823 0.0908 -0.0020 -0.0040 0.0153  32 ARG A NH1 
226 N NH1 B ARG A 32 ? 0.0754 0.0854 0.1011 -0.0390 0.0017  -0.0016 32 ARG A NH1 
227 N NH2 A ARG A 32 ? 0.1123 0.0424 0.1072 0.0015  -0.0184 -0.0173 32 ARG A NH2 
228 N NH2 B ARG A 32 ? 0.1201 0.1035 0.1499 -0.0303 -0.0065 0.0201  32 ARG A NH2 
229 N N   . LEU A 33 ? 0.0758 0.0766 0.0642 -0.0056 -0.0064 0.0031  33 LEU A N   
230 C CA  . LEU A 33 ? 0.0929 0.0868 0.0689 0.0057  0.0034  -0.0048 33 LEU A CA  
231 C C   . LEU A 33 ? 0.0631 0.0716 0.0572 -0.0020 0.0046  -0.0050 33 LEU A C   
232 O O   . LEU A 33 ? 0.0847 0.0944 0.0781 -0.0062 0.0084  -0.0018 33 LEU A O   
233 C CB  . LEU A 33 ? 0.0952 0.0767 0.0623 0.0007  0.0006  -0.0058 33 LEU A CB  
234 C CG  . LEU A 33 ? 0.1023 0.0999 0.0699 -0.0042 0.0130  -0.0056 33 LEU A CG  
235 C CD1 . LEU A 33 ? 0.1420 0.0843 0.1009 -0.0028 0.0065  0.0147  33 LEU A CD1 
236 C CD2 . LEU A 33 ? 0.1182 0.1049 0.0600 0.0409  0.0133  0.0088  33 LEU A CD2 
237 N N   . LEU A 34 ? 0.0738 0.0683 0.0667 -0.0053 0.0056  -0.0099 34 LEU A N   
238 C CA  . LEU A 34 ? 0.0861 0.0784 0.0962 -0.0009 0.0013  -0.0078 34 LEU A CA  
239 C C   . LEU A 34 ? 0.0813 0.0819 0.0778 -0.0021 0.0008  0.0023  34 LEU A C   
240 O O   . LEU A 34 ? 0.1013 0.0922 0.0738 -0.0023 -0.0039 -0.0038 34 LEU A O   
241 C CB  . LEU A 34 ? 0.0825 0.0570 0.1082 0.0022  0.0004  -0.0046 34 LEU A CB  
242 C CG  . LEU A 34 ? 0.0888 0.0703 0.1040 0.0024  -0.0038 0.0033  34 LEU A CG  
243 C CD1 . LEU A 34 ? 0.0901 0.0848 0.1421 -0.0085 -0.0030 -0.0108 34 LEU A CD1 
244 C CD2 . LEU A 34 ? 0.1380 0.0884 0.1328 -0.0132 -0.0290 0.0295  34 LEU A CD2 
245 N N   . GLN A 35 ? 0.0992 0.0756 0.0843 0.0026  -0.0089 -0.0041 35 GLN A N   
246 C CA  . GLN A 35 ? 0.0973 0.1005 0.0835 0.0021  -0.0027 -0.0032 35 GLN A CA  
247 C C   . GLN A 35 ? 0.0879 0.0898 0.0886 0.0068  -0.0070 -0.0023 35 GLN A C   
248 O O   . GLN A 35 ? 0.1022 0.1047 0.1069 0.0054  0.0092  0.0079  35 GLN A O   
249 C CB  . GLN A 35 ? 0.1162 0.1100 0.0972 0.0099  -0.0016 0.0014  35 GLN A CB  
250 C CG  . GLN A 35 ? 0.1126 0.1025 0.0838 -0.0095 0.0063  -0.0016 35 GLN A CG  
251 C CD  . GLN A 35 ? 0.1459 0.1070 0.0957 0.0072  -0.0036 0.0051  35 GLN A CD  
252 O OE1 . GLN A 35 ? 0.1482 0.1323 0.1271 -0.0252 -0.0241 -0.0105 35 GLN A OE1 
253 N NE2 . GLN A 35 ? 0.1931 0.1568 0.1775 0.0237  -0.0047 0.0145  35 GLN A NE2 
254 N N   A THR A 36 ? 0.0867 0.0840 0.0980 0.0003  -0.0120 -0.0012 36 THR A N   
255 N N   B THR A 36 ? 0.0781 0.0783 0.0913 -0.0012 -0.0099 0.0017  36 THR A N   
256 C CA  A THR A 36 ? 0.0878 0.0995 0.1094 -0.0019 -0.0008 -0.0065 36 THR A CA  
257 C CA  B THR A 36 ? 0.0799 0.0869 0.1029 -0.0033 0.0010  -0.0014 36 THR A CA  
258 C C   A THR A 36 ? 0.1005 0.0928 0.1150 -0.0049 -0.0074 0.0003  36 THR A C   
259 C C   B THR A 36 ? 0.0927 0.0845 0.1060 -0.0041 -0.0021 0.0015  36 THR A C   
260 O O   A THR A 36 ? 0.1060 0.1149 0.1222 0.0051  -0.0057 -0.0094 36 THR A O   
261 O O   B THR A 36 ? 0.1002 0.1062 0.1322 0.0038  0.0050  -0.0047 36 THR A O   
262 C CB  A THR A 36 ? 0.0993 0.1023 0.1210 -0.0030 -0.0086 -0.0093 36 THR A CB  
263 C CB  B THR A 36 ? 0.0847 0.0937 0.0913 0.0004  0.0040  -0.0005 36 THR A CB  
264 O OG1 A THR A 36 ? 0.0985 0.1103 0.0814 0.0058  0.0167  -0.0208 36 THR A OG1 
265 O OG1 B THR A 36 ? 0.0949 0.0696 0.1036 0.0020  -0.0135 -0.0144 36 THR A OG1 
266 C CG2 A THR A 36 ? 0.0993 0.1303 0.1153 0.0066  0.0040  0.0012  36 THR A CG2 
267 C CG2 B THR A 36 ? 0.0686 0.0947 0.0989 -0.0078 0.0121  0.0070  36 THR A CG2 
268 N N   . LYS A 37 ? 0.1009 0.1111 0.1191 -0.0004 -0.0137 0.0092  37 LYS A N   
269 C CA  . LYS A 37 ? 0.1130 0.1277 0.1257 0.0008  -0.0054 0.0127  37 LYS A CA  
270 C C   . LYS A 37 ? 0.1269 0.1340 0.1245 -0.0050 -0.0041 0.0076  37 LYS A C   
271 O O   . LYS A 37 ? 0.1465 0.1534 0.1334 -0.0062 -0.0142 0.0125  37 LYS A O   
272 C CB  . LYS A 37 ? 0.1232 0.1339 0.1634 0.0008  -0.0019 0.0280  37 LYS A CB  
273 C CG  . LYS A 37 ? 0.1549 0.1701 0.1930 0.0061  -0.0183 0.0072  37 LYS A CG  
274 C CD  . LYS A 37 ? 0.1959 0.1918 0.2195 -0.0131 0.0002  -0.0004 37 LYS A CD  
275 C CE  . LYS A 37 ? 0.2532 0.2476 0.2710 0.0082  0.0173  0.0066  37 LYS A CE  
276 N NZ  . LYS A 37 ? 0.2700 0.2497 0.2687 -0.0179 0.0052  -0.0165 37 LYS A NZ  
277 N N   A ASN A 38 ? 0.1168 0.1195 0.1325 -0.0100 -0.0006 -0.0019 38 ASN A N   
278 N N   B ASN A 38 ? 0.1166 0.1223 0.1245 -0.0050 -0.0014 0.0003  38 ASN A N   
279 C CA  A ASN A 38 ? 0.1218 0.1409 0.1241 -0.0024 0.0092  -0.0072 38 ASN A CA  
280 C CA  B ASN A 38 ? 0.1119 0.1244 0.1139 -0.0020 0.0061  -0.0029 38 ASN A CA  
281 C C   A ASN A 38 ? 0.1204 0.1349 0.1214 -0.0069 0.0112  -0.0058 38 ASN A C   
282 C C   B ASN A 38 ? 0.1124 0.1225 0.1138 -0.0045 0.0062  -0.0028 38 ASN A C   
283 O O   A ASN A 38 ? 0.1473 0.1275 0.1335 -0.0028 0.0147  -0.0153 38 ASN A O   
284 O O   B ASN A 38 ? 0.1239 0.1221 0.1183 -0.0027 0.0079  -0.0046 38 ASN A O   
285 C CB  A ASN A 38 ? 0.1249 0.1573 0.1315 -0.0151 0.0028  0.0012  38 ASN A CB  
286 C CB  B ASN A 38 ? 0.1084 0.1243 0.1116 -0.0085 0.0040  -0.0043 38 ASN A CB  
287 C CG  A ASN A 38 ? 0.1671 0.1966 0.1815 -0.0166 -0.0130 0.0038  38 ASN A CG  
288 C CG  B ASN A 38 ? 0.1170 0.1333 0.1260 -0.0023 0.0035  0.0019  38 ASN A CG  
289 O OD1 A ASN A 38 ? 0.1979 0.2240 0.1799 0.0047  0.0022  0.0184  38 ASN A OD1 
290 O OD1 B ASN A 38 ? 0.1374 0.1449 0.1806 -0.0017 0.0177  0.0066  38 ASN A OD1 
291 N ND2 A ASN A 38 ? 0.2251 0.2200 0.2290 -0.0049 0.0031  0.0179  38 ASN A ND2 
292 N ND2 B ASN A 38 ? 0.1387 0.1290 0.1338 0.0006  0.0000  0.0017  38 ASN A ND2 
293 N N   . TYR A 39 ? 0.1063 0.1158 0.1148 -0.0028 0.0051  0.0026  39 TYR A N   
294 C CA  . TYR A 39 ? 0.1208 0.1191 0.1140 -0.0047 -0.0077 -0.0062 39 TYR A CA  
295 C C   . TYR A 39 ? 0.1187 0.1229 0.1046 -0.0023 -0.0023 -0.0072 39 TYR A C   
296 O O   . TYR A 39 ? 0.1350 0.1628 0.1287 -0.0043 -0.0305 -0.0109 39 TYR A O   
297 C CB  . TYR A 39 ? 0.1212 0.1098 0.1225 0.0021  0.0130  -0.0004 39 TYR A CB  
298 C CG  . TYR A 39 ? 0.0968 0.1254 0.1211 -0.0204 -0.0063 -0.0110 39 TYR A CG  
299 C CD1 . TYR A 39 ? 0.1469 0.0962 0.1133 -0.0148 0.0111  0.0048  39 TYR A CD1 
300 C CD2 . TYR A 39 ? 0.1251 0.1447 0.1431 0.0112  0.0104  0.0202  39 TYR A CD2 
301 C CE1 . TYR A 39 ? 0.1565 0.1329 0.1233 -0.0224 0.0000  -0.0132 39 TYR A CE1 
302 C CE2 . TYR A 39 ? 0.1450 0.1761 0.1380 0.0138  0.0094  0.0140  39 TYR A CE2 
303 C CZ  . TYR A 39 ? 0.1646 0.1434 0.1455 0.0055  -0.0016 0.0204  39 TYR A CZ  
304 O OH  . TYR A 39 ? 0.2219 0.2279 0.1853 0.0086  -0.0178 0.0368  39 TYR A OH  
305 N N   A ASP A 40 ? 0.1123 0.1186 0.0981 -0.0004 -0.0043 -0.0001 40 ASP A N   
306 N N   B ASP A 40 ? 0.1207 0.1237 0.1077 -0.0007 -0.0047 -0.0013 40 ASP A N   
307 C CA  A ASP A 40 ? 0.1085 0.1169 0.1129 -0.0008 0.0020  0.0105  40 ASP A CA  
308 C CA  B ASP A 40 ? 0.1244 0.1292 0.1257 0.0007  0.0006  0.0086  40 ASP A CA  
309 C C   A ASP A 40 ? 0.1123 0.1136 0.1148 -0.0008 0.0028  -0.0010 40 ASP A C   
310 C C   B ASP A 40 ? 0.1204 0.1201 0.1225 -0.0009 0.0022  -0.0012 40 ASP A C   
311 O O   A ASP A 40 ? 0.1264 0.1273 0.1248 0.0148  -0.0003 -0.0050 40 ASP A O   
312 O O   B ASP A 40 ? 0.1333 0.1341 0.1297 0.0145  -0.0012 -0.0043 40 ASP A O   
313 C CB  A ASP A 40 ? 0.0955 0.1076 0.0996 -0.0045 -0.0009 0.0130  40 ASP A CB  
314 C CB  B ASP A 40 ? 0.1285 0.1260 0.1298 -0.0036 0.0016  0.0100  40 ASP A CB  
315 C CG  A ASP A 40 ? 0.0981 0.1158 0.1150 0.0002  0.0075  0.0155  40 ASP A CG  
316 C CG  B ASP A 40 ? 0.1562 0.1700 0.1451 -0.0015 -0.0083 0.0029  40 ASP A CG  
317 O OD1 A ASP A 40 ? 0.0949 0.0668 0.1078 -0.0214 -0.0019 -0.0065 40 ASP A OD1 
318 O OD1 B ASP A 40 ? 0.2463 0.2184 0.2236 0.0102  0.0099  -0.0140 40 ASP A OD1 
319 O OD2 A ASP A 40 ? 0.0743 0.1586 0.1133 -0.0052 0.0231  0.0110  40 ASP A OD2 
320 O OD2 B ASP A 40 ? 0.1891 0.1843 0.2045 -0.0023 0.0085  -0.0030 40 ASP A OD2 
321 N N   . ILE A 41 ? 0.1074 0.1225 0.1131 0.0124  0.0021  0.0002  41 ILE A N   
322 C CA  . ILE A 41 ? 0.1188 0.1110 0.1294 0.0018  0.0059  0.0051  41 ILE A CA  
323 C C   . ILE A 41 ? 0.1340 0.1063 0.1116 0.0063  0.0024  0.0027  41 ILE A C   
324 O O   . ILE A 41 ? 0.1394 0.1097 0.1297 0.0118  0.0124  -0.0006 41 ILE A O   
325 C CB  . ILE A 41 ? 0.0981 0.1078 0.1141 0.0085  0.0029  0.0084  41 ILE A CB  
326 C CG1 . ILE A 41 ? 0.1603 0.1245 0.1578 -0.0018 0.0135  0.0077  41 ILE A CG1 
327 C CG2 . ILE A 41 ? 0.1100 0.1120 0.1421 0.0038  0.0074  0.0116  41 ILE A CG2 
328 C CD1 . ILE A 41 ? 0.1618 0.1615 0.1479 0.0174  -0.0036 0.0042  41 ILE A CD1 
329 N N   . GLY A 42 ? 0.1144 0.1103 0.1082 -0.0081 -0.0028 0.0052  42 GLY A N   
330 C CA  . GLY A 42 ? 0.1076 0.1046 0.1025 0.0049  -0.0118 0.0019  42 GLY A CA  
331 C C   . GLY A 42 ? 0.1152 0.1171 0.1221 0.0027  0.0006  0.0046  42 GLY A C   
332 O O   . GLY A 42 ? 0.1108 0.1165 0.1262 0.0004  -0.0017 -0.0073 42 GLY A O   
333 N N   . ALA A 43 ? 0.1064 0.1299 0.1201 -0.0088 -0.0074 -0.0003 43 ALA A N   
334 C CA  . ALA A 43 ? 0.1204 0.1199 0.1198 -0.0024 -0.0065 -0.0044 43 ALA A CA  
335 C C   . ALA A 43 ? 0.1150 0.1237 0.1159 -0.0133 -0.0027 -0.0057 43 ALA A C   
336 O O   . ALA A 43 ? 0.1314 0.1075 0.1124 0.0101  0.0032  -0.0110 43 ALA A O   
337 C CB  . ALA A 43 ? 0.1263 0.1442 0.1380 0.0014  -0.0102 -0.0063 43 ALA A CB  
338 N N   . ALA A 44 ? 0.1277 0.1140 0.1001 -0.0040 0.0017  0.0103  44 ALA A N   
339 C CA  . ALA A 44 ? 0.1093 0.0997 0.1109 -0.0023 0.0057  0.0017  44 ALA A CA  
340 C C   . ALA A 44 ? 0.1100 0.0973 0.0955 -0.0062 0.0051  0.0030  44 ALA A C   
341 O O   . ALA A 44 ? 0.1246 0.0855 0.0993 0.0048  -0.0031 0.0033  44 ALA A O   
342 C CB  . ALA A 44 ? 0.1032 0.0979 0.1151 -0.0147 0.0103  -0.0059 44 ALA A CB  
343 N N   . LEU A 45 ? 0.1139 0.1156 0.1135 0.0094  -0.0110 0.0068  45 LEU A N   
344 C CA  . LEU A 45 ? 0.1041 0.1022 0.1044 0.0074  -0.0121 0.0038  45 LEU A CA  
345 C C   . LEU A 45 ? 0.1241 0.1139 0.1158 0.0005  0.0003  0.0061  45 LEU A C   
346 O O   . LEU A 45 ? 0.1077 0.1082 0.1335 -0.0019 -0.0003 0.0040  45 LEU A O   
347 C CB  . LEU A 45 ? 0.1222 0.1172 0.1031 -0.0020 -0.0162 -0.0202 45 LEU A CB  
348 C CG  . LEU A 45 ? 0.1167 0.1321 0.1108 -0.0058 -0.0155 0.0032  45 LEU A CG  
349 C CD1 . LEU A 45 ? 0.1596 0.1543 0.1209 -0.0127 -0.0358 0.0025  45 LEU A CD1 
350 C CD2 . LEU A 45 ? 0.1275 0.1593 0.1145 -0.0156 -0.0079 -0.0200 45 LEU A CD2 
351 N N   . ASP A 46 ? 0.1149 0.1197 0.1199 -0.0008 -0.0059 0.0041  46 ASP A N   
352 C CA  A ASP A 46 ? 0.1352 0.1283 0.1362 -0.0033 0.0025  0.0030  46 ASP A CA  
353 C CA  B ASP A 46 ? 0.1402 0.1331 0.1422 -0.0028 0.0025  0.0027  46 ASP A CA  
354 C C   . ASP A 46 ? 0.1324 0.1251 0.1415 -0.0035 0.0049  -0.0001 46 ASP A C   
355 O O   . ASP A 46 ? 0.1397 0.1415 0.1515 0.0005  0.0135  -0.0097 46 ASP A O   
356 C CB  A ASP A 46 ? 0.1350 0.1334 0.1445 -0.0042 0.0049  0.0070  46 ASP A CB  
357 C CB  B ASP A 46 ? 0.1428 0.1481 0.1513 -0.0019 0.0033  0.0060  46 ASP A CB  
358 C CG  A ASP A 46 ? 0.1555 0.1623 0.1577 -0.0073 0.0030  -0.0061 46 ASP A CG  
359 C CG  B ASP A 46 ? 0.1857 0.1853 0.2055 -0.0031 0.0078  -0.0029 46 ASP A CG  
360 O OD1 A ASP A 46 ? 0.1762 0.2009 0.1717 0.0048  -0.0014 -0.0018 46 ASP A OD1 
361 O OD1 B ASP A 46 ? 0.2175 0.2523 0.2494 0.0036  -0.0060 -0.0105 46 ASP A OD1 
362 O OD2 A ASP A 46 ? 0.1932 0.2254 0.2194 -0.0014 0.0253  0.0080  46 ASP A OD2 
363 O OD2 B ASP A 46 ? 0.2328 0.2512 0.2418 -0.0056 0.0026  0.0141  46 ASP A OD2 
364 N N   . THR A 47 ? 0.1448 0.1390 0.1258 -0.0027 0.0010  -0.0056 47 THR A N   
365 C CA  . THR A 47 ? 0.1482 0.1385 0.1315 -0.0047 -0.0032 -0.0030 47 THR A CA  
366 C C   . THR A 47 ? 0.1504 0.1433 0.1451 -0.0081 -0.0054 -0.0052 47 THR A C   
367 O O   . THR A 47 ? 0.1723 0.1364 0.1418 -0.0095 0.0064  -0.0128 47 THR A O   
368 C CB  . THR A 47 ? 0.1395 0.1463 0.1358 0.0031  -0.0023 0.0053  47 THR A CB  
369 O OG1 . THR A 47 ? 0.1736 0.2101 0.1664 -0.0049 0.0126  0.0148  47 THR A OG1 
370 C CG2 . THR A 47 ? 0.1467 0.1389 0.1202 -0.0318 -0.0186 0.0192  47 THR A CG2 
371 N N   . ILE A 48 ? 0.1347 0.1400 0.1340 -0.0030 -0.0025 -0.0023 48 ILE A N   
372 C CA  . ILE A 48 ? 0.1448 0.1579 0.1404 0.0017  -0.0023 -0.0058 48 ILE A CA  
373 C C   . ILE A 48 ? 0.1537 0.1523 0.1512 -0.0008 0.0010  -0.0056 48 ILE A C   
374 O O   . ILE A 48 ? 0.1698 0.1605 0.1634 0.0104  0.0008  -0.0129 48 ILE A O   
375 C CB  . ILE A 48 ? 0.1348 0.1465 0.1253 0.0031  -0.0041 -0.0098 48 ILE A CB  
376 C CG1 . ILE A 48 ? 0.1274 0.1248 0.1176 -0.0058 -0.0012 -0.0213 48 ILE A CG1 
377 C CG2 . ILE A 48 ? 0.1837 0.1591 0.1613 0.0120  -0.0219 0.0008  48 ILE A CG2 
378 C CD1 . ILE A 48 ? 0.1504 0.1444 0.1493 -0.0249 0.0045  -0.0294 48 ILE A CD1 
379 N N   A GLN A 49 ? 0.1671 0.1527 0.1478 0.0035  -0.0009 -0.0039 49 GLN A N   
380 N N   B GLN A 49 ? 0.1717 0.1577 0.1524 0.0035  -0.0002 -0.0035 49 GLN A N   
381 C CA  A GLN A 49 ? 0.1765 0.1506 0.1653 0.0068  -0.0009 -0.0070 49 GLN A CA  
382 C CA  B GLN A 49 ? 0.1850 0.1610 0.1749 0.0071  -0.0008 -0.0054 49 GLN A CA  
383 C C   A GLN A 49 ? 0.1792 0.1633 0.1781 0.0095  -0.0048 -0.0040 49 GLN A C   
384 C C   B GLN A 49 ? 0.1846 0.1681 0.1829 0.0095  -0.0043 -0.0036 49 GLN A C   
385 O O   A GLN A 49 ? 0.1897 0.1731 0.1951 0.0135  -0.0058 -0.0023 49 GLN A O   
386 O O   B GLN A 49 ? 0.1945 0.1759 0.1968 0.0135  -0.0056 -0.0006 49 GLN A O   
387 C CB  A GLN A 49 ? 0.1682 0.1442 0.1550 0.0038  -0.0050 -0.0040 49 GLN A CB  
388 C CB  B GLN A 49 ? 0.1854 0.1586 0.1695 0.0052  -0.0030 -0.0028 49 GLN A CB  
389 C CG  A GLN A 49 ? 0.1581 0.1442 0.1464 -0.0037 -0.0019 -0.0125 49 GLN A CG  
390 C CG  B GLN A 49 ? 0.1939 0.1889 0.1941 -0.0032 0.0002  -0.0074 49 GLN A CG  
391 C CD  A GLN A 49 ? 0.1353 0.1230 0.1319 0.0118  0.0023  0.0058  49 GLN A CD  
392 C CD  B GLN A 49 ? 0.2094 0.1884 0.2146 0.0046  0.0028  0.0053  49 GLN A CD  
393 O OE1 A GLN A 49 ? 0.1746 0.1808 0.1599 -0.0008 0.0156  0.0230  49 GLN A OE1 
394 O OE1 B GLN A 49 ? 0.2303 0.2421 0.2368 0.0022  0.0151  0.0073  49 GLN A OE1 
395 N NE2 A GLN A 49 ? 0.0447 0.1046 0.0993 0.0245  -0.0255 0.0119  49 GLN A NE2 
396 N NE2 B GLN A 49 ? 0.1947 0.2100 0.2155 0.0017  -0.0025 0.0053  49 GLN A NE2 
397 N N   . TYR A 50 ? 0.1954 0.1716 0.1980 0.0029  -0.0102 -0.0109 50 TYR A N   
398 C CA  . TYR A 50 ? 0.2049 0.1912 0.2133 0.0079  -0.0137 0.0043  50 TYR A CA  
399 C C   . TYR A 50 ? 0.2212 0.2124 0.2164 0.0048  -0.0073 -0.0001 50 TYR A C   
400 O O   . TYR A 50 ? 0.2502 0.2287 0.2341 0.0132  -0.0045 0.0139  50 TYR A O   
401 C CB  . TYR A 50 ? 0.2295 0.2037 0.2480 0.0063  -0.0090 -0.0037 50 TYR A CB  
402 C CG  . TYR A 50 ? 0.2206 0.2314 0.2502 0.0248  -0.0240 0.0207  50 TYR A CG  
403 C CD1 . TYR A 50 ? 0.2658 0.2802 0.2851 0.0024  -0.0103 0.0115  50 TYR A CD1 
404 C CD2 . TYR A 50 ? 0.2691 0.2592 0.2969 0.0045  -0.0090 -0.0043 50 TYR A CD2 
405 C CE1 . TYR A 50 ? 0.2976 0.3200 0.3156 -0.0027 -0.0069 0.0077  50 TYR A CE1 
406 C CE2 . TYR A 50 ? 0.2796 0.3072 0.3073 0.0036  -0.0111 0.0029  50 TYR A CE2 
407 C CZ  . TYR A 50 ? 0.3068 0.3283 0.3189 -0.0043 -0.0040 0.0042  50 TYR A CZ  
408 O OH  . TYR A 50 ? 0.3194 0.3420 0.3255 -0.0083 -0.0032 0.0015  50 TYR A OH  
409 N N   . ASP B 8  ? 0.1687 0.1827 0.2135 0.0032  0.0049  0.0092  8  ASP B N   
410 C CA  . ASP B 8  ? 0.1739 0.1846 0.2011 -0.0001 0.0081  0.0081  8  ASP B CA  
411 C C   . ASP B 8  ? 0.1596 0.1886 0.1713 0.0004  0.0019  -0.0023 8  ASP B C   
412 O O   . ASP B 8  ? 0.1678 0.1997 0.1772 0.0070  0.0031  0.0224  8  ASP B O   
413 C CB  . ASP B 8  ? 0.1879 0.1985 0.1986 -0.0058 0.0021  -0.0063 8  ASP B CB  
414 C CG  . ASP B 8  ? 0.2113 0.2235 0.2494 0.0058  0.0000  0.0011  8  ASP B CG  
415 O OD1 . ASP B 8  ? 0.2676 0.2383 0.3340 -0.0069 0.0046  0.0105  8  ASP B OD1 
416 O OD2 . ASP B 8  ? 0.2510 0.2504 0.2621 0.0242  -0.0283 -0.0101 8  ASP B OD2 
417 N N   . PRO B 9  ? 0.1582 0.1700 0.1765 0.0036  -0.0001 0.0199  9  PRO B N   
418 C CA  . PRO B 9  ? 0.1636 0.1858 0.1725 0.0022  0.0030  0.0063  9  PRO B CA  
419 C C   . PRO B 9  ? 0.1722 0.1778 0.1768 -0.0123 -0.0049 0.0155  9  PRO B C   
420 O O   . PRO B 9  ? 0.1410 0.2047 0.1288 0.0181  0.0222  0.0168  9  PRO B O   
421 C CB  . PRO B 9  ? 0.1907 0.1705 0.1881 0.0010  -0.0087 -0.0128 9  PRO B CB  
422 C CG  . PRO B 9  ? 0.1873 0.1989 0.1953 0.0183  -0.0077 0.0069  9  PRO B CG  
423 C CD  . PRO B 9  ? 0.1769 0.1850 0.1829 0.0077  -0.0098 -0.0027 9  PRO B CD  
424 N N   A ARG B 10 ? 0.1547 0.1837 0.1683 -0.0107 0.0043  0.0067  10 ARG B N   
425 N N   B ARG B 10 ? 0.1568 0.1886 0.1738 -0.0115 0.0064  0.0084  10 ARG B N   
426 C CA  A ARG B 10 ? 0.1446 0.1467 0.1362 -0.0058 0.0045  -0.0105 10 ARG B CA  
427 C CA  B ARG B 10 ? 0.1551 0.1583 0.1497 -0.0055 0.0044  -0.0062 10 ARG B CA  
428 C C   A ARG B 10 ? 0.1576 0.1518 0.1457 -0.0067 0.0055  -0.0070 10 ARG B C   
429 C C   B ARG B 10 ? 0.1624 0.1578 0.1526 -0.0071 0.0053  -0.0044 10 ARG B C   
430 O O   A ARG B 10 ? 0.1564 0.1499 0.1545 -0.0059 -0.0128 -0.0142 10 ARG B O   
431 O O   B ARG B 10 ? 0.1606 0.1547 0.1588 -0.0066 -0.0130 -0.0125 10 ARG B O   
432 C CB  A ARG B 10 ? 0.1434 0.1402 0.1176 -0.0032 0.0110  -0.0146 10 ARG B CB  
433 C CB  B ARG B 10 ? 0.1596 0.1577 0.1449 -0.0062 0.0097  -0.0061 10 ARG B CB  
434 C CG  A ARG B 10 ? 0.1157 0.1156 0.0698 0.0122  0.0239  -0.0183 10 ARG B CG  
435 C CG  B ARG B 10 ? 0.1622 0.1645 0.1447 0.0047  0.0269  0.0037  10 ARG B CG  
436 C CD  A ARG B 10 ? 0.0933 0.1369 0.0959 0.0020  0.0264  -0.0303 10 ARG B CD  
437 C CD  B ARG B 10 ? 0.1203 0.1760 0.1556 -0.0009 0.0155  -0.0142 10 ARG B CD  
438 N NE  A ARG B 10 ? 0.1391 0.1239 0.1305 0.0018  0.0077  -0.0129 10 ARG B NE  
439 N NE  B ARG B 10 ? 0.1616 0.1710 0.1892 -0.0168 0.0074  -0.0043 10 ARG B NE  
440 C CZ  A ARG B 10 ? 0.0967 0.1009 0.1215 -0.0061 -0.0072 -0.0097 10 ARG B CZ  
441 C CZ  B ARG B 10 ? 0.1405 0.1802 0.1618 -0.0233 0.0134  -0.0094 10 ARG B CZ  
442 N NH1 A ARG B 10 ? 0.0780 0.0740 0.1618 -0.0167 -0.0051 -0.0110 10 ARG B NH1 
443 N NH1 B ARG B 10 ? 0.1746 0.1965 0.1764 -0.0492 0.0388  0.0018  10 ARG B NH1 
444 N NH2 A ARG B 10 ? 0.1166 0.0525 0.1013 0.0442  0.0046  0.0166  10 ARG B NH2 
445 N NH2 B ARG B 10 ? 0.1900 0.1455 0.1546 0.0079  0.0082  -0.0074 10 ARG B NH2 
446 N N   . LEU B 11 ? 0.1514 0.1433 0.1168 -0.0075 -0.0049 -0.0117 11 LEU B N   
447 C CA  . LEU B 11 ? 0.1550 0.1488 0.1401 -0.0053 -0.0043 0.0133  11 LEU B CA  
448 C C   . LEU B 11 ? 0.1362 0.1236 0.1269 -0.0130 -0.0035 -0.0016 11 LEU B C   
449 O O   . LEU B 11 ? 0.1374 0.1328 0.1429 -0.0063 -0.0539 0.0017  11 LEU B O   
450 C CB  . LEU B 11 ? 0.1697 0.1638 0.1664 0.0065  0.0076  0.0062  11 LEU B CB  
451 C CG  . LEU B 11 ? 0.2146 0.2137 0.2295 0.0201  0.0082  -0.0019 11 LEU B CG  
452 C CD1 . LEU B 11 ? 0.2608 0.2489 0.2492 0.0240  -0.0185 0.0057  11 LEU B CD1 
453 C CD2 . LEU B 11 ? 0.2630 0.2579 0.2459 0.0125  0.0069  0.0106  11 LEU B CD2 
454 N N   . ILE B 12 ? 0.1351 0.1162 0.1358 -0.0050 -0.0188 0.0109  12 ILE B N   
455 C CA  . ILE B 12 ? 0.1097 0.1116 0.1041 -0.0143 -0.0105 -0.0053 12 ILE B CA  
456 C C   . ILE B 12 ? 0.1179 0.0949 0.0933 -0.0097 -0.0076 -0.0020 12 ILE B C   
457 O O   . ILE B 12 ? 0.0937 0.0949 0.0911 -0.0353 -0.0078 -0.0233 12 ILE B O   
458 C CB  . ILE B 12 ? 0.1067 0.0960 0.0712 -0.0158 0.0018  -0.0001 12 ILE B CB  
459 C CG1 . ILE B 12 ? 0.0990 0.1197 0.1123 -0.0045 -0.0021 -0.0157 12 ILE B CG1 
460 C CG2 . ILE B 12 ? 0.1139 0.1042 0.0633 -0.0324 -0.0023 -0.0186 12 ILE B CG2 
461 C CD1 . ILE B 12 ? 0.1082 0.1256 0.0721 0.0009  0.0165  -0.0227 12 ILE B CD1 
462 N N   A GLU B 13 ? 0.1090 0.0907 0.0963 -0.0131 -0.0009 -0.0054 13 GLU B N   
463 N N   B GLU B 13 ? 0.1133 0.0959 0.1031 -0.0132 -0.0019 -0.0070 13 GLU B N   
464 C CA  A GLU B 13 ? 0.1029 0.1021 0.0953 -0.0004 0.0025  -0.0060 13 GLU B CA  
465 C CA  B GLU B 13 ? 0.1149 0.1074 0.1085 -0.0009 0.0033  -0.0048 13 GLU B CA  
466 C C   A GLU B 13 ? 0.0953 0.0681 0.0929 -0.0043 0.0053  -0.0003 13 GLU B C   
467 C C   B GLU B 13 ? 0.1073 0.0811 0.1057 -0.0040 0.0061  -0.0007 13 GLU B C   
468 O O   A GLU B 13 ? 0.1076 0.0445 0.0971 0.0054  0.0045  -0.0002 13 GLU B O   
469 O O   B GLU B 13 ? 0.1177 0.0489 0.1063 0.0029  0.0059  0.0004  13 GLU B O   
470 C CB  A GLU B 13 ? 0.1175 0.1099 0.1173 0.0002  0.0050  0.0018  13 GLU B CB  
471 C CB  B GLU B 13 ? 0.1176 0.1224 0.1329 -0.0019 0.0019  -0.0050 13 GLU B CB  
472 C CG  A GLU B 13 ? 0.1196 0.1299 0.1270 0.0073  -0.0141 -0.0083 13 GLU B CG  
473 C CG  B GLU B 13 ? 0.1480 0.1467 0.1427 0.0048  -0.0107 0.0009  13 GLU B CG  
474 C CD  A GLU B 13 ? 0.1245 0.1333 0.1273 0.0130  -0.0180 0.0017  13 GLU B CD  
475 C CD  B GLU B 13 ? 0.1638 0.1653 0.1585 0.0110  -0.0138 0.0064  13 GLU B CD  
476 O OE1 A GLU B 13 ? 0.0914 0.1621 0.1745 0.0060  -0.0200 0.0036  13 GLU B OE1 
477 O OE1 B GLU B 13 ? 0.1712 0.1504 0.1616 -0.0022 -0.0348 0.0139  13 GLU B OE1 
478 O OE2 A GLU B 13 ? 0.1057 0.1690 0.1561 0.0317  -0.0170 0.0199  13 GLU B OE2 
479 O OE2 B GLU B 13 ? 0.1509 0.1880 0.1817 0.0280  -0.0100 0.0229  13 GLU B OE2 
480 N N   A SER B 14 ? 0.0863 0.0807 0.1050 -0.0045 0.0064  -0.0011 14 SER B N   
481 N N   B SER B 14 ? 0.1072 0.0969 0.1247 -0.0028 0.0067  0.0004  14 SER B N   
482 C CA  A SER B 14 ? 0.0728 0.0771 0.0974 -0.0105 0.0028  0.0062  14 SER B CA  
483 C CA  B SER B 14 ? 0.1025 0.1061 0.1253 -0.0085 0.0050  0.0070  14 SER B CA  
484 C C   A SER B 14 ? 0.0853 0.0821 0.1010 -0.0050 -0.0036 -0.0003 14 SER B C   
485 C C   B SER B 14 ? 0.0984 0.0953 0.1151 -0.0051 -0.0029 0.0021  14 SER B C   
486 O O   A SER B 14 ? 0.0876 0.0851 0.1216 -0.0121 -0.0069 0.0057  14 SER B O   
487 O O   B SER B 14 ? 0.0931 0.0968 0.1284 -0.0097 -0.0046 0.0073  14 SER B O   
488 C CB  A SER B 14 ? 0.0642 0.0634 0.0794 0.0037  -0.0069 0.0052  14 SER B CB  
489 C CB  B SER B 14 ? 0.1246 0.1182 0.1376 0.0026  0.0102  0.0211  14 SER B CB  
490 O OG  A SER B 14 ? 0.0396 0.0325 0.0669 0.0099  0.0042  -0.0010 14 SER B OG  
491 O OG  B SER B 14 ? 0.1473 0.1539 0.1726 0.0107  -0.0028 -0.0050 14 SER B OG  
492 N N   . LEU B 15 ? 0.0676 0.0764 0.1064 -0.0061 0.0042  -0.0038 15 LEU B N   
493 C CA  . LEU B 15 ? 0.0835 0.0873 0.0874 -0.0023 -0.0021 0.0053  15 LEU B CA  
494 C C   . LEU B 15 ? 0.0968 0.0877 0.0944 0.0035  0.0118  0.0018  15 LEU B C   
495 O O   . LEU B 15 ? 0.1193 0.1030 0.0931 0.0006  -0.0047 -0.0025 15 LEU B O   
496 C CB  . LEU B 15 ? 0.0698 0.1005 0.0929 0.0057  0.0029  0.0060  15 LEU B CB  
497 C CG  . LEU B 15 ? 0.0874 0.1107 0.0985 -0.0036 -0.0108 -0.0025 15 LEU B CG  
498 C CD1 . LEU B 15 ? 0.1331 0.1287 0.1243 -0.0096 -0.0169 -0.0585 15 LEU B CD1 
499 C CD2 . LEU B 15 ? 0.1107 0.0806 0.1702 -0.0037 -0.0046 0.0089  15 LEU B CD2 
500 N N   . SER B 16 ? 0.0669 0.0743 0.0946 -0.0130 -0.0032 0.0001  16 SER B N   
501 C CA  . SER B 16 ? 0.0849 0.0742 0.0734 -0.0019 0.0008  0.0048  16 SER B CA  
502 C C   . SER B 16 ? 0.0583 0.0775 0.0797 -0.0049 0.0051  0.0004  16 SER B C   
503 O O   . SER B 16 ? 0.0918 0.0933 0.0804 -0.0003 -0.0025 -0.0027 16 SER B O   
504 C CB  . SER B 16 ? 0.0990 0.0850 0.0843 0.0060  -0.0175 0.0071  16 SER B CB  
505 O OG  . SER B 16 ? 0.0939 0.1160 0.1008 0.0020  -0.0089 0.0081  16 SER B OG  
506 N N   . GLN B 17 ? 0.0601 0.0861 0.0903 0.0003  -0.0047 -0.0062 17 GLN B N   
507 C CA  . GLN B 17 ? 0.0790 0.0845 0.0858 -0.0001 0.0082  0.0027  17 GLN B CA  
508 C C   . GLN B 17 ? 0.0784 0.0894 0.0941 0.0016  -0.0059 0.0020  17 GLN B C   
509 O O   . GLN B 17 ? 0.1132 0.1147 0.1057 0.0058  -0.0141 0.0035  17 GLN B O   
510 C CB  . GLN B 17 ? 0.0769 0.0855 0.0929 -0.0034 0.0177  -0.0072 17 GLN B CB  
511 C CG  . GLN B 17 ? 0.1343 0.0970 0.1087 0.0127  0.0135  -0.0107 17 GLN B CG  
512 C CD  . GLN B 17 ? 0.1731 0.1173 0.1388 0.0214  -0.0150 0.0020  17 GLN B CD  
513 O OE1 . GLN B 17 ? 0.1630 0.1179 0.1481 0.0330  -0.0277 -0.0089 17 GLN B OE1 
514 N NE2 . GLN B 17 ? 0.1711 0.1817 0.1541 0.0118  -0.0077 -0.0244 17 GLN B NE2 
515 N N   . MET B 18 ? 0.0808 0.0996 0.0889 -0.0023 -0.0016 -0.0156 18 MET B N   
516 C CA  A MET B 18 ? 0.0854 0.0948 0.0855 -0.0084 -0.0063 -0.0105 18 MET B CA  
517 C CA  B MET B 18 ? 0.0918 0.1019 0.0944 -0.0065 -0.0061 -0.0097 18 MET B CA  
518 C C   . MET B 18 ? 0.0873 0.0968 0.0813 -0.0130 -0.0036 -0.0076 18 MET B C   
519 O O   . MET B 18 ? 0.1094 0.1092 0.0889 -0.0115 -0.0070 -0.0060 18 MET B O   
520 C CB  A MET B 18 ? 0.0801 0.0922 0.0820 -0.0143 0.0012  0.0000  18 MET B CB  
521 C CB  B MET B 18 ? 0.0861 0.0987 0.0956 -0.0095 -0.0005 -0.0019 18 MET B CB  
522 C CG  A MET B 18 ? 0.0707 0.0642 0.0742 0.0002  -0.0090 -0.0150 18 MET B CG  
523 C CG  B MET B 18 ? 0.1136 0.1343 0.1315 -0.0058 -0.0073 0.0001  18 MET B CG  
524 S SD  A MET B 18 ? 0.0751 0.0672 0.0329 -0.0037 0.0181  0.0049  18 MET B SD  
525 S SD  B MET B 18 ? 0.1071 0.1338 0.1658 0.0079  -0.0292 -0.0146 18 MET B SD  
526 C CE  A MET B 18 ? 0.0628 0.0583 0.0692 -0.0240 0.0110  -0.0292 18 MET B CE  
527 C CE  B MET B 18 ? 0.1067 0.0813 0.1066 -0.0022 -0.0215 -0.0022 18 MET B CE  
528 N N   . LEU B 19 ? 0.0726 0.0904 0.0914 0.0021  0.0062  -0.0027 19 LEU B N   
529 C CA  . LEU B 19 ? 0.0633 0.0907 0.0860 0.0002  0.0011  -0.0037 19 LEU B CA  
530 C C   . LEU B 19 ? 0.0846 0.1033 0.0905 -0.0015 -0.0002 -0.0003 19 LEU B C   
531 O O   . LEU B 19 ? 0.1121 0.1193 0.1037 0.0112  -0.0155 0.0039  19 LEU B O   
532 C CB  . LEU B 19 ? 0.0729 0.1029 0.1033 -0.0037 -0.0050 0.0030  19 LEU B CB  
533 C CG  . LEU B 19 ? 0.1105 0.0891 0.0916 0.0090  -0.0207 -0.0081 19 LEU B CG  
534 C CD1 . LEU B 19 ? 0.1178 0.1197 0.0986 0.0063  -0.0361 -0.0126 19 LEU B CD1 
535 C CD2 . LEU B 19 ? 0.1213 0.1151 0.1051 0.0177  0.0036  -0.0136 19 LEU B CD2 
536 N N   . SER B 20 ? 0.0855 0.0839 0.0957 0.0023  -0.0014 -0.0007 20 SER B N   
537 C CA  A SER B 20 ? 0.1000 0.0930 0.0997 0.0047  0.0071  -0.0027 20 SER B CA  
538 C CA  B SER B 20 ? 0.1014 0.0937 0.1008 0.0039  0.0091  -0.0029 20 SER B CA  
539 C C   . SER B 20 ? 0.0931 0.0859 0.0951 0.0025  0.0013  0.0061  20 SER B C   
540 O O   . SER B 20 ? 0.1144 0.1096 0.1145 -0.0041 0.0172  -0.0009 20 SER B O   
541 C CB  A SER B 20 ? 0.1067 0.0855 0.1069 -0.0011 0.0110  -0.0060 20 SER B CB  
542 C CB  B SER B 20 ? 0.1231 0.0926 0.1118 0.0077  0.0061  -0.0144 20 SER B CB  
543 O OG  A SER B 20 ? 0.1430 0.1425 0.1215 0.0203  -0.0092 -0.0079 20 SER B OG  
544 O OG  B SER B 20 ? 0.1392 0.1326 0.1331 -0.0023 0.0106  0.0037  20 SER B OG  
545 N N   A MET B 21 ? 0.0564 0.0565 0.0620 0.0066  0.0054  0.0015  21 MET B N   
546 N N   B MET B 21 ? 0.0570 0.0564 0.0625 0.0063  0.0059  0.0015  21 MET B N   
547 C CA  A MET B 21 ? 0.0685 0.0559 0.0644 0.0055  0.0038  0.0059  21 MET B CA  
548 C CA  B MET B 21 ? 0.0693 0.0563 0.0652 0.0051  0.0049  0.0058  21 MET B CA  
549 C C   A MET B 21 ? 0.0744 0.0510 0.0627 0.0083  -0.0007 0.0020  21 MET B C   
550 C C   B MET B 21 ? 0.0747 0.0508 0.0628 0.0080  -0.0003 0.0018  21 MET B C   
551 O O   A MET B 21 ? 0.0723 0.0483 0.0698 0.0192  -0.0055 -0.0090 21 MET B O   
552 O O   B MET B 21 ? 0.0709 0.0477 0.0687 0.0192  -0.0050 -0.0087 21 MET B O   
553 C CB  A MET B 21 ? 0.0582 0.0549 0.0646 0.0036  0.0004  0.0022  21 MET B CB  
554 C CB  B MET B 21 ? 0.0599 0.0558 0.0663 0.0021  0.0031  0.0023  21 MET B CB  
555 C CG  A MET B 21 ? 0.0785 0.0363 0.0592 0.0026  0.0166  0.0129  21 MET B CG  
556 C CG  B MET B 21 ? 0.0802 0.0410 0.0655 0.0009  0.0189  0.0081  21 MET B CG  
557 S SD  A MET B 21 ? 0.1393 0.1461 0.1319 -0.0457 0.0148  0.0180  21 MET B SD  
558 S SD  B MET B 21 ? 0.1460 0.1416 0.1576 -0.0411 0.0312  0.0045  21 MET B SD  
559 C CE  A MET B 21 ? 0.0857 0.0631 0.0923 -0.0143 0.0327  0.0334  21 MET B CE  
560 C CE  B MET B 21 ? 0.1465 0.1365 0.1549 -0.0294 0.0079  -0.0230 21 MET B CE  
561 N N   . GLY B 22 ? 0.0820 0.0494 0.0621 0.0180  0.0017  0.0069  22 GLY B N   
562 C CA  . GLY B 22 ? 0.1145 0.0614 0.0611 0.0197  -0.0016 0.0110  22 GLY B CA  
563 C C   . GLY B 22 ? 0.1107 0.0564 0.0746 0.0176  0.0018  0.0028  22 GLY B C   
564 O O   . GLY B 22 ? 0.1389 0.0732 0.0884 0.0195  0.0179  0.0101  22 GLY B O   
565 N N   . PHE B 23 ? 0.0930 0.0518 0.0947 0.0158  0.0030  -0.0015 23 PHE B N   
566 C CA  . PHE B 23 ? 0.0903 0.0614 0.1162 0.0160  0.0081  0.0078  23 PHE B CA  
567 C C   . PHE B 23 ? 0.1280 0.0866 0.1391 0.0079  -0.0149 0.0005  23 PHE B C   
568 O O   . PHE B 23 ? 0.1763 0.1173 0.1871 0.0212  -0.0583 0.0128  23 PHE B O   
569 C CB  . PHE B 23 ? 0.1003 0.0735 0.1028 0.0111  0.0066  0.0144  23 PHE B CB  
570 C CG  . PHE B 23 ? 0.1022 0.0619 0.0697 0.0051  -0.0005 0.0139  23 PHE B CG  
571 C CD1 . PHE B 23 ? 0.1171 0.0319 0.1081 -0.0185 -0.0085 0.0167  23 PHE B CD1 
572 C CD2 . PHE B 23 ? 0.0780 0.0556 0.1032 -0.0070 0.0237  0.0285  23 PHE B CD2 
573 C CE1 . PHE B 23 ? 0.0834 0.0578 0.0747 -0.0001 0.0087  0.0190  23 PHE B CE1 
574 C CE2 . PHE B 23 ? 0.1004 0.0402 0.0699 -0.0191 0.0007  0.0196  23 PHE B CE2 
575 C CZ  . PHE B 23 ? 0.1009 0.0468 0.0708 -0.0157 0.0144  0.0116  23 PHE B CZ  
576 N N   . SER B 24 ? 0.1211 0.0841 0.1671 0.0120  -0.0140 0.0174  24 SER B N   
577 C CA  . SER B 24 ? 0.1072 0.1108 0.1358 0.0114  -0.0116 0.0244  24 SER B CA  
578 C C   . SER B 24 ? 0.0885 0.1252 0.1128 0.0094  -0.0065 0.0146  24 SER B C   
579 O O   . SER B 24 ? 0.0941 0.1375 0.0971 -0.0003 -0.0166 0.0199  24 SER B O   
580 C CB  . SER B 24 ? 0.1144 0.1078 0.1249 0.0170  -0.0039 0.0611  24 SER B CB  
581 O OG  . SER B 24 ? 0.1009 0.2042 0.0713 0.0697  -0.0352 0.0257  24 SER B OG  
582 N N   . ASP B 25 ? 0.0827 0.1184 0.0854 0.0048  -0.0093 -0.0124 25 ASP B N   
583 C CA  . ASP B 25 ? 0.0879 0.1146 0.0967 -0.0086 -0.0169 -0.0144 25 ASP B CA  
584 C C   . ASP B 25 ? 0.0997 0.1193 0.1035 -0.0225 -0.0052 -0.0172 25 ASP B C   
585 O O   . ASP B 25 ? 0.0731 0.1052 0.1264 -0.0199 -0.0062 -0.0262 25 ASP B O   
586 C CB  . ASP B 25 ? 0.0777 0.1182 0.0767 0.0001  -0.0197 -0.0030 25 ASP B CB  
587 C CG  . ASP B 25 ? 0.0516 0.0854 0.0775 -0.0023 -0.0011 -0.0064 25 ASP B CG  
588 O OD1 . ASP B 25 ? 0.0503 0.1331 0.0753 -0.0038 -0.0070 -0.0173 25 ASP B OD1 
589 O OD2 . ASP B 25 ? 0.0636 0.1456 0.0731 0.0070  0.0050  -0.0020 25 ASP B OD2 
590 N N   A GLU B 26 ? 0.1118 0.1226 0.1239 -0.0311 -0.0017 -0.0273 26 GLU B N   
591 N N   B GLU B 26 ? 0.1138 0.1241 0.1286 -0.0292 0.0003  -0.0253 26 GLU B N   
592 C CA  A GLU B 26 ? 0.0994 0.1390 0.1256 -0.0182 0.0080  -0.0207 26 GLU B CA  
593 C CA  B GLU B 26 ? 0.1109 0.1401 0.1314 -0.0122 0.0097  -0.0198 26 GLU B CA  
594 C C   A GLU B 26 ? 0.1045 0.1288 0.1181 -0.0079 0.0066  -0.0248 26 GLU B C   
595 C C   B GLU B 26 ? 0.1035 0.1280 0.1195 -0.0072 0.0059  -0.0247 26 GLU B C   
596 O O   A GLU B 26 ? 0.0713 0.1294 0.1206 -0.0226 0.0083  -0.0375 26 GLU B O   
597 O O   B GLU B 26 ? 0.0741 0.1374 0.1260 -0.0198 0.0069  -0.0350 26 GLU B O   
598 C CB  A GLU B 26 ? 0.1388 0.1583 0.1436 -0.0135 -0.0015 -0.0094 26 GLU B CB  
599 C CB  B GLU B 26 ? 0.1432 0.1617 0.1366 -0.0075 -0.0052 -0.0107 26 GLU B CB  
600 C CG  A GLU B 26 ? 0.1332 0.1353 0.1402 -0.0115 -0.0234 0.0025  26 GLU B CG  
601 C CG  B GLU B 26 ? 0.1096 0.1306 0.1486 0.0152  -0.0041 0.0063  26 GLU B CG  
602 C CD  A GLU B 26 ? 0.1417 0.1514 0.1455 -0.0037 -0.0185 0.0013  26 GLU B CD  
603 C CD  B GLU B 26 ? 0.1495 0.1688 0.1724 -0.0118 -0.0046 0.0076  26 GLU B CD  
604 O OE1 A GLU B 26 ? 0.1615 0.1652 0.1741 -0.0214 -0.0311 0.0148  26 GLU B OE1 
605 O OE1 B GLU B 26 ? 0.1085 0.1310 0.1113 -0.0374 -0.0227 0.0223  26 GLU B OE1 
606 O OE2 A GLU B 26 ? 0.0987 0.1319 0.1059 -0.0157 -0.0279 -0.0052 26 GLU B OE2 
607 O OE2 B GLU B 26 ? 0.1055 0.1398 0.1723 -0.0147 0.0044  0.0326  26 GLU B OE2 
608 N N   . GLY B 27 ? 0.1011 0.1356 0.1151 -0.0088 0.0169  -0.0364 27 GLY B N   
609 C CA  . GLY B 27 ? 0.0919 0.1254 0.1218 0.0056  -0.0010 -0.0263 27 GLY B CA  
610 C C   . GLY B 27 ? 0.0708 0.0984 0.0953 0.0052  -0.0122 -0.0246 27 GLY B C   
611 O O   . GLY B 27 ? 0.0702 0.1288 0.1481 0.0001  -0.0214 -0.0221 27 GLY B O   
612 N N   . GLY B 28 ? 0.0790 0.1133 0.1168 -0.0006 -0.0254 -0.0352 28 GLY B N   
613 C CA  . GLY B 28 ? 0.0405 0.1114 0.1099 0.0087  -0.0201 -0.0166 28 GLY B CA  
614 C C   . GLY B 28 ? 0.0414 0.0892 0.0757 0.0063  -0.0185 -0.0067 28 GLY B C   
615 O O   . GLY B 28 ? 0.0536 0.0941 0.0754 0.0075  -0.0306 -0.0083 28 GLY B O   
616 N N   . TRP B 29 ? 0.0524 0.1045 0.0900 0.0068  -0.0153 -0.0219 29 TRP B N   
617 C CA  . TRP B 29 ? 0.0470 0.1031 0.0559 0.0054  -0.0165 -0.0171 29 TRP B CA  
618 C C   . TRP B 29 ? 0.0508 0.0860 0.0531 -0.0021 -0.0234 -0.0053 29 TRP B C   
619 O O   . TRP B 29 ? 0.0526 0.0890 0.0457 -0.0085 -0.0234 0.0096  29 TRP B O   
620 C CB  . TRP B 29 ? 0.0885 0.1220 0.0604 0.0037  -0.0123 -0.0274 29 TRP B CB  
621 C CG  . TRP B 29 ? 0.0761 0.1307 0.0600 -0.0112 0.0159  -0.0112 29 TRP B CG  
622 C CD1 . TRP B 29 ? 0.0789 0.1531 0.0497 -0.0335 -0.0006 -0.0187 29 TRP B CD1 
623 C CD2 . TRP B 29 ? 0.0772 0.0999 0.0697 -0.0070 -0.0232 0.0187  29 TRP B CD2 
624 N NE1 . TRP B 29 ? 0.0753 0.1633 0.0921 -0.0185 -0.0040 -0.0092 29 TRP B NE1 
625 C CE2 . TRP B 29 ? 0.0840 0.1378 0.0698 -0.0130 0.0029  -0.0065 29 TRP B CE2 
626 C CE3 . TRP B 29 ? 0.0747 0.1217 0.0681 0.0083  -0.0089 -0.0047 29 TRP B CE3 
627 C CZ2 . TRP B 29 ? 0.1019 0.1278 0.0897 -0.0142 0.0093  0.0012  29 TRP B CZ2 
628 C CZ3 . TRP B 29 ? 0.0955 0.0948 0.0947 -0.0114 0.0038  0.0022  29 TRP B CZ3 
629 C CH2 . TRP B 29 ? 0.1021 0.1308 0.1080 -0.0119 -0.0320 0.0271  29 TRP B CH2 
630 N N   . LEU B 30 ? 0.0512 0.0722 0.0351 0.0031  -0.0048 0.0058  30 LEU B N   
631 C CA  . LEU B 30 ? 0.0685 0.0891 0.0726 -0.0003 -0.0164 0.0095  30 LEU B CA  
632 C C   . LEU B 30 ? 0.0520 0.0764 0.0585 -0.0021 -0.0163 -0.0064 30 LEU B C   
633 O O   . LEU B 30 ? 0.0636 0.0766 0.0424 -0.0056 -0.0132 0.0067  30 LEU B O   
634 C CB  . LEU B 30 ? 0.0647 0.0935 0.0780 0.0017  -0.0135 0.0174  30 LEU B CB  
635 C CG  . LEU B 30 ? 0.1255 0.1023 0.1060 0.0053  -0.0046 0.0010  30 LEU B CG  
636 C CD1 . LEU B 30 ? 0.0908 0.1145 0.1141 0.0530  -0.0111 0.0172  30 LEU B CD1 
637 C CD2 . LEU B 30 ? 0.1803 0.1643 0.1241 -0.0039 0.0682  0.0183  30 LEU B CD2 
638 N N   . THR B 31 ? 0.0542 0.0765 0.0675 0.0025  -0.0150 0.0043  31 THR B N   
639 C CA  . THR B 31 ? 0.0363 0.0753 0.0616 0.0074  -0.0074 0.0028  31 THR B CA  
640 C C   . THR B 31 ? 0.0517 0.0622 0.0538 0.0080  -0.0217 0.0041  31 THR B C   
641 O O   . THR B 31 ? 0.0550 0.0670 0.0525 0.0148  -0.0265 -0.0024 31 THR B O   
642 C CB  . THR B 31 ? 0.0609 0.0878 0.0788 0.0098  -0.0235 0.0044  31 THR B CB  
643 O OG1 . THR B 31 ? 0.0791 0.0832 0.1093 0.0218  -0.0279 -0.0086 31 THR B OG1 
644 C CG2 . THR B 31 ? 0.0526 0.0518 0.0680 -0.0030 0.0002  0.0046  31 THR B CG2 
645 N N   A ARG B 32 ? 0.0581 0.0740 0.0587 0.0066  -0.0012 -0.0056 32 ARG B N   
646 N N   B ARG B 32 ? 0.0570 0.0707 0.0580 0.0068  -0.0010 -0.0037 32 ARG B N   
647 C CA  A ARG B 32 ? 0.0653 0.0679 0.0575 0.0043  0.0054  -0.0011 32 ARG B CA  
648 C CA  B ARG B 32 ? 0.0632 0.0645 0.0542 0.0030  0.0046  0.0006  32 ARG B CA  
649 C C   A ARG B 32 ? 0.0591 0.0804 0.0519 0.0002  0.0033  0.0082  32 ARG B C   
650 C C   B ARG B 32 ? 0.0581 0.0786 0.0515 -0.0003 0.0032  0.0092  32 ARG B C   
651 O O   A ARG B 32 ? 0.0667 0.0940 0.0598 -0.0001 0.0119  0.0087  32 ARG B O   
652 O O   B ARG B 32 ? 0.0720 0.0934 0.0623 -0.0010 0.0118  0.0096  32 ARG B O   
653 C CB  A ARG B 32 ? 0.0599 0.0716 0.0491 0.0135  0.0116  -0.0056 32 ARG B CB  
654 C CB  B ARG B 32 ? 0.0565 0.0623 0.0507 0.0116  0.0091  0.0004  32 ARG B CB  
655 C CG  A ARG B 32 ? 0.0672 0.0486 0.0579 -0.0069 0.0119  0.0037  32 ARG B CG  
656 C CG  B ARG B 32 ? 0.0611 0.0343 0.0322 -0.0131 -0.0051 -0.0033 32 ARG B CG  
657 C CD  A ARG B 32 ? 0.0280 0.0372 0.0328 -0.0056 0.0044  -0.0095 32 ARG B CD  
658 C CD  B ARG B 32 ? 0.1344 0.1139 0.0979 -0.0074 -0.0081 0.0143  32 ARG B CD  
659 N NE  A ARG B 32 ? 0.0438 0.0369 0.0484 -0.0145 0.0034  -0.0055 32 ARG B NE  
660 N NE  B ARG B 32 ? 0.2055 0.1918 0.1824 -0.0156 0.0204  -0.0087 32 ARG B NE  
661 C CZ  A ARG B 32 ? 0.0682 0.0440 0.0748 -0.0147 0.0190  0.0172  32 ARG B CZ  
662 C CZ  B ARG B 32 ? 0.1829 0.1849 0.1558 -0.0086 0.0115  -0.0053 32 ARG B CZ  
663 N NH1 A ARG B 32 ? 0.0257 0.1038 0.0852 -0.0060 -0.0053 0.0685  32 ARG B NH1 
664 N NH1 B ARG B 32 ? 0.1750 0.1981 0.1888 0.0008  0.0071  -0.0249 32 ARG B NH1 
665 N NH2 A ARG B 32 ? 0.0546 0.0866 0.0963 -0.0297 -0.0029 0.0135  32 ARG B NH2 
666 N NH2 B ARG B 32 ? 0.1773 0.1952 0.1422 -0.0197 -0.0034 -0.0073 32 ARG B NH2 
667 N N   . LEU B 33 ? 0.0469 0.0617 0.0332 0.0024  0.0010  0.0077  33 LEU B N   
668 C CA  . LEU B 33 ? 0.0559 0.0673 0.0575 0.0000  0.0073  0.0001  33 LEU B CA  
669 C C   . LEU B 33 ? 0.0753 0.0683 0.0637 -0.0058 0.0092  -0.0010 33 LEU B C   
670 O O   . LEU B 33 ? 0.0605 0.0779 0.0687 -0.0171 0.0206  0.0020  33 LEU B O   
671 C CB  . LEU B 33 ? 0.0519 0.0769 0.0629 -0.0028 -0.0063 0.0096  33 LEU B CB  
672 C CG  . LEU B 33 ? 0.0545 0.0485 0.0739 0.0101  0.0034  0.0169  33 LEU B CG  
673 C CD1 . LEU B 33 ? 0.0700 0.0777 0.1008 0.0002  -0.0119 -0.0021 33 LEU B CD1 
674 C CD2 . LEU B 33 ? 0.1089 0.0916 0.0709 0.0045  0.0003  0.0161  33 LEU B CD2 
675 N N   . LEU B 34 ? 0.0508 0.0642 0.0636 0.0000  0.0031  -0.0050 34 LEU B N   
676 C CA  . LEU B 34 ? 0.0625 0.0646 0.0509 -0.0139 0.0126  -0.0125 34 LEU B CA  
677 C C   . LEU B 34 ? 0.0828 0.0818 0.0727 0.0056  0.0136  -0.0006 34 LEU B C   
678 O O   . LEU B 34 ? 0.1071 0.0861 0.0758 0.0075  0.0314  0.0006  34 LEU B O   
679 C CB  . LEU B 34 ? 0.0529 0.0729 0.0589 -0.0169 0.0086  -0.0010 34 LEU B CB  
680 C CG  . LEU B 34 ? 0.0556 0.0906 0.0640 -0.0192 -0.0039 0.0165  34 LEU B CG  
681 C CD1 . LEU B 34 ? 0.0541 0.1062 0.0372 -0.0411 0.0167  -0.0169 34 LEU B CD1 
682 C CD2 . LEU B 34 ? 0.0548 0.0636 0.0585 -0.0251 0.0009  0.0229  34 LEU B CD2 
683 N N   . GLN B 35 ? 0.0849 0.0994 0.0517 0.0059  0.0231  0.0107  35 GLN B N   
684 C CA  . GLN B 35 ? 0.1024 0.0850 0.0741 0.0051  0.0094  0.0137  35 GLN B CA  
685 C C   . GLN B 35 ? 0.1065 0.1015 0.0811 -0.0018 0.0093  -0.0020 35 GLN B C   
686 O O   . GLN B 35 ? 0.1038 0.0971 0.0693 -0.0010 0.0142  0.0128  35 GLN B O   
687 C CB  . GLN B 35 ? 0.0932 0.1056 0.0733 0.0091  0.0218  0.0208  35 GLN B CB  
688 C CG  . GLN B 35 ? 0.1444 0.1474 0.1264 -0.0075 0.0143  0.0007  35 GLN B CG  
689 C CD  . GLN B 35 ? 0.1689 0.2009 0.1546 -0.0048 0.0201  0.0097  35 GLN B CD  
690 O OE1 . GLN B 35 ? 0.2041 0.2303 0.2132 0.0016  0.0191  0.0136  35 GLN B OE1 
691 N NE2 . GLN B 35 ? 0.1455 0.2390 0.1139 -0.0189 0.0373  0.0332  35 GLN B NE2 
692 N N   A THR B 36 ? 0.0983 0.0747 0.0766 -0.0078 0.0000  0.0052  36 THR B N   
693 N N   B THR B 36 ? 0.1099 0.0848 0.0854 -0.0085 0.0007  0.0031  36 THR B N   
694 C CA  A THR B 36 ? 0.0894 0.0850 0.0802 -0.0028 0.0029  0.0021  36 THR B CA  
695 C CA  B THR B 36 ? 0.1129 0.1021 0.0981 -0.0083 0.0044  -0.0022 36 THR B CA  
696 C C   A THR B 36 ? 0.0904 0.0835 0.0831 -0.0056 0.0010  0.0071  36 THR B C   
697 C C   B THR B 36 ? 0.1076 0.0934 0.0938 -0.0108 0.0038  -0.0004 36 THR B C   
698 O O   A THR B 36 ? 0.0853 0.0789 0.0914 -0.0130 -0.0042 0.0116  36 THR B O   
699 O O   B THR B 36 ? 0.1136 0.0982 0.1035 -0.0154 0.0074  -0.0053 36 THR B O   
700 C CB  A THR B 36 ? 0.0977 0.0888 0.0940 -0.0065 0.0007  0.0058  36 THR B CB  
701 C CB  B THR B 36 ? 0.1275 0.1075 0.1115 -0.0095 0.0025  0.0017  36 THR B CB  
702 O OG1 A THR B 36 ? 0.1072 0.0860 0.0900 0.0093  0.0043  0.0051  36 THR B OG1 
703 O OG1 B THR B 36 ? 0.1607 0.1259 0.1537 -0.0120 0.0097  0.0024  36 THR B OG1 
704 C CG2 A THR B 36 ? 0.0577 0.0739 0.0655 0.0077  -0.0018 0.0163  36 THR B CG2 
705 C CG2 B THR B 36 ? 0.1344 0.1222 0.0982 -0.0205 -0.0020 0.0026  36 THR B CG2 
706 N N   . LYS B 37 ? 0.0877 0.0738 0.0706 -0.0139 0.0000  0.0114  37 LYS B N   
707 C CA  . LYS B 37 ? 0.0899 0.0818 0.0734 -0.0213 0.0073  0.0105  37 LYS B CA  
708 C C   . LYS B 37 ? 0.0700 0.0876 0.0811 -0.0171 0.0150  0.0125  37 LYS B C   
709 O O   . LYS B 37 ? 0.0801 0.1023 0.0771 -0.0097 0.0136  0.0135  37 LYS B O   
710 C CB  . LYS B 37 ? 0.0997 0.0864 0.0541 -0.0186 0.0204  0.0235  37 LYS B CB  
711 C CG  . LYS B 37 ? 0.0894 0.1204 0.1087 -0.0352 -0.0073 -0.0039 37 LYS B CG  
712 C CD  . LYS B 37 ? 0.1350 0.1277 0.1179 -0.0318 0.0123  0.0056  37 LYS B CD  
713 C CE  . LYS B 37 ? 0.1706 0.1784 0.1594 -0.0429 0.0132  -0.0035 37 LYS B CE  
714 N NZ  . LYS B 37 ? 0.1354 0.2190 0.2075 -0.0252 0.0008  0.0037  37 LYS B NZ  
715 N N   . ASN B 38 ? 0.0535 0.1125 0.0707 -0.0191 0.0191  0.0154  38 ASN B N   
716 C CA  . ASN B 38 ? 0.0551 0.0886 0.0769 -0.0093 0.0166  -0.0014 38 ASN B CA  
717 C C   . ASN B 38 ? 0.0706 0.0744 0.0751 -0.0039 0.0135  0.0013  38 ASN B C   
718 O O   . ASN B 38 ? 0.0692 0.0767 0.0528 -0.0159 0.0259  0.0142  38 ASN B O   
719 C CB  . ASN B 38 ? 0.0668 0.1104 0.0921 -0.0293 0.0286  0.0068  38 ASN B CB  
720 C CG  . ASN B 38 ? 0.0873 0.0848 0.0866 -0.0230 0.0162  0.0039  38 ASN B CG  
721 O OD1 . ASN B 38 ? 0.0901 0.1213 0.1021 -0.0441 0.0122  0.0292  38 ASN B OD1 
722 N ND2 . ASN B 38 ? 0.1008 0.2159 0.1859 -0.0512 -0.0015 0.0061  38 ASN B ND2 
723 N N   . TYR B 39 ? 0.0767 0.0781 0.0734 -0.0139 0.0371  0.0141  39 TYR B N   
724 C CA  . TYR B 39 ? 0.0783 0.0603 0.0759 -0.0009 0.0234  0.0222  39 TYR B CA  
725 C C   . TYR B 39 ? 0.0708 0.0753 0.0748 -0.0053 0.0185  0.0029  39 TYR B C   
726 O O   . TYR B 39 ? 0.0748 0.0711 0.1046 -0.0082 0.0322  0.0242  39 TYR B O   
727 C CB  . TYR B 39 ? 0.0670 0.0863 0.0945 -0.0041 0.0348  0.0241  39 TYR B CB  
728 C CG  . TYR B 39 ? 0.1003 0.1399 0.1343 -0.0103 -0.0079 0.0241  39 TYR B CG  
729 C CD1 . TYR B 39 ? 0.1051 0.1504 0.1319 0.0172  -0.0175 -0.0065 39 TYR B CD1 
730 C CD2 . TYR B 39 ? 0.1328 0.2148 0.2219 0.0076  0.0081  0.0727  39 TYR B CD2 
731 C CE1 . TYR B 39 ? 0.1153 0.1997 0.1592 0.0205  -0.0096 -0.0135 39 TYR B CE1 
732 C CE2 . TYR B 39 ? 0.1485 0.1831 0.2353 0.0316  0.0107  0.0468  39 TYR B CE2 
733 C CZ  . TYR B 39 ? 0.1763 0.1687 0.2340 0.0533  0.0112  0.0310  39 TYR B CZ  
734 O OH  . TYR B 39 ? 0.1363 0.2115 0.3198 0.0416  -0.0046 0.0586  39 TYR B OH  
735 N N   A ASP B 40 ? 0.0731 0.0663 0.0692 -0.0056 0.0157  0.0094  40 ASP B N   
736 N N   B ASP B 40 ? 0.0789 0.0708 0.0723 -0.0078 0.0156  0.0096  40 ASP B N   
737 C CA  A ASP B 40 ? 0.0796 0.0857 0.0864 -0.0048 0.0075  0.0082  40 ASP B CA  
738 C CA  B ASP B 40 ? 0.0910 0.0967 0.0928 -0.0061 0.0070  0.0098  40 ASP B CA  
739 C C   A ASP B 40 ? 0.0950 0.0781 0.0819 -0.0041 -0.0013 0.0009  40 ASP B C   
740 C C   B ASP B 40 ? 0.0999 0.0837 0.0857 -0.0049 -0.0016 0.0017  40 ASP B C   
741 O O   A ASP B 40 ? 0.1098 0.0860 0.0882 -0.0003 -0.0014 -0.0083 40 ASP B O   
742 O O   B ASP B 40 ? 0.1117 0.0898 0.0921 0.0000  -0.0024 -0.0071 40 ASP B O   
743 C CB  A ASP B 40 ? 0.0676 0.0997 0.1030 0.0004  0.0058  0.0105  40 ASP B CB  
744 C CB  B ASP B 40 ? 0.0884 0.1200 0.1101 -0.0056 0.0056  0.0105  40 ASP B CB  
745 C CG  A ASP B 40 ? 0.0836 0.1039 0.1131 0.0104  0.0083  0.0010  40 ASP B CG  
746 C CG  B ASP B 40 ? 0.1338 0.1409 0.1469 0.0029  0.0061  0.0127  40 ASP B CG  
747 O OD1 A ASP B 40 ? 0.1344 0.1267 0.1572 0.0114  0.0297  0.0113  40 ASP B OD1 
748 O OD1 B ASP B 40 ? 0.2114 0.1805 0.2104 -0.0199 0.0112  -0.0007 40 ASP B OD1 
749 O OD2 A ASP B 40 ? 0.0938 0.1628 0.0815 0.0077  0.0374  0.0076  40 ASP B OD2 
750 O OD2 B ASP B 40 ? 0.2048 0.1981 0.1417 -0.0232 0.0281  -0.0404 40 ASP B OD2 
751 N N   . ILE B 41 ? 0.0888 0.0938 0.0903 -0.0019 -0.0010 0.0058  41 ILE B N   
752 C CA  . ILE B 41 ? 0.0873 0.0862 0.0900 -0.0067 0.0025  0.0026  41 ILE B CA  
753 C C   . ILE B 41 ? 0.0833 0.0837 0.0884 0.0116  0.0038  -0.0020 41 ILE B C   
754 O O   . ILE B 41 ? 0.0944 0.0937 0.0899 0.0049  -0.0005 -0.0092 41 ILE B O   
755 C CB  . ILE B 41 ? 0.0859 0.0832 0.0869 -0.0164 -0.0100 0.0136  41 ILE B CB  
756 C CG1 . ILE B 41 ? 0.0549 0.1120 0.1155 -0.0018 -0.0017 0.0055  41 ILE B CG1 
757 C CG2 . ILE B 41 ? 0.1081 0.1303 0.0889 -0.0194 0.0037  -0.0023 41 ILE B CG2 
758 C CD1 . ILE B 41 ? 0.0584 0.1020 0.1278 0.0050  0.0217  0.0062  41 ILE B CD1 
759 N N   . GLY B 42 ? 0.0621 0.0881 0.0951 -0.0010 0.0008  -0.0035 42 GLY B N   
760 C CA  . GLY B 42 ? 0.0696 0.0905 0.0956 0.0029  -0.0053 -0.0140 42 GLY B CA  
761 C C   . GLY B 42 ? 0.0674 0.0975 0.0834 0.0023  0.0082  -0.0042 42 GLY B C   
762 O O   . GLY B 42 ? 0.0766 0.1039 0.0997 0.0025  -0.0123 -0.0085 42 GLY B O   
763 N N   . ALA B 43 ? 0.0941 0.0827 0.1004 -0.0062 0.0030  0.0088  43 ALA B N   
764 C CA  . ALA B 43 ? 0.0825 0.0806 0.1050 -0.0087 0.0096  0.0068  43 ALA B CA  
765 C C   . ALA B 43 ? 0.0895 0.0918 0.0972 -0.0105 0.0091  0.0003  43 ALA B C   
766 O O   . ALA B 43 ? 0.1053 0.0949 0.1101 -0.0208 -0.0014 -0.0061 43 ALA B O   
767 C CB  . ALA B 43 ? 0.0968 0.0984 0.0916 -0.0125 0.0183  0.0007  43 ALA B CB  
768 N N   . ALA B 44 ? 0.0882 0.0910 0.1000 -0.0009 -0.0021 0.0061  44 ALA B N   
769 C CA  . ALA B 44 ? 0.0931 0.1076 0.0959 0.0002  -0.0065 -0.0109 44 ALA B CA  
770 C C   . ALA B 44 ? 0.0768 0.0906 0.0955 0.0029  0.0056  -0.0020 44 ALA B C   
771 O O   . ALA B 44 ? 0.0786 0.0944 0.1050 -0.0012 -0.0092 -0.0131 44 ALA B O   
772 C CB  . ALA B 44 ? 0.0785 0.1023 0.1001 -0.0269 -0.0019 -0.0025 44 ALA B CB  
773 N N   . LEU B 45 ? 0.0972 0.0941 0.0994 0.0014  0.0024  0.0026  45 LEU B N   
774 C CA  . LEU B 45 ? 0.0944 0.0843 0.1080 -0.0037 -0.0024 0.0054  45 LEU B CA  
775 C C   . LEU B 45 ? 0.1012 0.1101 0.1109 -0.0007 0.0023  -0.0008 45 LEU B C   
776 O O   . LEU B 45 ? 0.1162 0.0982 0.1094 -0.0085 -0.0074 -0.0057 45 LEU B O   
777 C CB  . LEU B 45 ? 0.0768 0.0762 0.1186 -0.0042 -0.0138 -0.0081 45 LEU B CB  
778 C CG  . LEU B 45 ? 0.0933 0.0859 0.1155 -0.0056 0.0000  0.0047  45 LEU B CG  
779 C CD1 . LEU B 45 ? 0.1066 0.0704 0.1307 0.0201  -0.0099 0.0003  45 LEU B CD1 
780 C CD2 . LEU B 45 ? 0.1138 0.0897 0.1255 0.0024  0.0147  0.0064  45 LEU B CD2 
781 N N   A ASP B 46 ? 0.1047 0.1054 0.1168 -0.0048 -0.0026 -0.0016 46 ASP B N   
782 N N   B ASP B 46 ? 0.1152 0.1169 0.1254 -0.0038 -0.0028 0.0001  46 ASP B N   
783 C CA  A ASP B 46 ? 0.1152 0.1172 0.1242 -0.0049 -0.0026 -0.0037 46 ASP B CA  
784 C CA  B ASP B 46 ? 0.1359 0.1377 0.1418 -0.0051 -0.0050 -0.0036 46 ASP B CA  
785 C C   A ASP B 46 ? 0.1190 0.1246 0.1278 0.0001  -0.0051 -0.0006 46 ASP B C   
786 C C   B ASP B 46 ? 0.1300 0.1381 0.1386 0.0011  -0.0061 -0.0008 46 ASP B C   
787 O O   A ASP B 46 ? 0.1296 0.1438 0.1267 -0.0032 -0.0057 0.0006  46 ASP B O   
788 O O   B ASP B 46 ? 0.1348 0.1523 0.1376 -0.0039 -0.0055 -0.0042 46 ASP B O   
789 C CB  A ASP B 46 ? 0.1261 0.1088 0.1362 -0.0004 0.0044  -0.0009 46 ASP B CB  
790 C CB  B ASP B 46 ? 0.1566 0.1472 0.1581 0.0009  0.0017  0.0033  46 ASP B CB  
791 C CG  A ASP B 46 ? 0.1144 0.1214 0.1357 -0.0033 0.0048  -0.0069 46 ASP B CG  
792 C CG  B ASP B 46 ? 0.2149 0.2042 0.2044 -0.0146 -0.0113 -0.0096 46 ASP B CG  
793 O OD1 A ASP B 46 ? 0.1502 0.1583 0.1805 0.0216  -0.0042 0.0134  46 ASP B OD1 
794 O OD1 B ASP B 46 ? 0.2817 0.2709 0.2462 0.0076  -0.0175 0.0068  46 ASP B OD1 
795 O OD2 A ASP B 46 ? 0.1669 0.1646 0.1536 0.0115  0.0172  -0.0083 46 ASP B OD2 
796 O OD2 B ASP B 46 ? 0.2936 0.2741 0.2524 -0.0259 -0.0013 0.0105  46 ASP B OD2 
797 N N   . THR B 47 ? 0.1265 0.1255 0.1372 -0.0013 -0.0064 0.0032  47 THR B N   
798 C CA  . THR B 47 ? 0.1263 0.1301 0.1396 -0.0007 0.0005  -0.0015 47 THR B CA  
799 C C   . THR B 47 ? 0.1057 0.1145 0.1369 -0.0124 0.0019  -0.0034 47 THR B C   
800 O O   . THR B 47 ? 0.1320 0.1289 0.1546 0.0080  0.0020  -0.0100 47 THR B O   
801 C CB  . THR B 47 ? 0.1270 0.1229 0.1361 0.0011  0.0140  0.0076  47 THR B CB  
802 O OG1 . THR B 47 ? 0.1648 0.1757 0.1505 0.0120  0.0184  0.0084  47 THR B OG1 
803 C CG2 . THR B 47 ? 0.1403 0.1013 0.1482 0.0040  -0.0140 -0.0085 47 THR B CG2 
804 N N   . ILE B 48 ? 0.1275 0.1115 0.1507 -0.0026 0.0065  0.0035  48 ILE B N   
805 C CA  . ILE B 48 ? 0.1320 0.1255 0.1303 -0.0016 -0.0022 -0.0082 48 ILE B CA  
806 C C   . ILE B 48 ? 0.1332 0.1316 0.1351 0.0043  0.0046  -0.0030 48 ILE B C   
807 O O   . ILE B 48 ? 0.1616 0.1117 0.1392 -0.0061 -0.0052 0.0001  48 ILE B O   
808 C CB  . ILE B 48 ? 0.1416 0.1226 0.1363 0.0045  -0.0062 -0.0004 48 ILE B CB  
809 C CG1 . ILE B 48 ? 0.1390 0.0939 0.1194 -0.0168 0.0055  -0.0025 48 ILE B CG1 
810 C CG2 . ILE B 48 ? 0.1543 0.1479 0.1462 0.0153  -0.0209 0.0152  48 ILE B CG2 
811 C CD1 . ILE B 48 ? 0.1192 0.1232 0.1390 -0.0351 0.0433  0.0038  48 ILE B CD1 
812 N N   . GLN B 49 ? 0.1415 0.1527 0.1616 0.0132  -0.0094 0.0035  49 GLN B N   
813 C CA  A GLN B 49 ? 0.1513 0.1555 0.1491 0.0015  -0.0152 -0.0028 49 GLN B CA  
814 C CA  B GLN B 49 ? 0.1529 0.1570 0.1506 0.0011  -0.0147 -0.0033 49 GLN B CA  
815 C C   . GLN B 49 ? 0.1588 0.1622 0.1566 0.0038  -0.0099 -0.0030 49 GLN B C   
816 O O   . GLN B 49 ? 0.1727 0.1757 0.1648 0.0054  -0.0186 0.0011  49 GLN B O   
817 C CB  A GLN B 49 ? 0.1545 0.1466 0.1550 0.0019  -0.0128 -0.0031 49 GLN B CB  
818 C CB  B GLN B 49 ? 0.1567 0.1505 0.1572 0.0016  -0.0129 -0.0044 49 GLN B CB  
819 C CG  A GLN B 49 ? 0.1498 0.1449 0.1523 0.0028  -0.0158 0.0011  49 GLN B CG  
820 C CG  B GLN B 49 ? 0.1642 0.1556 0.1649 -0.0006 -0.0080 -0.0029 49 GLN B CG  
821 C CD  A GLN B 49 ? 0.1406 0.1431 0.1556 0.0034  -0.0102 -0.0032 49 GLN B CD  
822 C CD  B GLN B 49 ? 0.1557 0.1753 0.1650 -0.0022 -0.0114 -0.0095 49 GLN B CD  
823 O OE1 A GLN B 49 ? 0.1724 0.1549 0.1865 0.0284  -0.0199 0.0298  49 GLN B OE1 
824 O OE1 B GLN B 49 ? 0.1530 0.1991 0.1829 -0.0085 -0.0026 0.0052  49 GLN B OE1 
825 N NE2 A GLN B 49 ? 0.1333 0.1308 0.1700 0.0068  -0.0132 0.0190  49 GLN B NE2 
826 N NE2 B GLN B 49 ? 0.1995 0.2070 0.1981 -0.0083 0.0155  -0.0021 49 GLN B NE2 
827 N N   . TYR B 50 ? 0.1743 0.1766 0.1521 0.0023  -0.0222 -0.0060 50 TYR B N   
828 C CA  . TYR B 50 ? 0.1810 0.1838 0.1838 0.0024  -0.0182 -0.0010 50 TYR B CA  
829 C C   . TYR B 50 ? 0.1952 0.2139 0.2345 0.0075  -0.0048 -0.0134 50 TYR B C   
830 O O   . TYR B 50 ? 0.2429 0.2431 0.2797 0.0129  0.0024  -0.0062 50 TYR B O   
831 C CB  . TYR B 50 ? 0.2153 0.2164 0.1944 -0.0072 -0.0097 -0.0076 50 TYR B CB  
832 C CG  . TYR B 50 ? 0.2078 0.1892 0.1973 0.0058  -0.0240 0.0050  50 TYR B CG  
833 C CD1 . TYR B 50 ? 0.2059 0.2017 0.2179 0.0034  -0.0181 0.0078  50 TYR B CD1 
834 C CD2 . TYR B 50 ? 0.2619 0.2242 0.2135 -0.0099 -0.0135 -0.0042 50 TYR B CD2 
835 C CE1 . TYR B 50 ? 0.2195 0.2456 0.2550 0.0035  0.0054  0.0010  50 TYR B CE1 
836 C CE2 . TYR B 50 ? 0.2538 0.2361 0.2413 -0.0109 0.0070  0.0076  50 TYR B CE2 
837 C CZ  . TYR B 50 ? 0.2464 0.2374 0.2549 -0.0040 -0.0031 -0.0001 50 TYR B CZ  
838 O OH  . TYR B 50 ? 0.2817 0.2680 0.2863 -0.0038 0.0167  0.0158  50 TYR B OH  
839 S S   . SO4 C .  ? 0.2088 0.1698 0.2289 -0.0069 -0.0218 0.0142  54 SO4 A S   
840 O O1  . SO4 C .  ? 0.2531 0.2214 0.2487 -0.0311 -0.0269 -0.0041 54 SO4 A O1  
841 O O2  . SO4 C .  ? 0.2477 0.2402 0.2532 0.0007  -0.0088 0.0058  54 SO4 A O2  
842 O O3  . SO4 C .  ? 0.2137 0.1527 0.2411 0.0001  -0.0197 0.0323  54 SO4 A O3  
843 O O4  . SO4 C .  ? 0.2306 0.2268 0.2786 0.0139  0.0055  0.0064  54 SO4 A O4  
844 O O   . HOH D .  ? 0.1547 0.1379 0.1210 0.0004  0.0014  0.0280  55 HOH A O   
845 O O   . HOH D .  ? 0.3361 0.3244 0.3538 0.0043  0.0359  -0.0255 56 HOH A O   
846 O O   . HOH D .  ? 0.1914 0.1942 0.1813 -0.0352 -0.0263 0.0380  57 HOH A O   
847 O O   . HOH D .  ? 0.3850 0.3645 0.3213 -0.0201 0.0109  -0.0363 58 HOH A O   
848 O O   . HOH D .  ? 0.2730 0.3071 0.2916 0.0141  -0.0434 0.0658  59 HOH A O   
849 O O   . HOH D .  ? 0.3542 0.3149 0.3556 -0.0266 -0.0163 -0.0214 60 HOH A O   
850 O O   . HOH D .  ? 0.2584 0.2964 0.3025 -0.0248 0.0725  0.0224  61 HOH A O   
851 O O   . HOH D .  ? 0.2585 0.2068 0.2426 0.0230  0.0280  -0.0283 62 HOH A O   
852 O O   . HOH D .  ? 0.2607 0.2422 0.3142 -0.0813 0.0052  0.0230  63 HOH A O   
853 O O   . HOH D .  ? 0.5430 0.5368 0.5500 0.0071  -0.0002 -0.0125 64 HOH A O   
854 O O   . HOH D .  ? 0.2820 0.3267 0.3253 -0.0041 0.0176  0.0183  65 HOH A O   
855 O O   . HOH D .  ? 0.2566 0.2074 0.1601 -0.0048 0.0582  -0.0224 66 HOH A O   
856 O O   . HOH D .  ? 0.2173 0.2604 0.2363 0.0046  0.0155  0.0143  67 HOH A O   
857 O O   . HOH D .  ? 0.3578 0.2180 0.2710 -0.0351 -0.0003 -0.0713 68 HOH A O   
858 O O   . HOH D .  ? 0.4465 0.4458 0.4508 0.0120  -0.0012 0.0005  69 HOH A O   
859 O O   . HOH D .  ? 0.4052 0.4195 0.4312 -0.0213 0.0179  -0.0061 70 HOH A O   
860 O O   . HOH D .  ? 0.4106 0.3834 0.3678 0.0176  0.0074  -0.0141 71 HOH A O   
861 O O   . HOH D .  ? 0.4851 0.5202 0.5121 -0.0082 0.0018  -0.0073 72 HOH A O   
862 O O   . HOH D .  ? 0.2467 0.2660 0.2576 0.0450  0.0424  0.0009  73 HOH A O   
863 O O   . HOH D .  ? 0.1920 0.1361 0.3546 -0.0077 -0.0241 -0.0179 74 HOH A O   
864 O O   . HOH D .  ? 0.2460 0.2444 0.2837 -0.0118 0.0087  0.0076  75 HOH A O   
865 O O   . HOH D .  ? 0.3256 0.3255 0.3060 -0.0052 0.0133  0.0373  76 HOH A O   
866 O O   . HOH D .  ? 0.1584 0.2246 0.2564 -0.0156 0.0262  0.0053  77 HOH A O   
867 O O   . HOH D .  ? 0.2340 0.2326 0.2420 0.0069  0.0404  -0.0044 78 HOH A O   
868 O O   . HOH D .  ? 0.3836 0.3738 0.3824 0.0007  -0.0180 -0.0035 79 HOH A O   
869 O O   . HOH D .  ? 0.1955 0.1993 0.2992 0.0150  -0.0482 0.0136  80 HOH A O   
870 O O   . HOH D .  ? 0.2970 0.3389 0.3029 -0.0121 -0.0071 0.0230  81 HOH A O   
871 O O   . HOH D .  ? 0.3051 0.3221 0.3111 0.0182  -0.0187 -0.0190 82 HOH A O   
872 O O   . HOH D .  ? 0.3380 0.3264 0.3645 -0.0125 -0.0005 0.0057  83 HOH A O   
873 O O   . HOH D .  ? 0.5078 0.5405 0.5013 0.0035  0.0072  0.0086  84 HOH A O   
874 O O   . HOH D .  ? 0.2644 0.2572 0.2537 -0.0410 0.0082  -0.0431 85 HOH A O   
875 O O   . HOH D .  ? 0.3984 0.3859 0.4223 0.0041  0.0120  0.0072  86 HOH A O   
876 O O   . HOH D .  ? 0.3270 0.3923 0.3731 -0.0352 0.0200  -0.0109 87 HOH A O   
877 O O   . HOH D .  ? 0.3497 0.2969 0.3490 -0.0071 -0.0047 0.0199  88 HOH A O   
878 O O   . HOH D .  ? 0.2580 0.2719 0.3044 -0.0311 0.0472  0.0365  89 HOH A O   
879 O O   . HOH E .  ? 0.2968 0.3563 0.2755 -0.0277 0.0079  0.0064  54 HOH B O   
880 O O   . HOH E .  ? 0.2061 0.2457 0.2533 0.0592  -0.0475 -0.0369 55 HOH B O   
881 O O   . HOH E .  ? 0.0506 0.0580 0.2155 -0.0278 -0.0235 0.0446  56 HOH B O   
882 O O   . HOH E .  ? 0.2364 0.3503 0.3514 -0.0349 0.0064  -0.0180 57 HOH B O   
883 O O   . HOH E .  ? 0.1346 0.0882 0.1577 -0.0453 -0.0789 0.0904  58 HOH B O   
884 O O   . HOH E .  ? 0.1647 0.1431 0.1835 0.0120  -0.0013 -0.0046 59 HOH B O   
885 O O   . HOH E .  ? 0.1264 0.1263 0.1971 -0.0354 0.0086  -0.0016 60 HOH B O   
886 O O   . HOH E .  ? 0.1757 0.2076 0.2211 0.0173  0.0097  -0.0263 61 HOH B O   
887 O O   . HOH E .  ? 0.4152 0.4568 0.4359 0.0080  -0.0188 0.0226  62 HOH B O   
888 O O   . HOH E .  ? 0.4277 0.4647 0.4743 0.0021  -0.0087 0.0137  63 HOH B O   
889 O O   . HOH E .  ? 0.0869 0.1610 0.2013 -0.0678 -0.0142 -0.0251 64 HOH B O   
890 O O   . HOH E .  ? 0.1952 0.1385 0.1240 0.0057  -0.0142 0.0601  65 HOH B O   
891 O O   . HOH E .  ? 0.3928 0.3227 0.3608 -0.0141 -0.0136 0.0173  66 HOH B O   
892 O O   . HOH E .  ? 0.4895 0.4945 0.4943 0.0009  -0.0065 0.0130  67 HOH B O   
893 O O   . HOH E .  ? 0.3749 0.3253 0.3219 0.0187  0.0252  0.0174  68 HOH B O   
894 O O   . HOH E .  ? 0.2935 0.1654 0.1739 0.0117  0.0305  -0.0657 69 HOH B O   
895 O O   . HOH E .  ? 0.2552 0.2500 0.2317 -0.0282 -0.0912 -0.0053 70 HOH B O   
896 O O   . HOH E .  ? 0.2065 0.3020 0.2525 -0.0038 0.0465  0.0179  71 HOH B O   
897 O O   . HOH E .  ? 0.2121 0.2888 0.2512 0.0470  0.0014  -0.0371 72 HOH B O   
898 O O   . HOH E .  ? 0.2548 0.2963 0.2271 -0.0402 0.0176  -0.0214 73 HOH B O   
899 O O   . HOH E .  ? 0.3651 0.3102 0.3763 0.0268  -0.0302 0.0497  74 HOH B O   
900 O O   . HOH E .  ? 0.3793 0.3802 0.3804 -0.0167 0.0296  0.0282  75 HOH B O   
901 O O   . HOH E .  ? 0.3367 0.3626 0.3515 -0.0215 -0.0151 -0.0125 76 HOH B O   
902 O O   . HOH E .  ? 0.2643 0.2607 0.2151 0.0133  -0.0068 -0.0081 77 HOH B O   
903 O O   . HOH E .  ? 0.3014 0.3368 0.2506 0.0067  -0.0072 -0.0136 78 HOH B O   
904 O O   . HOH E .  ? 0.2977 0.2937 0.2512 0.0460  -0.0190 -0.0368 79 HOH B O   
905 O O   . HOH E .  ? 0.3365 0.3421 0.3922 -0.0170 -0.0094 -0.0114 80 HOH B O   
906 O O   . HOH E .  ? 0.2980 0.2971 0.3019 0.0084  -0.0288 -0.0299 81 HOH B O   
907 O O   . HOH E .  ? 0.3273 0.3234 0.3274 0.0008  0.0064  -0.0001 82 HOH B O   
908 O O   . HOH E .  ? 0.3897 0.3666 0.3887 0.0319  0.0133  0.0068  83 HOH B O   
909 O O   . HOH E .  ? 0.4017 0.4028 0.3869 0.0145  0.0159  0.0154  84 HOH B O   
910 O O   . HOH E .  ? 0.1201 0.1701 0.1643 0.0419  0.0097  0.0116  85 HOH B O   
911 O O   . HOH E .  ? 0.3874 0.3229 0.3836 -0.0524 0.0038  0.0025  86 HOH B O   
912 O O   . HOH E .  ? 0.4035 0.3715 0.3899 -0.0186 -0.0152 0.0421  87 HOH B O   
913 O O   . HOH E .  ? 0.1796 0.1816 0.2431 -0.0363 0.0352  -0.0310 88 HOH B O   
914 O O   . HOH E .  ? 0.2828 0.2980 0.3144 -0.0038 0.0196  -0.0236 89 HOH B O   
915 O O   . HOH E .  ? 0.2738 0.3361 0.3180 -0.0189 0.0356  -0.0001 90 HOH B O   
916 O O   . HOH E .  ? 0.2586 0.1895 0.2889 -0.0280 0.0085  -0.0079 91 HOH B O   
917 O O   . HOH E .  ? 0.3740 0.4496 0.4108 0.0318  0.0242  0.0148  92 HOH B O   
918 O O   . HOH E .  ? 0.3595 0.3392 0.3351 -0.0183 0.0135  0.0310  93 HOH B O   
919 O O   . HOH E .  ? 0.2714 0.2861 0.3251 0.0364  -0.0266 -0.0480 94 HOH B O   
920 O O   . HOH E .  ? 0.3443 0.4116 0.3757 0.0133  -0.0053 -0.0006 95 HOH B O   
# 
